data_1X0F
#
_entry.id   1X0F
#
loop_
_entity.id
_entity.type
_entity.pdbx_description
1 polymer "5'-D(P*TP*AP*GP*G)-3'"
2 polymer 'Heterogeneous nuclear ribonucleoprotein D0'
#
loop_
_entity_poly.entity_id
_entity_poly.type
_entity_poly.pdbx_seq_one_letter_code
_entity_poly.pdbx_strand_id
1 'polydeoxyribonucleotide' (DT)(DA)(DG)(DG) B
2 'polypeptide(L)' VKKIFVGGLSPDTPEEKIREYFGGFGEVESIELPMDNKTNKRRGFCFITFKEEEPVKKIMEKKYHNVGLSKCEIKVAMS A
#
loop_
_chem_comp.id
_chem_comp.type
_chem_comp.name
_chem_comp.formula
DA DNA linking 2'-DEOXYADENOSINE-5'-MONOPHOSPHATE 'C10 H14 N5 O6 P'
DG DNA linking 2'-DEOXYGUANOSINE-5'-MONOPHOSPHATE 'C10 H14 N5 O7 P'
DT DNA linking THYMIDINE-5'-MONOPHOSPHATE 'C10 H15 N2 O8 P'
#
# COMPACT_ATOMS: atom_id res chain seq x y z
N VAL B 1 15.34 3.87 -5.28
CA VAL B 1 13.94 3.52 -5.34
C VAL B 1 13.33 3.44 -3.96
N LYS B 2 12.03 3.62 -3.91
CA LYS B 2 11.34 3.51 -2.66
C LYS B 2 9.92 3.03 -2.86
N LYS B 3 9.66 1.82 -2.37
CA LYS B 3 8.34 1.20 -2.47
C LYS B 3 7.97 0.58 -1.15
N ILE B 4 6.69 0.44 -0.94
CA ILE B 4 6.20 -0.17 0.28
C ILE B 4 5.17 -1.22 -0.09
N PHE B 5 5.41 -2.44 0.31
CA PHE B 5 4.50 -3.52 0.00
C PHE B 5 3.50 -3.72 1.13
N VAL B 6 2.25 -3.35 0.85
CA VAL B 6 1.17 -3.48 1.80
C VAL B 6 0.56 -4.88 1.69
N GLY B 7 0.49 -5.58 2.83
CA GLY B 7 0.00 -6.95 2.85
C GLY B 7 -1.29 -7.14 3.61
N GLY B 8 -2.28 -7.74 2.94
CA GLY B 8 -3.56 -8.00 3.56
C GLY B 8 -4.48 -6.79 3.58
N LEU B 9 -5.17 -6.57 2.48
CA LEU B 9 -6.09 -5.45 2.33
C LEU B 9 -7.52 -5.91 2.12
N SER B 10 -8.48 -5.04 2.43
CA SER B 10 -9.90 -5.34 2.28
C SER B 10 -10.19 -6.00 0.94
N PRO B 11 -11.48 -6.27 0.66
CA PRO B 11 -11.92 -6.93 -0.59
C PRO B 11 -11.79 -6.02 -1.82
N ASP B 12 -11.19 -4.85 -1.65
CA ASP B 12 -11.02 -3.92 -2.78
C ASP B 12 -10.76 -2.51 -2.27
N THR B 13 -9.53 -2.27 -1.84
CA THR B 13 -9.14 -0.96 -1.33
C THR B 13 -9.01 0.06 -2.46
N PRO B 14 -9.61 1.23 -2.27
CA PRO B 14 -9.57 2.31 -3.26
C PRO B 14 -8.27 3.10 -3.16
N GLU B 15 -7.45 3.02 -4.21
CA GLU B 15 -6.17 3.74 -4.24
C GLU B 15 -6.34 5.20 -3.82
N GLU B 16 -7.58 5.70 -3.86
CA GLU B 16 -7.88 7.09 -3.51
C GLU B 16 -7.51 7.43 -2.06
N LYS B 17 -7.85 6.56 -1.11
CA LYS B 17 -7.49 6.83 0.29
C LYS B 17 -6.03 6.56 0.44
N ILE B 18 -5.65 5.43 -0.09
CA ILE B 18 -4.27 5.03 -0.10
C ILE B 18 -3.42 6.21 -0.58
N ARG B 19 -4.03 7.04 -1.42
CA ARG B 19 -3.37 8.23 -1.95
C ARG B 19 -3.33 9.32 -0.89
N GLU B 20 -4.35 9.33 -0.03
CA GLU B 20 -4.42 10.34 1.05
C GLU B 20 -3.57 9.89 2.24
N TYR B 21 -3.83 8.69 2.72
CA TYR B 21 -3.09 8.13 3.83
C TYR B 21 -1.60 8.24 3.56
N PHE B 22 -1.21 7.71 2.39
CA PHE B 22 0.17 7.72 1.96
C PHE B 22 0.55 9.08 1.39
N GLY B 23 -0.41 9.74 0.77
CA GLY B 23 -0.14 11.07 0.26
C GLY B 23 0.19 11.94 1.45
N GLY B 24 -0.73 11.96 2.40
CA GLY B 24 -0.49 12.70 3.61
C GLY B 24 0.85 12.30 4.20
N PHE B 25 1.27 11.06 3.92
CA PHE B 25 2.56 10.56 4.37
C PHE B 25 3.65 11.46 3.82
N GLY B 26 3.48 11.75 2.53
CA GLY B 26 4.42 12.58 1.81
C GLY B 26 4.08 12.60 0.33
N GLU B 27 5.08 12.41 -0.50
CA GLU B 27 4.86 12.38 -1.94
C GLU B 27 4.73 10.97 -2.45
N VAL B 28 3.50 10.53 -2.60
CA VAL B 28 3.24 9.22 -3.12
C VAL B 28 3.55 9.21 -4.62
N GLU B 29 4.20 8.17 -5.08
CA GLU B 29 4.53 8.04 -6.49
C GLU B 29 3.39 7.34 -7.22
N SER B 30 2.97 6.20 -6.68
CA SER B 30 1.87 5.44 -7.27
C SER B 30 1.33 4.39 -6.31
N ILE B 31 0.10 3.97 -6.58
CA ILE B 31 -0.58 2.95 -5.78
C ILE B 31 -1.19 1.89 -6.68
N GLU B 32 -0.76 0.66 -6.49
CA GLU B 32 -1.25 -0.44 -7.31
C GLU B 32 -1.88 -1.57 -6.48
N LEU B 33 -3.20 -1.62 -6.45
CA LEU B 33 -3.88 -2.70 -5.72
C LEU B 33 -4.27 -3.80 -6.69
N PRO B 34 -3.53 -4.92 -6.68
CA PRO B 34 -3.78 -6.07 -7.57
C PRO B 34 -5.04 -6.85 -7.21
N MET B 35 -5.88 -7.10 -8.21
CA MET B 35 -7.11 -7.85 -8.01
C MET B 35 -7.30 -8.86 -9.14
N ASP B 36 -7.60 -10.11 -8.77
CA ASP B 36 -7.80 -11.16 -9.77
C ASP B 36 -9.27 -11.61 -9.77
N ASN B 37 -9.98 -11.25 -10.83
CA ASN B 37 -11.39 -11.59 -10.96
C ASN B 37 -11.57 -13.01 -11.49
N LYS B 38 -10.49 -13.60 -11.99
CA LYS B 38 -10.56 -14.96 -12.53
C LYS B 38 -10.46 -16.01 -11.44
N THR B 39 -9.50 -15.83 -10.54
CA THR B 39 -9.30 -16.78 -9.44
C THR B 39 -9.36 -16.09 -8.09
N ASN B 40 -9.15 -14.78 -8.08
CA ASN B 40 -9.17 -14.01 -6.83
C ASN B 40 -8.24 -14.63 -5.80
N LYS B 41 -6.96 -14.75 -6.14
CA LYS B 41 -5.98 -15.33 -5.24
C LYS B 41 -6.03 -14.64 -3.88
N ARG B 42 -5.17 -15.07 -2.96
CA ARG B 42 -5.12 -14.49 -1.64
C ARG B 42 -4.07 -13.37 -1.58
N ARG B 43 -3.81 -12.77 -2.73
CA ARG B 43 -2.86 -11.68 -2.78
C ARG B 43 -3.46 -10.46 -2.12
N GLY B 44 -4.81 -10.42 -2.11
CA GLY B 44 -5.56 -9.32 -1.49
C GLY B 44 -4.69 -8.39 -0.69
N PHE B 45 -3.93 -7.58 -1.41
CA PHE B 45 -3.00 -6.65 -0.81
C PHE B 45 -2.72 -5.51 -1.80
N CYS B 46 -1.93 -4.53 -1.39
CA CYS B 46 -1.64 -3.41 -2.29
C CYS B 46 -0.19 -2.94 -2.18
N PHE B 47 0.34 -2.43 -3.28
CA PHE B 47 1.71 -1.91 -3.32
C PHE B 47 1.66 -0.38 -3.41
N ILE B 48 2.63 0.28 -2.80
CA ILE B 48 2.66 1.74 -2.84
C ILE B 48 4.08 2.25 -2.98
N THR B 49 4.30 3.01 -4.05
CA THR B 49 5.60 3.59 -4.32
C THR B 49 5.58 5.05 -3.94
N PHE B 50 6.64 5.55 -3.31
CA PHE B 50 6.69 6.95 -2.93
C PHE B 50 7.78 7.67 -3.72
N LYS B 51 7.41 8.76 -4.38
CA LYS B 51 8.41 9.52 -5.13
C LYS B 51 9.54 9.80 -4.18
N GLU B 52 9.15 10.06 -2.94
CA GLU B 52 10.09 10.32 -1.89
C GLU B 52 10.41 9.03 -1.15
N GLU B 53 11.19 9.10 -0.09
CA GLU B 53 11.55 7.91 0.67
C GLU B 53 11.17 8.02 2.14
N GLU B 54 10.39 9.04 2.49
CA GLU B 54 10.00 9.22 3.88
C GLU B 54 8.83 8.32 4.23
N PRO B 55 7.68 8.45 3.54
CA PRO B 55 6.55 7.57 3.80
C PRO B 55 7.04 6.14 3.80
N VAL B 56 8.04 5.92 2.98
CA VAL B 56 8.65 4.62 2.85
C VAL B 56 9.48 4.29 4.09
N LYS B 57 10.26 5.27 4.53
CA LYS B 57 11.11 5.07 5.69
C LYS B 57 10.26 4.78 6.94
N LYS B 58 9.12 5.46 7.05
CA LYS B 58 8.23 5.24 8.20
C LYS B 58 7.35 4.01 7.99
N ILE B 59 6.71 3.94 6.83
CA ILE B 59 5.83 2.82 6.51
C ILE B 59 6.42 1.49 6.92
N MET B 60 7.64 1.22 6.47
CA MET B 60 8.30 -0.04 6.77
C MET B 60 8.39 -0.26 8.28
N GLU B 61 8.50 0.83 9.03
CA GLU B 61 8.59 0.76 10.48
C GLU B 61 7.24 0.46 11.11
N LYS B 62 6.18 0.74 10.36
CA LYS B 62 4.82 0.50 10.84
C LYS B 62 4.45 -0.97 10.69
N LYS B 63 4.34 -1.66 11.83
CA LYS B 63 3.99 -3.07 11.83
C LYS B 63 2.78 -3.33 10.94
N TYR B 64 1.75 -2.51 11.11
CA TYR B 64 0.53 -2.66 10.31
C TYR B 64 0.02 -1.29 9.87
N HIS B 65 -0.67 -1.28 8.73
CA HIS B 65 -1.22 -0.05 8.18
C HIS B 65 -2.74 -0.09 8.13
N ASN B 66 -3.36 1.08 8.15
CA ASN B 66 -4.82 1.18 8.09
C ASN B 66 -5.23 2.26 7.10
N VAL B 67 -5.71 1.82 5.94
CA VAL B 67 -6.13 2.72 4.89
C VAL B 67 -7.64 2.82 4.81
N GLY B 68 -8.18 3.95 5.26
CA GLY B 68 -9.61 4.15 5.25
C GLY B 68 -10.36 3.01 5.91
N LEU B 69 -10.58 1.96 5.16
CA LEU B 69 -11.29 0.78 5.65
C LEU B 69 -10.33 -0.39 5.77
N SER B 70 -9.44 -0.47 4.78
CA SER B 70 -8.46 -1.55 4.71
C SER B 70 -7.31 -1.35 5.69
N LYS B 71 -6.69 -2.46 6.10
CA LYS B 71 -5.57 -2.45 7.02
C LYS B 71 -4.64 -3.61 6.67
N CYS B 72 -3.48 -3.29 6.08
CA CYS B 72 -2.55 -4.31 5.64
C CYS B 72 -1.12 -4.08 6.16
N GLU B 73 -0.37 -5.17 6.28
CA GLU B 73 1.02 -5.13 6.76
C GLU B 73 1.96 -4.61 5.69
N ILE B 74 2.48 -3.41 5.87
CA ILE B 74 3.37 -2.85 4.87
C ILE B 74 4.85 -3.04 5.17
N LYS B 75 5.48 -3.80 4.31
CA LYS B 75 6.90 -4.08 4.35
C LYS B 75 7.47 -3.59 3.02
N VAL B 76 8.56 -2.82 3.03
CA VAL B 76 9.09 -2.29 1.77
C VAL B 76 8.86 -3.25 0.63
N ALA B 77 8.15 -2.73 -0.35
CA ALA B 77 7.78 -3.45 -1.54
C ALA B 77 8.95 -3.62 -2.50
N MET B 78 8.84 -4.65 -3.31
CA MET B 78 9.86 -4.97 -4.30
C MET B 78 9.21 -5.27 -5.65
N SER B 79 9.65 -4.56 -6.67
CA SER B 79 9.10 -4.75 -8.01
C SER B 79 10.11 -5.43 -8.93
N VAL B 1 15.16 3.88 -5.24
CA VAL B 1 13.80 3.41 -5.28
C VAL B 1 13.17 3.42 -3.92
N LYS B 2 11.84 3.55 -3.92
CA LYS B 2 11.11 3.51 -2.70
C LYS B 2 9.73 2.92 -2.93
N LYS B 3 9.54 1.73 -2.37
CA LYS B 3 8.27 1.03 -2.49
C LYS B 3 7.91 0.40 -1.17
N ILE B 4 6.64 0.35 -0.88
CA ILE B 4 6.16 -0.25 0.33
C ILE B 4 5.14 -1.30 -0.02
N PHE B 5 5.40 -2.53 0.36
CA PHE B 5 4.49 -3.60 0.03
C PHE B 5 3.50 -3.82 1.17
N VAL B 6 2.26 -3.44 0.91
CA VAL B 6 1.18 -3.59 1.85
C VAL B 6 0.55 -4.97 1.69
N GLY B 7 0.53 -5.72 2.78
CA GLY B 7 0.04 -7.08 2.75
C GLY B 7 -1.29 -7.28 3.46
N GLY B 8 -2.26 -7.85 2.74
CA GLY B 8 -3.58 -8.10 3.32
C GLY B 8 -4.47 -6.88 3.31
N LEU B 9 -5.18 -6.67 2.22
CA LEU B 9 -6.07 -5.53 2.08
C LEU B 9 -7.52 -5.97 1.92
N SER B 10 -8.44 -5.08 2.26
CA SER B 10 -9.87 -5.35 2.16
C SER B 10 -10.22 -6.02 0.83
N PRO B 11 -11.50 -6.33 0.61
CA PRO B 11 -11.97 -6.98 -0.62
C PRO B 11 -11.88 -6.08 -1.86
N ASP B 12 -11.31 -4.89 -1.71
CA ASP B 12 -11.17 -3.96 -2.83
C ASP B 12 -10.92 -2.54 -2.34
N THR B 13 -9.69 -2.28 -1.90
CA THR B 13 -9.32 -0.96 -1.41
C THR B 13 -9.25 0.06 -2.52
N PRO B 14 -9.87 1.22 -2.31
CA PRO B 14 -9.86 2.31 -3.29
C PRO B 14 -8.53 3.05 -3.27
N GLU B 15 -7.79 2.98 -4.37
CA GLU B 15 -6.49 3.64 -4.47
C GLU B 15 -6.57 5.12 -4.07
N GLU B 16 -7.77 5.67 -3.97
CA GLU B 16 -7.94 7.08 -3.61
C GLU B 16 -7.54 7.36 -2.15
N LYS B 17 -7.88 6.50 -1.21
CA LYS B 17 -7.51 6.74 0.18
C LYS B 17 -6.03 6.50 0.33
N ILE B 18 -5.56 5.40 -0.20
CA ILE B 18 -4.15 5.10 -0.14
C ILE B 18 -3.37 6.35 -0.55
N ARG B 19 -3.98 7.13 -1.44
CA ARG B 19 -3.37 8.37 -1.93
C ARG B 19 -3.39 9.43 -0.83
N GLU B 20 -4.42 9.41 0.00
CA GLU B 20 -4.54 10.36 1.11
C GLU B 20 -3.72 9.91 2.31
N TYR B 21 -3.94 8.66 2.71
CA TYR B 21 -3.22 8.07 3.83
C TYR B 21 -1.72 8.19 3.59
N PHE B 22 -1.29 7.68 2.45
CA PHE B 22 0.09 7.69 2.06
C PHE B 22 0.47 9.07 1.52
N GLY B 23 -0.49 9.74 0.91
CA GLY B 23 -0.22 11.09 0.45
C GLY B 23 0.08 11.91 1.67
N GLY B 24 -0.88 11.89 2.60
CA GLY B 24 -0.66 12.57 3.85
C GLY B 24 0.69 12.19 4.42
N PHE B 25 1.13 10.96 4.10
CA PHE B 25 2.43 10.47 4.54
C PHE B 25 3.50 11.41 3.99
N GLY B 26 3.30 11.77 2.74
CA GLY B 26 4.20 12.65 2.04
C GLY B 26 3.89 12.66 0.56
N GLU B 27 4.90 12.47 -0.25
CA GLU B 27 4.71 12.42 -1.69
C GLU B 27 4.61 11.00 -2.17
N VAL B 28 3.39 10.57 -2.43
CA VAL B 28 3.16 9.24 -2.93
C VAL B 28 3.49 9.22 -4.42
N GLU B 29 4.04 8.10 -4.86
CA GLU B 29 4.39 7.92 -6.26
C GLU B 29 3.22 7.27 -6.99
N SER B 30 2.78 6.12 -6.48
CA SER B 30 1.66 5.41 -7.08
C SER B 30 1.19 4.25 -6.19
N ILE B 31 -0.10 3.94 -6.30
CA ILE B 31 -0.71 2.85 -5.54
C ILE B 31 -1.23 1.79 -6.49
N GLU B 32 -0.94 0.53 -6.20
CA GLU B 32 -1.36 -0.57 -7.07
C GLU B 32 -2.20 -1.63 -6.35
N LEU B 33 -3.52 -1.59 -6.57
CA LEU B 33 -4.41 -2.58 -5.99
C LEU B 33 -4.68 -3.68 -7.02
N PRO B 34 -4.15 -4.89 -6.80
CA PRO B 34 -4.32 -6.01 -7.71
C PRO B 34 -5.51 -6.89 -7.35
N MET B 35 -6.33 -7.18 -8.34
CA MET B 35 -7.51 -8.01 -8.13
C MET B 35 -7.64 -9.04 -9.24
N ASP B 36 -7.85 -10.30 -8.85
CA ASP B 36 -7.98 -11.39 -9.82
C ASP B 36 -9.38 -11.99 -9.77
N ASN B 37 -10.17 -11.69 -10.78
CA ASN B 37 -11.54 -12.20 -10.86
C ASN B 37 -11.56 -13.62 -11.44
N LYS B 38 -10.43 -14.03 -12.00
CA LYS B 38 -10.32 -15.37 -12.59
C LYS B 38 -9.91 -16.41 -11.56
N THR B 39 -8.88 -16.09 -10.79
CA THR B 39 -8.38 -17.01 -9.77
C THR B 39 -8.67 -16.50 -8.37
N ASN B 40 -8.78 -15.18 -8.24
CA ASN B 40 -9.06 -14.55 -6.94
C ASN B 40 -8.07 -15.04 -5.89
N LYS B 41 -6.79 -15.03 -6.24
CA LYS B 41 -5.75 -15.48 -5.32
C LYS B 41 -5.90 -14.80 -3.96
N ARG B 42 -4.98 -15.11 -3.04
CA ARG B 42 -5.01 -14.53 -1.72
C ARG B 42 -3.98 -13.41 -1.62
N ARG B 43 -3.62 -12.87 -2.77
CA ARG B 43 -2.66 -11.77 -2.83
C ARG B 43 -3.33 -10.52 -2.29
N GLY B 44 -4.67 -10.51 -2.31
CA GLY B 44 -5.45 -9.38 -1.82
C GLY B 44 -4.64 -8.45 -0.95
N PHE B 45 -3.87 -7.60 -1.63
CA PHE B 45 -2.99 -6.66 -0.98
C PHE B 45 -2.68 -5.50 -1.92
N CYS B 46 -1.93 -4.51 -1.45
CA CYS B 46 -1.61 -3.38 -2.30
C CYS B 46 -0.14 -2.97 -2.20
N PHE B 47 0.38 -2.45 -3.31
CA PHE B 47 1.76 -1.98 -3.37
C PHE B 47 1.75 -0.46 -3.48
N ILE B 48 2.55 0.23 -2.70
CA ILE B 48 2.58 1.68 -2.73
C ILE B 48 3.99 2.22 -2.86
N THR B 49 4.21 2.98 -3.91
CA THR B 49 5.50 3.58 -4.19
C THR B 49 5.46 5.05 -3.81
N PHE B 50 6.51 5.56 -3.19
CA PHE B 50 6.54 6.96 -2.80
C PHE B 50 7.56 7.72 -3.63
N LYS B 51 7.12 8.81 -4.28
CA LYS B 51 8.03 9.62 -5.06
C LYS B 51 9.24 9.86 -4.21
N GLU B 52 8.96 10.08 -2.94
CA GLU B 52 9.96 10.31 -1.94
C GLU B 52 10.34 8.99 -1.29
N GLU B 53 11.04 9.04 -0.17
CA GLU B 53 11.43 7.83 0.52
C GLU B 53 11.10 7.89 2.00
N GLU B 54 10.52 9.00 2.45
CA GLU B 54 10.17 9.15 3.87
C GLU B 54 8.98 8.28 4.26
N PRO B 55 7.81 8.45 3.62
CA PRO B 55 6.66 7.62 3.94
C PRO B 55 7.08 6.19 3.94
N VAL B 56 8.01 5.90 3.07
CA VAL B 56 8.58 4.58 2.94
C VAL B 56 9.41 4.28 4.17
N LYS B 57 10.15 5.30 4.61
CA LYS B 57 11.01 5.18 5.78
C LYS B 57 10.19 4.80 7.01
N LYS B 58 9.07 5.47 7.20
CA LYS B 58 8.20 5.21 8.35
C LYS B 58 7.33 3.98 8.10
N ILE B 59 6.71 3.93 6.93
CA ILE B 59 5.85 2.82 6.57
C ILE B 59 6.49 1.47 6.91
N MET B 60 7.72 1.29 6.48
CA MET B 60 8.44 0.04 6.73
C MET B 60 8.54 -0.25 8.22
N GLU B 61 8.54 0.80 9.03
CA GLU B 61 8.62 0.65 10.47
C GLU B 61 7.24 0.35 11.04
N LYS B 62 6.22 0.70 10.27
CA LYS B 62 4.84 0.48 10.66
C LYS B 62 4.42 -0.96 10.40
N LYS B 63 4.43 -1.78 11.44
CA LYS B 63 4.04 -3.18 11.32
C LYS B 63 2.83 -3.31 10.40
N TYR B 64 1.70 -2.79 10.86
CA TYR B 64 0.46 -2.83 10.08
C TYR B 64 0.01 -1.44 9.66
N HIS B 65 -0.73 -1.37 8.57
CA HIS B 65 -1.23 -0.11 8.06
C HIS B 65 -2.75 -0.16 7.94
N ASN B 66 -3.41 0.99 8.14
CA ASN B 66 -4.86 1.05 8.04
C ASN B 66 -5.30 2.13 7.05
N VAL B 67 -5.74 1.69 5.88
CA VAL B 67 -6.18 2.60 4.84
C VAL B 67 -7.71 2.65 4.76
N GLY B 68 -8.28 3.78 5.18
CA GLY B 68 -9.71 3.94 5.16
C GLY B 68 -10.44 2.75 5.79
N LEU B 69 -10.64 1.72 4.99
CA LEU B 69 -11.31 0.50 5.45
C LEU B 69 -10.33 -0.65 5.53
N SER B 70 -9.43 -0.69 4.55
CA SER B 70 -8.43 -1.75 4.45
C SER B 70 -7.28 -1.55 5.44
N LYS B 71 -6.71 -2.67 5.86
CA LYS B 71 -5.58 -2.67 6.78
C LYS B 71 -4.63 -3.81 6.44
N CYS B 72 -3.47 -3.47 5.88
CA CYS B 72 -2.51 -4.48 5.45
C CYS B 72 -1.10 -4.24 6.01
N GLU B 73 -0.32 -5.31 6.16
CA GLU B 73 1.04 -5.25 6.70
C GLU B 73 2.02 -4.71 5.66
N ILE B 74 2.55 -3.52 5.91
CA ILE B 74 3.46 -2.93 4.94
C ILE B 74 4.94 -3.16 5.22
N LYS B 75 5.54 -3.93 4.33
CA LYS B 75 6.96 -4.23 4.35
C LYS B 75 7.51 -3.71 3.03
N VAL B 76 8.59 -2.93 3.04
CA VAL B 76 9.09 -2.37 1.78
C VAL B 76 8.87 -3.31 0.62
N ALA B 77 8.15 -2.78 -0.34
CA ALA B 77 7.76 -3.49 -1.53
C ALA B 77 8.91 -3.62 -2.52
N MET B 78 8.83 -4.65 -3.35
CA MET B 78 9.84 -4.92 -4.35
C MET B 78 9.17 -5.15 -5.71
N SER B 79 9.48 -4.29 -6.66
CA SER B 79 8.92 -4.38 -7.99
C SER B 79 9.99 -4.80 -8.99
N VAL B 1 15.03 4.10 -5.47
CA VAL B 1 13.68 3.60 -5.53
C VAL B 1 13.05 3.55 -4.16
N LYS B 2 11.73 3.58 -4.15
CA LYS B 2 11.02 3.47 -2.90
C LYS B 2 9.63 2.90 -3.10
N LYS B 3 9.44 1.69 -2.58
CA LYS B 3 8.15 1.01 -2.67
C LYS B 3 7.79 0.41 -1.32
N ILE B 4 6.51 0.26 -1.09
CA ILE B 4 6.02 -0.34 0.13
C ILE B 4 4.98 -1.37 -0.23
N PHE B 5 5.22 -2.60 0.16
CA PHE B 5 4.30 -3.66 -0.14
C PHE B 5 3.31 -3.84 1.01
N VAL B 6 2.06 -3.47 0.76
CA VAL B 6 1.00 -3.56 1.74
C VAL B 6 0.35 -4.94 1.67
N GLY B 7 0.20 -5.59 2.82
CA GLY B 7 -0.37 -6.94 2.87
C GLY B 7 -1.88 -6.98 2.89
N GLY B 8 -2.40 -7.99 3.60
CA GLY B 8 -3.85 -8.20 3.72
C GLY B 8 -4.67 -6.92 3.81
N LEU B 9 -5.31 -6.57 2.70
CA LEU B 9 -6.15 -5.39 2.62
C LEU B 9 -7.60 -5.76 2.32
N SER B 10 -8.52 -4.88 2.69
CA SER B 10 -9.95 -5.11 2.46
C SER B 10 -10.21 -5.70 1.07
N PRO B 11 -11.46 -6.09 0.80
CA PRO B 11 -11.85 -6.70 -0.49
C PRO B 11 -11.61 -5.77 -1.68
N ASP B 12 -11.20 -4.52 -1.43
CA ASP B 12 -10.94 -3.58 -2.51
C ASP B 12 -10.66 -2.17 -1.98
N THR B 13 -9.47 -2.01 -1.40
CA THR B 13 -9.06 -0.71 -0.86
C THR B 13 -9.01 0.36 -1.93
N PRO B 14 -9.89 1.37 -1.82
CA PRO B 14 -9.92 2.48 -2.78
C PRO B 14 -8.58 3.19 -2.83
N GLU B 15 -7.89 3.12 -3.97
CA GLU B 15 -6.59 3.74 -4.14
C GLU B 15 -6.63 5.24 -3.78
N GLU B 16 -7.84 5.79 -3.67
CA GLU B 16 -8.01 7.21 -3.32
C GLU B 16 -7.60 7.51 -1.88
N LYS B 17 -7.89 6.61 -0.96
CA LYS B 17 -7.51 6.82 0.45
C LYS B 17 -6.04 6.61 0.58
N ILE B 18 -5.57 5.50 0.05
CA ILE B 18 -4.15 5.22 0.09
C ILE B 18 -3.40 6.46 -0.37
N ARG B 19 -4.03 7.22 -1.26
CA ARG B 19 -3.44 8.46 -1.75
C ARG B 19 -3.40 9.50 -0.64
N GLU B 20 -4.41 9.45 0.23
CA GLU B 20 -4.49 10.38 1.37
C GLU B 20 -3.64 9.88 2.52
N TYR B 21 -3.94 8.68 2.99
CA TYR B 21 -3.20 8.06 4.07
C TYR B 21 -1.71 8.15 3.79
N PHE B 22 -1.34 7.64 2.63
CA PHE B 22 0.03 7.62 2.18
C PHE B 22 0.43 8.99 1.64
N GLY B 23 -0.52 9.71 1.08
CA GLY B 23 -0.22 11.04 0.62
C GLY B 23 0.18 11.84 1.83
N GLY B 24 -0.74 11.89 2.80
CA GLY B 24 -0.43 12.55 4.04
C GLY B 24 0.92 12.09 4.55
N PHE B 25 1.29 10.84 4.21
CA PHE B 25 2.57 10.28 4.59
C PHE B 25 3.67 11.17 4.03
N GLY B 26 3.48 11.52 2.78
CA GLY B 26 4.40 12.36 2.06
C GLY B 26 4.02 12.43 0.60
N GLU B 27 4.98 12.26 -0.27
CA GLU B 27 4.72 12.27 -1.70
C GLU B 27 4.55 10.87 -2.24
N VAL B 28 3.30 10.46 -2.38
CA VAL B 28 3.01 9.16 -2.91
C VAL B 28 3.25 9.19 -4.42
N GLU B 29 3.77 8.10 -4.95
CA GLU B 29 4.04 7.96 -6.37
C GLU B 29 2.86 7.29 -7.05
N SER B 30 2.48 6.12 -6.53
CA SER B 30 1.34 5.38 -7.10
C SER B 30 0.88 4.26 -6.19
N ILE B 31 -0.41 3.93 -6.29
CA ILE B 31 -1.01 2.86 -5.51
C ILE B 31 -1.61 1.82 -6.46
N GLU B 32 -1.19 0.58 -6.31
CA GLU B 32 -1.66 -0.50 -7.19
C GLU B 32 -2.29 -1.66 -6.43
N LEU B 33 -3.62 -1.78 -6.53
CA LEU B 33 -4.32 -2.88 -5.87
C LEU B 33 -4.53 -4.01 -6.88
N PRO B 34 -3.76 -5.11 -6.78
CA PRO B 34 -3.87 -6.25 -7.70
C PRO B 34 -5.13 -7.08 -7.45
N MET B 35 -5.83 -7.41 -8.54
CA MET B 35 -7.05 -8.21 -8.46
C MET B 35 -7.02 -9.32 -9.50
N ASP B 36 -7.32 -10.54 -9.07
CA ASP B 36 -7.32 -11.69 -9.96
C ASP B 36 -8.72 -12.27 -10.14
N ASN B 37 -9.30 -12.03 -11.31
CA ASN B 37 -10.64 -12.54 -11.63
C ASN B 37 -10.59 -13.98 -12.08
N LYS B 38 -9.47 -14.38 -12.69
CA LYS B 38 -9.30 -15.74 -13.20
C LYS B 38 -8.65 -16.65 -12.17
N THR B 39 -7.63 -16.15 -11.49
CA THR B 39 -6.90 -16.94 -10.49
C THR B 39 -7.51 -16.74 -9.10
N ASN B 40 -8.18 -15.62 -8.91
CA ASN B 40 -8.81 -15.31 -7.62
C ASN B 40 -7.93 -15.75 -6.45
N LYS B 41 -6.64 -15.43 -6.52
CA LYS B 41 -5.72 -15.80 -5.46
C LYS B 41 -6.00 -14.99 -4.20
N ARG B 42 -5.42 -15.42 -3.07
CA ARG B 42 -5.62 -14.73 -1.81
C ARG B 42 -4.48 -13.71 -1.60
N ARG B 43 -4.20 -12.96 -2.64
CA ARG B 43 -3.17 -11.94 -2.55
C ARG B 43 -3.69 -10.81 -1.68
N GLY B 44 -5.00 -10.62 -1.77
CA GLY B 44 -5.70 -9.61 -0.98
C GLY B 44 -4.77 -8.61 -0.33
N PHE B 45 -4.03 -7.91 -1.16
CA PHE B 45 -3.07 -6.92 -0.69
C PHE B 45 -2.81 -5.89 -1.79
N CYS B 46 -2.00 -4.88 -1.49
CA CYS B 46 -1.72 -3.84 -2.49
C CYS B 46 -0.30 -3.29 -2.34
N PHE B 47 0.23 -2.78 -3.45
CA PHE B 47 1.57 -2.19 -3.49
C PHE B 47 1.46 -0.67 -3.56
N ILE B 48 2.42 0.03 -2.97
CA ILE B 48 2.42 1.49 -2.97
C ILE B 48 3.82 2.02 -3.18
N THR B 49 3.96 2.95 -4.11
CA THR B 49 5.25 3.55 -4.42
C THR B 49 5.24 5.00 -4.02
N PHE B 50 6.32 5.48 -3.42
CA PHE B 50 6.38 6.89 -3.03
C PHE B 50 7.45 7.60 -3.84
N LYS B 51 7.07 8.71 -4.47
CA LYS B 51 8.04 9.48 -5.23
C LYS B 51 9.24 9.69 -4.35
N GLU B 52 8.93 9.92 -3.08
CA GLU B 52 9.94 10.12 -2.06
C GLU B 52 10.14 8.82 -1.30
N GLU B 53 11.17 8.76 -0.46
CA GLU B 53 11.45 7.56 0.29
C GLU B 53 11.15 7.71 1.78
N GLU B 54 10.37 8.72 2.16
CA GLU B 54 10.04 8.92 3.57
C GLU B 54 8.87 8.04 3.98
N PRO B 55 7.69 8.21 3.39
CA PRO B 55 6.56 7.37 3.72
C PRO B 55 6.99 5.93 3.67
N VAL B 56 7.94 5.69 2.79
CA VAL B 56 8.51 4.38 2.60
C VAL B 56 9.38 4.02 3.79
N LYS B 57 10.22 4.98 4.20
CA LYS B 57 11.11 4.76 5.31
C LYS B 57 10.32 4.52 6.60
N LYS B 58 9.19 5.21 6.75
CA LYS B 58 8.35 5.06 7.94
C LYS B 58 7.46 3.82 7.80
N ILE B 59 6.79 3.71 6.66
CA ILE B 59 5.90 2.59 6.39
C ILE B 59 6.53 1.26 6.74
N MET B 60 7.79 1.08 6.34
CA MET B 60 8.50 -0.16 6.58
C MET B 60 8.75 -0.40 8.07
N GLU B 61 8.68 0.67 8.85
CA GLU B 61 8.90 0.56 10.29
C GLU B 61 7.60 0.27 11.02
N LYS B 62 6.49 0.70 10.42
CA LYS B 62 5.18 0.47 11.01
C LYS B 62 4.71 -0.94 10.71
N LYS B 63 4.72 -1.79 11.73
CA LYS B 63 4.31 -3.18 11.58
C LYS B 63 3.14 -3.31 10.62
N TYR B 64 2.02 -2.69 10.97
CA TYR B 64 0.83 -2.74 10.14
C TYR B 64 0.31 -1.36 9.81
N HIS B 65 -0.65 -1.29 8.89
CA HIS B 65 -1.21 -0.03 8.47
C HIS B 65 -2.74 -0.07 8.51
N ASN B 66 -3.36 1.11 8.62
CA ASN B 66 -4.80 1.20 8.63
C ASN B 66 -5.27 2.33 7.71
N VAL B 67 -5.79 1.93 6.56
CA VAL B 67 -6.26 2.87 5.57
C VAL B 67 -7.77 3.10 5.70
N GLY B 68 -8.33 3.94 4.83
CA GLY B 68 -9.75 4.24 4.87
C GLY B 68 -10.56 3.14 5.50
N LEU B 69 -10.46 1.96 4.93
CA LEU B 69 -11.17 0.79 5.42
C LEU B 69 -10.22 -0.37 5.68
N SER B 70 -9.26 -0.52 4.78
CA SER B 70 -8.29 -1.61 4.85
C SER B 70 -7.18 -1.34 5.85
N LYS B 71 -6.70 -2.42 6.46
CA LYS B 71 -5.59 -2.39 7.41
C LYS B 71 -4.66 -3.56 7.08
N CYS B 72 -3.54 -3.26 6.45
CA CYS B 72 -2.61 -4.29 6.00
C CYS B 72 -1.16 -4.07 6.45
N GLU B 73 -0.43 -5.19 6.55
CA GLU B 73 0.97 -5.18 6.95
C GLU B 73 1.85 -4.69 5.81
N ILE B 74 2.40 -3.50 5.94
CA ILE B 74 3.21 -2.95 4.88
C ILE B 74 4.72 -3.14 5.08
N LYS B 75 5.29 -3.97 4.23
CA LYS B 75 6.73 -4.24 4.22
C LYS B 75 7.27 -3.75 2.89
N VAL B 76 8.37 -2.99 2.88
CA VAL B 76 8.88 -2.46 1.61
C VAL B 76 8.64 -3.43 0.47
N ALA B 77 7.96 -2.92 -0.52
CA ALA B 77 7.58 -3.65 -1.69
C ALA B 77 8.75 -3.85 -2.65
N MET B 78 8.66 -4.91 -3.43
CA MET B 78 9.69 -5.25 -4.40
C MET B 78 9.07 -5.42 -5.79
N SER B 79 9.41 -4.50 -6.69
CA SER B 79 8.87 -4.53 -8.04
C SER B 79 9.93 -4.97 -9.05
N VAL B 1 14.98 4.42 -5.42
CA VAL B 1 13.62 3.92 -5.45
C VAL B 1 13.05 3.78 -4.07
N LYS B 2 11.75 3.83 -3.98
CA LYS B 2 11.09 3.66 -2.71
C LYS B 2 9.71 3.06 -2.91
N LYS B 3 9.55 1.83 -2.44
CA LYS B 3 8.27 1.13 -2.55
C LYS B 3 7.93 0.51 -1.22
N ILE B 4 6.66 0.37 -0.97
CA ILE B 4 6.17 -0.24 0.24
C ILE B 4 5.16 -1.29 -0.13
N PHE B 5 5.42 -2.51 0.23
CA PHE B 5 4.51 -3.58 -0.09
C PHE B 5 3.54 -3.79 1.06
N VAL B 6 2.29 -3.41 0.80
CA VAL B 6 1.23 -3.52 1.77
C VAL B 6 0.61 -4.91 1.73
N GLY B 7 0.54 -5.55 2.89
CA GLY B 7 0.03 -6.91 2.96
C GLY B 7 -1.27 -7.07 3.74
N GLY B 8 -2.23 -7.74 3.13
CA GLY B 8 -3.51 -7.99 3.77
C GLY B 8 -4.44 -6.78 3.77
N LEU B 9 -5.07 -6.55 2.63
CA LEU B 9 -5.99 -5.44 2.46
C LEU B 9 -7.40 -5.94 2.16
N SER B 10 -8.39 -5.10 2.43
CA SER B 10 -9.80 -5.45 2.19
C SER B 10 -9.99 -6.05 0.79
N PRO B 11 -11.25 -6.31 0.41
CA PRO B 11 -11.58 -6.90 -0.90
C PRO B 11 -11.38 -5.96 -2.08
N ASP B 12 -10.95 -4.72 -1.80
CA ASP B 12 -10.72 -3.74 -2.87
C ASP B 12 -10.49 -2.35 -2.29
N THR B 13 -9.31 -2.14 -1.71
CA THR B 13 -8.96 -0.85 -1.13
C THR B 13 -8.85 0.22 -2.21
N PRO B 14 -9.73 1.22 -2.17
CA PRO B 14 -9.71 2.32 -3.13
C PRO B 14 -8.36 3.04 -3.14
N GLU B 15 -7.66 2.96 -4.27
CA GLU B 15 -6.35 3.59 -4.39
C GLU B 15 -6.41 5.08 -4.02
N GLU B 16 -7.62 5.63 -3.95
CA GLU B 16 -7.81 7.05 -3.60
C GLU B 16 -7.45 7.34 -2.15
N LYS B 17 -7.78 6.45 -1.22
CA LYS B 17 -7.47 6.66 0.19
C LYS B 17 -5.98 6.46 0.39
N ILE B 18 -5.50 5.36 -0.14
CA ILE B 18 -4.08 5.07 -0.05
C ILE B 18 -3.31 6.30 -0.47
N ARG B 19 -3.91 7.08 -1.38
CA ARG B 19 -3.29 8.31 -1.86
C ARG B 19 -3.31 9.35 -0.76
N GLU B 20 -4.35 9.31 0.08
CA GLU B 20 -4.48 10.25 1.20
C GLU B 20 -3.66 9.77 2.40
N TYR B 21 -3.94 8.56 2.85
CA TYR B 21 -3.22 7.98 3.98
C TYR B 21 -1.73 8.10 3.76
N PHE B 22 -1.30 7.61 2.60
CA PHE B 22 0.08 7.63 2.21
C PHE B 22 0.46 9.02 1.68
N GLY B 23 -0.52 9.70 1.11
CA GLY B 23 -0.26 11.04 0.65
C GLY B 23 0.08 11.85 1.87
N GLY B 24 -0.84 11.88 2.81
CA GLY B 24 -0.59 12.56 4.05
C GLY B 24 0.76 12.12 4.60
N PHE B 25 1.15 10.89 4.28
CA PHE B 25 2.44 10.35 4.70
C PHE B 25 3.54 11.26 4.16
N GLY B 26 3.34 11.65 2.91
CA GLY B 26 4.26 12.51 2.21
C GLY B 26 3.93 12.55 0.74
N GLU B 27 4.93 12.36 -0.09
CA GLU B 27 4.70 12.35 -1.53
C GLU B 27 4.55 10.94 -2.05
N VAL B 28 3.31 10.54 -2.26
CA VAL B 28 3.03 9.25 -2.79
C VAL B 28 3.26 9.26 -4.30
N GLU B 29 3.85 8.20 -4.81
CA GLU B 29 4.09 8.08 -6.23
C GLU B 29 2.91 7.41 -6.90
N SER B 30 2.58 6.21 -6.43
CA SER B 30 1.46 5.47 -6.98
C SER B 30 1.05 4.29 -6.11
N ILE B 31 -0.24 3.95 -6.17
CA ILE B 31 -0.79 2.83 -5.42
C ILE B 31 -1.37 1.81 -6.38
N GLU B 32 -0.89 0.57 -6.29
CA GLU B 32 -1.33 -0.49 -7.18
C GLU B 32 -1.90 -1.67 -6.40
N LEU B 33 -3.23 -1.78 -6.38
CA LEU B 33 -3.88 -2.89 -5.71
C LEU B 33 -4.21 -3.99 -6.73
N PRO B 34 -3.46 -5.10 -6.69
CA PRO B 34 -3.63 -6.23 -7.62
C PRO B 34 -4.89 -7.05 -7.34
N MET B 35 -5.67 -7.29 -8.39
CA MET B 35 -6.88 -8.08 -8.29
C MET B 35 -6.97 -9.08 -9.44
N ASP B 36 -7.25 -10.34 -9.11
CA ASP B 36 -7.35 -11.38 -10.12
C ASP B 36 -8.79 -11.87 -10.28
N ASN B 37 -9.39 -11.49 -11.40
CA ASN B 37 -10.77 -11.88 -11.69
C ASN B 37 -10.84 -13.29 -12.26
N LYS B 38 -9.67 -13.85 -12.58
CA LYS B 38 -9.60 -15.19 -13.14
C LYS B 38 -9.53 -16.25 -12.05
N THR B 39 -8.58 -16.08 -11.13
CA THR B 39 -8.41 -17.03 -10.03
C THR B 39 -8.63 -16.36 -8.68
N ASN B 40 -8.74 -15.04 -8.69
CA ASN B 40 -8.95 -14.29 -7.45
C ASN B 40 -8.17 -14.92 -6.30
N LYS B 41 -6.84 -14.99 -6.47
CA LYS B 41 -5.98 -15.57 -5.44
C LYS B 41 -6.16 -14.83 -4.11
N ARG B 42 -5.42 -15.26 -3.09
CA ARG B 42 -5.52 -14.63 -1.79
C ARG B 42 -4.35 -13.65 -1.60
N ARG B 43 -4.04 -12.92 -2.65
CA ARG B 43 -2.98 -11.93 -2.56
C ARG B 43 -3.51 -10.78 -1.73
N GLY B 44 -4.82 -10.57 -1.83
CA GLY B 44 -5.52 -9.55 -1.07
C GLY B 44 -4.59 -8.57 -0.40
N PHE B 45 -3.84 -7.83 -1.21
CA PHE B 45 -2.88 -6.86 -0.71
C PHE B 45 -2.62 -5.80 -1.78
N CYS B 46 -1.82 -4.79 -1.47
CA CYS B 46 -1.53 -3.75 -2.45
C CYS B 46 -0.09 -3.21 -2.31
N PHE B 47 0.42 -2.65 -3.40
CA PHE B 47 1.77 -2.08 -3.44
C PHE B 47 1.67 -0.55 -3.50
N ILE B 48 2.59 0.13 -2.83
CA ILE B 48 2.58 1.59 -2.82
C ILE B 48 3.98 2.15 -3.00
N THR B 49 4.12 3.06 -3.94
CA THR B 49 5.39 3.69 -4.24
C THR B 49 5.34 5.15 -3.83
N PHE B 50 6.41 5.66 -3.22
CA PHE B 50 6.44 7.05 -2.80
C PHE B 50 7.44 7.84 -3.64
N LYS B 51 6.99 8.93 -4.24
CA LYS B 51 7.91 9.76 -5.01
C LYS B 51 9.10 10.04 -4.13
N GLU B 52 8.78 10.23 -2.86
CA GLU B 52 9.77 10.48 -1.83
C GLU B 52 10.21 9.16 -1.23
N GLU B 53 10.92 9.20 -0.12
CA GLU B 53 11.38 7.98 0.52
C GLU B 53 11.07 7.97 2.02
N GLU B 54 10.46 9.04 2.53
CA GLU B 54 10.15 9.10 3.95
C GLU B 54 8.98 8.19 4.32
N PRO B 55 7.79 8.37 3.72
CA PRO B 55 6.66 7.49 4.04
C PRO B 55 7.11 6.06 3.96
N VAL B 56 8.06 5.85 3.08
CA VAL B 56 8.64 4.53 2.90
C VAL B 56 9.52 4.20 4.10
N LYS B 57 10.31 5.19 4.50
CA LYS B 57 11.21 5.06 5.63
C LYS B 57 10.44 4.55 6.85
N LYS B 58 9.31 5.20 7.12
CA LYS B 58 8.48 4.85 8.26
C LYS B 58 7.59 3.64 7.97
N ILE B 59 6.86 3.69 6.87
CA ILE B 59 5.96 2.62 6.50
C ILE B 59 6.57 1.25 6.80
N MET B 60 7.79 1.03 6.32
CA MET B 60 8.46 -0.23 6.51
C MET B 60 8.62 -0.55 8.00
N GLU B 61 8.67 0.50 8.83
CA GLU B 61 8.81 0.33 10.26
C GLU B 61 7.46 0.01 10.91
N LYS B 62 6.39 0.49 10.28
CA LYS B 62 5.05 0.25 10.79
C LYS B 62 4.55 -1.13 10.38
N LYS B 63 4.70 -2.09 11.28
CA LYS B 63 4.27 -3.46 11.01
C LYS B 63 2.99 -3.46 10.18
N TYR B 64 1.97 -2.78 10.67
CA TYR B 64 0.69 -2.73 9.97
C TYR B 64 0.24 -1.29 9.74
N HIS B 65 -0.65 -1.13 8.76
CA HIS B 65 -1.17 0.18 8.41
C HIS B 65 -2.70 0.15 8.38
N ASN B 66 -3.33 1.31 8.53
CA ASN B 66 -4.78 1.39 8.50
C ASN B 66 -5.23 2.46 7.50
N VAL B 67 -5.72 2.00 6.36
CA VAL B 67 -6.18 2.87 5.30
C VAL B 67 -7.68 3.09 5.38
N GLY B 68 -8.21 3.98 4.52
CA GLY B 68 -9.64 4.28 4.50
C GLY B 68 -10.47 3.28 5.25
N LEU B 69 -10.34 2.03 4.85
CA LEU B 69 -11.08 0.93 5.47
C LEU B 69 -10.16 -0.25 5.76
N SER B 70 -9.26 -0.50 4.82
CA SER B 70 -8.33 -1.62 4.91
C SER B 70 -7.15 -1.34 5.85
N LYS B 71 -6.62 -2.43 6.41
CA LYS B 71 -5.47 -2.38 7.31
C LYS B 71 -4.52 -3.52 6.95
N CYS B 72 -3.39 -3.20 6.35
CA CYS B 72 -2.45 -4.23 5.88
C CYS B 72 -1.00 -4.02 6.36
N GLU B 73 -0.27 -5.14 6.46
CA GLU B 73 1.14 -5.15 6.88
C GLU B 73 2.04 -4.65 5.78
N ILE B 74 2.58 -3.46 5.94
CA ILE B 74 3.43 -2.90 4.90
C ILE B 74 4.92 -3.11 5.13
N LYS B 75 5.50 -3.94 4.27
CA LYS B 75 6.92 -4.23 4.25
C LYS B 75 7.46 -3.70 2.93
N VAL B 76 8.55 -2.92 2.95
CA VAL B 76 9.05 -2.35 1.68
C VAL B 76 8.81 -3.30 0.52
N ALA B 77 8.13 -2.76 -0.46
CA ALA B 77 7.74 -3.47 -1.65
C ALA B 77 8.92 -3.62 -2.61
N MET B 78 8.86 -4.66 -3.43
CA MET B 78 9.89 -4.94 -4.40
C MET B 78 9.28 -5.13 -5.79
N SER B 79 9.58 -4.21 -6.69
CA SER B 79 9.06 -4.27 -8.05
C SER B 79 10.17 -4.62 -9.04
N VAL B 1 14.79 4.10 -5.69
CA VAL B 1 13.41 3.64 -5.71
C VAL B 1 12.85 3.53 -4.32
N LYS B 2 11.55 3.59 -4.23
CA LYS B 2 10.89 3.45 -2.96
C LYS B 2 9.51 2.83 -3.14
N LYS B 3 9.36 1.61 -2.64
CA LYS B 3 8.10 0.90 -2.73
C LYS B 3 7.77 0.28 -1.39
N ILE B 4 6.51 0.29 -1.07
CA ILE B 4 6.04 -0.29 0.16
C ILE B 4 5.01 -1.34 -0.19
N PHE B 5 5.28 -2.56 0.21
CA PHE B 5 4.38 -3.64 -0.09
C PHE B 5 3.40 -3.81 1.06
N VAL B 6 2.16 -3.45 0.79
CA VAL B 6 1.10 -3.54 1.75
C VAL B 6 0.51 -4.95 1.71
N GLY B 7 0.45 -5.59 2.88
CA GLY B 7 -0.03 -6.96 2.96
C GLY B 7 -1.34 -7.15 3.71
N GLY B 8 -2.21 -7.95 3.12
CA GLY B 8 -3.51 -8.24 3.72
C GLY B 8 -4.39 -7.03 3.84
N LEU B 9 -5.09 -6.72 2.76
CA LEU B 9 -5.96 -5.55 2.71
C LEU B 9 -7.43 -5.94 2.51
N SER B 10 -8.32 -5.03 2.90
CA SER B 10 -9.77 -5.23 2.78
C SER B 10 -10.15 -5.79 1.41
N PRO B 11 -11.46 -5.89 1.13
CA PRO B 11 -11.97 -6.44 -0.12
C PRO B 11 -11.83 -5.47 -1.30
N ASP B 12 -11.10 -4.37 -1.12
CA ASP B 12 -10.90 -3.40 -2.20
C ASP B 12 -10.52 -2.03 -1.64
N THR B 13 -9.26 -1.88 -1.26
CA THR B 13 -8.77 -0.61 -0.74
C THR B 13 -8.73 0.45 -1.83
N PRO B 14 -9.59 1.46 -1.72
CA PRO B 14 -9.65 2.55 -2.70
C PRO B 14 -8.39 3.41 -2.67
N GLU B 15 -7.55 3.27 -3.70
CA GLU B 15 -6.31 4.03 -3.79
C GLU B 15 -6.49 5.49 -3.36
N GLU B 16 -7.74 5.99 -3.40
CA GLU B 16 -8.03 7.37 -3.03
C GLU B 16 -7.62 7.71 -1.59
N LYS B 17 -7.91 6.81 -0.65
CA LYS B 17 -7.52 7.07 0.74
C LYS B 17 -6.06 6.73 0.85
N ILE B 18 -5.73 5.60 0.29
CA ILE B 18 -4.37 5.16 0.25
C ILE B 18 -3.51 6.31 -0.27
N ARG B 19 -4.13 7.15 -1.10
CA ARG B 19 -3.47 8.33 -1.66
C ARG B 19 -3.35 9.40 -0.60
N GLU B 20 -4.33 9.45 0.31
CA GLU B 20 -4.34 10.43 1.40
C GLU B 20 -3.47 9.95 2.56
N TYR B 21 -3.81 8.80 3.09
CA TYR B 21 -3.06 8.22 4.19
C TYR B 21 -1.58 8.25 3.86
N PHE B 22 -1.25 7.73 2.69
CA PHE B 22 0.12 7.69 2.21
C PHE B 22 0.51 9.05 1.64
N GLY B 23 -0.46 9.75 1.08
CA GLY B 23 -0.17 11.08 0.58
C GLY B 23 0.27 11.92 1.75
N GLY B 24 -0.61 12.01 2.74
CA GLY B 24 -0.28 12.72 3.95
C GLY B 24 1.08 12.25 4.46
N PHE B 25 1.42 11.00 4.16
CA PHE B 25 2.70 10.44 4.55
C PHE B 25 3.79 11.31 3.97
N GLY B 26 3.61 11.62 2.70
CA GLY B 26 4.53 12.44 1.96
C GLY B 26 4.13 12.49 0.50
N GLU B 27 5.08 12.29 -0.39
CA GLU B 27 4.79 12.28 -1.81
C GLU B 27 4.60 10.88 -2.32
N VAL B 28 3.35 10.49 -2.46
CA VAL B 28 3.04 9.18 -2.99
C VAL B 28 3.30 9.20 -4.49
N GLU B 29 3.86 8.12 -4.99
CA GLU B 29 4.15 7.98 -6.41
C GLU B 29 2.97 7.32 -7.10
N SER B 30 2.61 6.14 -6.61
CA SER B 30 1.48 5.40 -7.18
C SER B 30 0.97 4.33 -6.23
N ILE B 31 -0.31 4.00 -6.39
CA ILE B 31 -0.96 2.97 -5.58
C ILE B 31 -1.53 1.90 -6.50
N GLU B 32 -1.13 0.66 -6.27
CA GLU B 32 -1.58 -0.44 -7.13
C GLU B 32 -2.27 -1.58 -6.38
N LEU B 33 -3.60 -1.65 -6.49
CA LEU B 33 -4.35 -2.74 -5.88
C LEU B 33 -4.59 -3.82 -6.94
N PRO B 34 -3.88 -4.96 -6.83
CA PRO B 34 -3.98 -6.05 -7.80
C PRO B 34 -5.12 -7.03 -7.51
N MET B 35 -5.86 -7.36 -8.56
CA MET B 35 -6.98 -8.30 -8.47
C MET B 35 -6.94 -9.29 -9.62
N ASP B 36 -7.14 -10.57 -9.32
CA ASP B 36 -7.12 -11.61 -10.34
C ASP B 36 -8.52 -12.19 -10.58
N ASN B 37 -9.10 -11.83 -11.71
CA ASN B 37 -10.44 -12.29 -12.07
C ASN B 37 -10.42 -13.69 -12.67
N LYS B 38 -9.21 -14.21 -12.91
CA LYS B 38 -9.06 -15.54 -13.49
C LYS B 38 -9.03 -16.62 -12.42
N THR B 39 -8.17 -16.44 -11.44
CA THR B 39 -8.03 -17.41 -10.34
C THR B 39 -8.36 -16.77 -9.00
N ASN B 40 -8.26 -15.44 -8.95
CA ASN B 40 -8.55 -14.70 -7.73
C ASN B 40 -7.69 -15.18 -6.56
N LYS B 41 -6.37 -15.15 -6.75
CA LYS B 41 -5.44 -15.58 -5.71
C LYS B 41 -5.74 -14.85 -4.40
N ARG B 42 -5.00 -15.20 -3.35
CA ARG B 42 -5.20 -14.57 -2.06
C ARG B 42 -4.15 -13.49 -1.83
N ARG B 43 -3.83 -12.77 -2.89
CA ARG B 43 -2.86 -11.70 -2.78
C ARG B 43 -3.48 -10.56 -2.00
N GLY B 44 -4.81 -10.46 -2.10
CA GLY B 44 -5.58 -9.45 -1.38
C GLY B 44 -4.72 -8.48 -0.61
N PHE B 45 -3.95 -7.72 -1.37
CA PHE B 45 -3.03 -6.76 -0.80
C PHE B 45 -2.73 -5.68 -1.82
N CYS B 46 -1.96 -4.66 -1.46
CA CYS B 46 -1.65 -3.59 -2.40
C CYS B 46 -0.21 -3.14 -2.31
N PHE B 47 0.26 -2.55 -3.39
CA PHE B 47 1.63 -2.04 -3.46
C PHE B 47 1.60 -0.52 -3.58
N ILE B 48 2.39 0.17 -2.78
CA ILE B 48 2.40 1.63 -2.82
C ILE B 48 3.82 2.17 -3.02
N THR B 49 3.99 2.97 -4.04
CA THR B 49 5.27 3.56 -4.36
C THR B 49 5.25 5.02 -3.98
N PHE B 50 6.34 5.52 -3.38
CA PHE B 50 6.39 6.92 -3.00
C PHE B 50 7.44 7.66 -3.83
N LYS B 51 7.04 8.76 -4.46
CA LYS B 51 7.99 9.53 -5.25
C LYS B 51 9.21 9.76 -4.38
N GLU B 52 8.91 9.99 -3.10
CA GLU B 52 9.93 10.22 -2.10
C GLU B 52 10.30 8.90 -1.44
N GLU B 53 11.03 8.96 -0.35
CA GLU B 53 11.44 7.74 0.35
C GLU B 53 11.16 7.84 1.85
N GLU B 54 10.36 8.83 2.25
CA GLU B 54 10.03 9.00 3.66
C GLU B 54 8.86 8.10 4.04
N PRO B 55 7.70 8.26 3.43
CA PRO B 55 6.57 7.40 3.73
C PRO B 55 7.01 5.96 3.70
N VAL B 56 7.95 5.72 2.81
CA VAL B 56 8.53 4.41 2.65
C VAL B 56 9.42 4.07 3.81
N LYS B 57 10.22 5.03 4.23
CA LYS B 57 11.13 4.81 5.34
C LYS B 57 10.36 4.54 6.63
N LYS B 58 9.22 5.22 6.79
CA LYS B 58 8.39 5.04 7.98
C LYS B 58 7.48 3.82 7.84
N ILE B 59 6.78 3.74 6.72
CA ILE B 59 5.86 2.63 6.44
C ILE B 59 6.46 1.28 6.80
N MET B 60 7.68 1.05 6.34
CA MET B 60 8.35 -0.22 6.58
C MET B 60 8.56 -0.48 8.08
N GLU B 61 8.66 0.60 8.86
CA GLU B 61 8.87 0.47 10.30
C GLU B 61 7.55 0.31 11.04
N LYS B 62 6.45 0.65 10.37
CA LYS B 62 5.13 0.55 10.97
C LYS B 62 4.61 -0.88 10.92
N LYS B 63 4.37 -1.46 12.08
CA LYS B 63 3.86 -2.83 12.16
C LYS B 63 2.77 -3.02 11.10
N TYR B 64 1.56 -2.59 11.43
CA TYR B 64 0.44 -2.70 10.51
C TYR B 64 -0.05 -1.32 10.09
N HIS B 65 -0.71 -1.25 8.95
CA HIS B 65 -1.22 0.02 8.43
C HIS B 65 -2.75 0.04 8.43
N ASN B 66 -3.31 1.23 8.58
CA ASN B 66 -4.76 1.39 8.58
C ASN B 66 -5.19 2.47 7.59
N VAL B 67 -5.75 2.03 6.46
CA VAL B 67 -6.21 2.91 5.42
C VAL B 67 -7.73 2.93 5.33
N GLY B 68 -8.34 4.04 5.72
CA GLY B 68 -9.79 4.15 5.69
C GLY B 68 -10.48 2.92 6.26
N LEU B 69 -10.71 1.93 5.40
CA LEU B 69 -11.35 0.70 5.82
C LEU B 69 -10.34 -0.44 5.88
N SER B 70 -9.44 -0.45 4.91
CA SER B 70 -8.42 -1.48 4.81
C SER B 70 -7.28 -1.26 5.80
N LYS B 71 -6.72 -2.37 6.27
CA LYS B 71 -5.60 -2.37 7.21
C LYS B 71 -4.69 -3.54 6.87
N CYS B 72 -3.54 -3.24 6.28
CA CYS B 72 -2.61 -4.27 5.84
C CYS B 72 -1.18 -4.06 6.35
N GLU B 73 -0.45 -5.17 6.48
CA GLU B 73 0.94 -5.15 6.93
C GLU B 73 1.85 -4.67 5.82
N ILE B 74 2.37 -3.46 5.93
CA ILE B 74 3.21 -2.91 4.88
C ILE B 74 4.70 -3.08 5.14
N LYS B 75 5.32 -3.91 4.29
CA LYS B 75 6.75 -4.16 4.30
C LYS B 75 7.29 -3.68 2.96
N VAL B 76 8.39 -2.92 2.95
CA VAL B 76 8.90 -2.40 1.67
C VAL B 76 8.64 -3.37 0.53
N ALA B 77 7.99 -2.84 -0.47
CA ALA B 77 7.58 -3.56 -1.64
C ALA B 77 8.74 -3.77 -2.61
N MET B 78 8.62 -4.85 -3.37
CA MET B 78 9.61 -5.20 -4.38
C MET B 78 8.94 -5.45 -5.72
N SER B 79 9.23 -4.60 -6.68
CA SER B 79 8.65 -4.72 -8.01
C SER B 79 9.70 -5.18 -9.01
N VAL B 1 14.92 4.00 -5.87
CA VAL B 1 13.53 3.62 -5.77
C VAL B 1 13.05 3.54 -4.35
N LYS B 2 11.75 3.73 -4.19
CA LYS B 2 11.15 3.62 -2.89
C LYS B 2 9.74 3.06 -3.01
N LYS B 3 9.56 1.85 -2.52
CA LYS B 3 8.25 1.20 -2.57
C LYS B 3 7.89 0.66 -1.21
N ILE B 4 6.63 0.38 -1.03
CA ILE B 4 6.14 -0.19 0.18
C ILE B 4 5.12 -1.24 -0.16
N PHE B 5 5.39 -2.46 0.23
CA PHE B 5 4.49 -3.54 -0.08
C PHE B 5 3.50 -3.73 1.05
N VAL B 6 2.26 -3.38 0.76
CA VAL B 6 1.17 -3.49 1.71
C VAL B 6 0.60 -4.90 1.67
N GLY B 7 0.50 -5.51 2.85
CA GLY B 7 0.04 -6.89 2.95
C GLY B 7 -1.25 -7.07 3.72
N GLY B 8 -2.16 -7.85 3.13
CA GLY B 8 -3.43 -8.15 3.76
C GLY B 8 -4.38 -6.97 3.79
N LEU B 9 -5.04 -6.71 2.67
CA LEU B 9 -5.98 -5.62 2.55
C LEU B 9 -7.38 -6.13 2.27
N SER B 10 -8.39 -5.31 2.58
CA SER B 10 -9.79 -5.67 2.37
C SER B 10 -9.99 -6.22 0.96
N PRO B 11 -11.25 -6.48 0.57
CA PRO B 11 -11.58 -7.02 -0.74
C PRO B 11 -11.55 -5.98 -1.85
N ASP B 12 -10.90 -4.84 -1.61
CA ASP B 12 -10.82 -3.78 -2.62
C ASP B 12 -10.49 -2.43 -2.00
N THR B 13 -9.22 -2.23 -1.63
CA THR B 13 -8.81 -0.96 -1.04
C THR B 13 -8.79 0.15 -2.09
N PRO B 14 -9.66 1.15 -1.92
CA PRO B 14 -9.75 2.27 -2.86
C PRO B 14 -8.41 3.01 -2.97
N GLU B 15 -7.75 2.88 -4.12
CA GLU B 15 -6.46 3.54 -4.34
C GLU B 15 -6.55 5.04 -4.00
N GLU B 16 -7.77 5.57 -3.89
CA GLU B 16 -7.97 6.98 -3.56
C GLU B 16 -7.61 7.30 -2.09
N LYS B 17 -7.91 6.38 -1.17
CA LYS B 17 -7.59 6.61 0.23
C LYS B 17 -6.11 6.44 0.42
N ILE B 18 -5.58 5.36 -0.13
CA ILE B 18 -4.16 5.12 -0.05
C ILE B 18 -3.43 6.39 -0.44
N ARG B 19 -4.06 7.17 -1.32
CA ARG B 19 -3.49 8.43 -1.77
C ARG B 19 -3.55 9.46 -0.66
N GLU B 20 -4.58 9.39 0.17
CA GLU B 20 -4.74 10.32 1.28
C GLU B 20 -3.90 9.88 2.49
N TYR B 21 -3.98 8.60 2.80
CA TYR B 21 -3.24 8.01 3.90
C TYR B 21 -1.75 8.12 3.64
N PHE B 22 -1.35 7.63 2.48
CA PHE B 22 0.03 7.65 2.06
C PHE B 22 0.40 9.02 1.51
N GLY B 23 -0.56 9.70 0.92
CA GLY B 23 -0.29 11.03 0.45
C GLY B 23 -0.01 11.86 1.67
N GLY B 24 -0.96 11.82 2.61
CA GLY B 24 -0.76 12.50 3.85
C GLY B 24 0.59 12.12 4.44
N PHE B 25 1.04 10.88 4.11
CA PHE B 25 2.33 10.39 4.55
C PHE B 25 3.40 11.33 4.04
N GLY B 26 3.24 11.67 2.76
CA GLY B 26 4.15 12.56 2.10
C GLY B 26 3.85 12.60 0.60
N GLU B 27 4.87 12.42 -0.20
CA GLU B 27 4.68 12.41 -1.65
C GLU B 27 4.56 11.01 -2.19
N VAL B 28 3.33 10.60 -2.42
CA VAL B 28 3.06 9.29 -2.96
C VAL B 28 3.36 9.32 -4.46
N GLU B 29 3.89 8.22 -4.96
CA GLU B 29 4.19 8.09 -6.38
C GLU B 29 3.02 7.43 -7.09
N SER B 30 2.65 6.24 -6.61
CA SER B 30 1.53 5.51 -7.19
C SER B 30 1.08 4.35 -6.32
N ILE B 31 -0.20 4.03 -6.39
CA ILE B 31 -0.79 2.94 -5.63
C ILE B 31 -1.33 1.88 -6.59
N GLU B 32 -0.91 0.65 -6.41
CA GLU B 32 -1.33 -0.45 -7.29
C GLU B 32 -1.99 -1.59 -6.52
N LEU B 33 -3.32 -1.68 -6.58
CA LEU B 33 -4.04 -2.75 -5.93
C LEU B 33 -4.34 -3.87 -6.93
N PRO B 34 -3.60 -5.00 -6.84
CA PRO B 34 -3.78 -6.13 -7.75
C PRO B 34 -5.03 -6.95 -7.44
N MET B 35 -5.86 -7.16 -8.44
CA MET B 35 -7.09 -7.94 -8.28
C MET B 35 -7.27 -8.93 -9.43
N ASP B 36 -7.56 -10.18 -9.09
CA ASP B 36 -7.76 -11.23 -10.09
C ASP B 36 -9.19 -11.73 -10.07
N ASN B 37 -9.95 -11.35 -11.09
CA ASN B 37 -11.35 -11.76 -11.21
C ASN B 37 -11.48 -13.15 -11.80
N LYS B 38 -10.38 -13.69 -12.32
CA LYS B 38 -10.39 -15.01 -12.92
C LYS B 38 -10.31 -16.11 -11.87
N THR B 39 -9.34 -15.99 -10.97
CA THR B 39 -9.16 -16.96 -9.90
C THR B 39 -9.31 -16.33 -8.53
N ASN B 40 -8.97 -15.04 -8.44
CA ASN B 40 -9.07 -14.33 -7.17
C ASN B 40 -8.15 -14.95 -6.13
N LYS B 41 -6.85 -14.75 -6.31
CA LYS B 41 -5.85 -15.29 -5.39
C LYS B 41 -5.95 -14.65 -4.01
N ARG B 42 -5.15 -15.13 -3.08
CA ARG B 42 -5.15 -14.58 -1.73
C ARG B 42 -4.07 -13.49 -1.58
N ARG B 43 -3.76 -12.86 -2.69
CA ARG B 43 -2.78 -11.78 -2.68
C ARG B 43 -3.39 -10.59 -1.97
N GLY B 44 -4.73 -10.51 -2.05
CA GLY B 44 -5.51 -9.44 -1.40
C GLY B 44 -4.64 -8.49 -0.62
N PHE B 45 -3.85 -7.72 -1.36
CA PHE B 45 -2.92 -6.76 -0.78
C PHE B 45 -2.61 -5.69 -1.82
N CYS B 46 -1.83 -4.68 -1.46
CA CYS B 46 -1.51 -3.62 -2.41
C CYS B 46 -0.06 -3.17 -2.33
N PHE B 47 0.42 -2.61 -3.44
CA PHE B 47 1.78 -2.09 -3.53
C PHE B 47 1.74 -0.58 -3.68
N ILE B 48 2.55 0.14 -2.92
CA ILE B 48 2.56 1.59 -2.98
C ILE B 48 3.97 2.12 -3.18
N THR B 49 4.11 3.04 -4.11
CA THR B 49 5.40 3.66 -4.41
C THR B 49 5.35 5.11 -4.01
N PHE B 50 6.42 5.63 -3.40
CA PHE B 50 6.43 7.03 -2.98
C PHE B 50 7.45 7.82 -3.79
N LYS B 51 7.00 8.91 -4.39
CA LYS B 51 7.93 9.76 -5.15
C LYS B 51 9.10 10.05 -4.24
N GLU B 52 8.75 10.22 -2.98
CA GLU B 52 9.72 10.50 -1.93
C GLU B 52 10.19 9.20 -1.32
N GLU B 53 10.85 9.28 -0.18
CA GLU B 53 11.34 8.08 0.49
C GLU B 53 11.04 8.10 1.99
N GLU B 54 10.24 9.07 2.42
CA GLU B 54 9.89 9.15 3.84
C GLU B 54 8.76 8.19 4.17
N PRO B 55 7.59 8.34 3.54
CA PRO B 55 6.49 7.44 3.81
C PRO B 55 6.98 6.02 3.71
N VAL B 56 7.97 5.85 2.85
CA VAL B 56 8.58 4.55 2.65
C VAL B 56 9.47 4.20 3.82
N LYS B 57 10.28 5.17 4.25
CA LYS B 57 11.17 4.94 5.37
C LYS B 57 10.39 4.61 6.64
N LYS B 58 9.24 5.26 6.79
CA LYS B 58 8.38 5.02 7.95
C LYS B 58 7.51 3.79 7.75
N ILE B 59 6.77 3.76 6.65
CA ILE B 59 5.88 2.65 6.35
C ILE B 59 6.51 1.31 6.68
N MET B 60 7.73 1.10 6.20
CA MET B 60 8.43 -0.15 6.42
C MET B 60 8.64 -0.44 7.91
N GLU B 61 8.65 0.62 8.71
CA GLU B 61 8.85 0.48 10.15
C GLU B 61 7.53 0.25 10.87
N LYS B 62 6.43 0.57 10.19
CA LYS B 62 5.11 0.39 10.78
C LYS B 62 4.65 -1.06 10.71
N LYS B 63 4.32 -1.62 11.87
CA LYS B 63 3.85 -2.99 11.93
C LYS B 63 2.73 -3.19 10.92
N TYR B 64 1.55 -2.68 11.25
CA TYR B 64 0.39 -2.79 10.37
C TYR B 64 -0.13 -1.41 9.99
N HIS B 65 -0.62 -1.29 8.76
CA HIS B 65 -1.16 -0.02 8.26
C HIS B 65 -2.68 -0.05 8.22
N ASN B 66 -3.30 1.11 8.37
CA ASN B 66 -4.76 1.21 8.34
C ASN B 66 -5.19 2.31 7.38
N VAL B 67 -5.68 1.91 6.21
CA VAL B 67 -6.12 2.83 5.19
C VAL B 67 -7.62 3.04 5.28
N GLY B 68 -8.13 4.03 4.52
CA GLY B 68 -9.56 4.35 4.52
C GLY B 68 -10.40 3.35 5.29
N LEU B 69 -10.43 2.12 4.79
CA LEU B 69 -11.20 1.05 5.40
C LEU B 69 -10.32 -0.15 5.68
N SER B 70 -9.42 -0.42 4.74
CA SER B 70 -8.52 -1.57 4.81
C SER B 70 -7.35 -1.33 5.77
N LYS B 71 -6.77 -2.43 6.25
CA LYS B 71 -5.63 -2.40 7.16
C LYS B 71 -4.68 -3.55 6.81
N CYS B 72 -3.54 -3.22 6.23
CA CYS B 72 -2.58 -4.25 5.79
C CYS B 72 -1.15 -4.01 6.30
N GLU B 73 -0.39 -5.10 6.45
CA GLU B 73 1.00 -5.06 6.90
C GLU B 73 1.91 -4.58 5.79
N ILE B 74 2.42 -3.36 5.90
CA ILE B 74 3.28 -2.84 4.85
C ILE B 74 4.78 -3.00 5.11
N LYS B 75 5.39 -3.83 4.28
CA LYS B 75 6.83 -4.07 4.30
C LYS B 75 7.39 -3.57 2.97
N VAL B 76 8.49 -2.80 2.96
CA VAL B 76 9.01 -2.27 1.70
C VAL B 76 8.76 -3.23 0.55
N ALA B 77 8.10 -2.69 -0.46
CA ALA B 77 7.72 -3.42 -1.64
C ALA B 77 8.88 -3.57 -2.62
N MET B 78 8.83 -4.65 -3.38
CA MET B 78 9.83 -4.94 -4.39
C MET B 78 9.18 -5.21 -5.73
N SER B 79 9.46 -4.35 -6.70
CA SER B 79 8.89 -4.49 -8.04
C SER B 79 9.94 -4.94 -9.05
N VAL B 1 15.27 4.39 -4.99
CA VAL B 1 13.92 3.88 -5.16
C VAL B 1 13.23 3.75 -3.83
N LYS B 2 11.91 3.82 -3.88
CA LYS B 2 11.15 3.65 -2.68
C LYS B 2 9.78 3.07 -2.97
N LYS B 3 9.59 1.84 -2.51
CA LYS B 3 8.33 1.14 -2.69
C LYS B 3 7.95 0.47 -1.39
N ILE B 4 6.68 0.48 -1.11
CA ILE B 4 6.17 -0.14 0.09
C ILE B 4 5.15 -1.18 -0.31
N PHE B 5 5.39 -2.41 0.08
CA PHE B 5 4.48 -3.47 -0.26
C PHE B 5 3.48 -3.70 0.86
N VAL B 6 2.24 -3.33 0.59
CA VAL B 6 1.16 -3.46 1.54
C VAL B 6 0.56 -4.86 1.46
N GLY B 7 0.43 -5.53 2.61
CA GLY B 7 -0.05 -6.90 2.64
C GLY B 7 -1.37 -7.09 3.37
N GLY B 8 -2.31 -7.74 2.69
CA GLY B 8 -3.62 -8.02 3.29
C GLY B 8 -4.53 -6.80 3.33
N LEU B 9 -5.19 -6.53 2.21
CA LEU B 9 -6.09 -5.40 2.10
C LEU B 9 -7.52 -5.86 1.81
N SER B 10 -8.49 -5.02 2.14
CA SER B 10 -9.90 -5.32 1.93
C SER B 10 -10.15 -5.88 0.54
N PRO B 11 -11.42 -6.15 0.21
CA PRO B 11 -11.83 -6.72 -1.09
C PRO B 11 -11.62 -5.77 -2.27
N ASP B 12 -11.15 -4.55 -2.00
CA ASP B 12 -10.93 -3.59 -3.08
C ASP B 12 -10.59 -2.20 -2.54
N THR B 13 -9.39 -2.07 -2.00
CA THR B 13 -8.93 -0.79 -1.46
C THR B 13 -8.91 0.28 -2.53
N PRO B 14 -9.64 1.38 -2.31
CA PRO B 14 -9.68 2.49 -3.26
C PRO B 14 -8.35 3.24 -3.27
N GLU B 15 -7.65 3.19 -4.41
CA GLU B 15 -6.36 3.86 -4.53
C GLU B 15 -6.45 5.33 -4.10
N GLU B 16 -7.67 5.85 -3.99
CA GLU B 16 -7.88 7.24 -3.58
C GLU B 16 -7.49 7.49 -2.12
N LYS B 17 -7.81 6.56 -1.22
CA LYS B 17 -7.46 6.71 0.19
C LYS B 17 -5.97 6.56 0.32
N ILE B 18 -5.46 5.49 -0.24
CA ILE B 18 -4.04 5.25 -0.20
C ILE B 18 -3.32 6.53 -0.60
N ARG B 19 -3.95 7.28 -1.49
CA ARG B 19 -3.38 8.55 -1.95
C ARG B 19 -3.43 9.57 -0.82
N GLU B 20 -4.45 9.49 0.01
CA GLU B 20 -4.59 10.40 1.15
C GLU B 20 -3.73 9.93 2.31
N TYR B 21 -4.02 8.73 2.76
CA TYR B 21 -3.28 8.13 3.86
C TYR B 21 -1.77 8.22 3.59
N PHE B 22 -1.38 7.74 2.43
CA PHE B 22 0.02 7.74 2.01
C PHE B 22 0.42 9.11 1.48
N GLY B 23 -0.52 9.81 0.87
CA GLY B 23 -0.21 11.15 0.42
C GLY B 23 0.10 11.97 1.64
N GLY B 24 -0.86 12.00 2.56
CA GLY B 24 -0.64 12.68 3.81
C GLY B 24 0.69 12.24 4.41
N PHE B 25 1.10 11.00 4.09
CA PHE B 25 2.37 10.47 4.56
C PHE B 25 3.47 11.40 4.09
N GLY B 26 3.38 11.71 2.80
CA GLY B 26 4.33 12.58 2.16
C GLY B 26 4.04 12.66 0.68
N GLU B 27 5.05 12.47 -0.13
CA GLU B 27 4.88 12.49 -1.57
C GLU B 27 4.73 11.09 -2.12
N VAL B 28 3.49 10.72 -2.39
CA VAL B 28 3.22 9.42 -2.95
C VAL B 28 3.55 9.46 -4.44
N GLU B 29 4.11 8.37 -4.93
CA GLU B 29 4.45 8.26 -6.34
C GLU B 29 3.29 7.62 -7.09
N SER B 30 2.88 6.44 -6.64
CA SER B 30 1.77 5.74 -7.27
C SER B 30 1.28 4.57 -6.42
N ILE B 31 -0.01 4.29 -6.51
CA ILE B 31 -0.64 3.18 -5.78
C ILE B 31 -1.17 2.14 -6.78
N GLU B 32 -0.75 0.91 -6.60
CA GLU B 32 -1.16 -0.19 -7.48
C GLU B 32 -1.82 -1.33 -6.72
N LEU B 33 -3.14 -1.44 -6.83
CA LEU B 33 -3.86 -2.52 -6.16
C LEU B 33 -4.11 -3.69 -7.13
N PRO B 34 -3.35 -4.79 -6.97
CA PRO B 34 -3.45 -5.99 -7.81
C PRO B 34 -4.89 -6.49 -7.97
N MET B 35 -4.98 -7.78 -8.29
CA MET B 35 -6.27 -8.44 -8.49
C MET B 35 -6.71 -9.17 -7.23
N ASP B 36 -7.94 -9.71 -7.26
CA ASP B 36 -8.50 -10.42 -6.13
C ASP B 36 -8.66 -11.91 -6.45
N ASN B 37 -8.56 -12.74 -5.41
CA ASN B 37 -8.70 -14.19 -5.56
C ASN B 37 -10.02 -14.55 -6.20
N LYS B 38 -10.95 -13.61 -6.19
CA LYS B 38 -12.27 -13.84 -6.77
C LYS B 38 -12.15 -14.10 -8.27
N THR B 39 -11.10 -13.55 -8.86
CA THR B 39 -10.84 -13.72 -10.28
C THR B 39 -9.33 -13.81 -10.56
N ASN B 40 -8.53 -13.94 -9.50
CA ASN B 40 -7.08 -14.02 -9.67
C ASN B 40 -6.42 -14.89 -8.59
N LYS B 41 -6.08 -14.27 -7.47
CA LYS B 41 -5.42 -15.01 -6.38
C LYS B 41 -5.70 -14.36 -5.03
N ARG B 42 -5.23 -14.99 -3.96
CA ARG B 42 -5.41 -14.45 -2.62
C ARG B 42 -4.26 -13.51 -2.28
N ARG B 43 -3.90 -12.70 -3.25
CA ARG B 43 -2.84 -11.73 -3.03
C ARG B 43 -3.38 -10.65 -2.12
N GLY B 44 -4.69 -10.43 -2.24
CA GLY B 44 -5.40 -9.45 -1.42
C GLY B 44 -4.48 -8.48 -0.74
N PHE B 45 -3.74 -7.73 -1.54
CA PHE B 45 -2.80 -6.76 -1.01
C PHE B 45 -2.54 -5.69 -2.07
N CYS B 46 -1.74 -4.67 -1.73
CA CYS B 46 -1.46 -3.59 -2.69
C CYS B 46 -0.04 -3.04 -2.54
N PHE B 47 0.50 -2.52 -3.64
CA PHE B 47 1.84 -1.94 -3.67
C PHE B 47 1.75 -0.41 -3.76
N ILE B 48 2.61 0.28 -3.02
CA ILE B 48 2.61 1.74 -3.03
C ILE B 48 4.02 2.29 -3.17
N THR B 49 4.21 3.19 -4.11
CA THR B 49 5.51 3.78 -4.35
C THR B 49 5.49 5.23 -3.95
N PHE B 50 6.55 5.71 -3.29
CA PHE B 50 6.60 7.10 -2.88
C PHE B 50 7.71 7.83 -3.61
N LYS B 51 7.37 8.95 -4.25
CA LYS B 51 8.38 9.72 -4.95
C LYS B 51 9.55 9.89 -4.00
N GLU B 52 9.19 10.11 -2.75
CA GLU B 52 10.14 10.29 -1.67
C GLU B 52 10.29 8.98 -0.90
N GLU B 53 11.26 8.92 0.00
CA GLU B 53 11.49 7.71 0.77
C GLU B 53 11.12 7.89 2.24
N GLU B 54 10.28 8.87 2.54
CA GLU B 54 9.86 9.10 3.92
C GLU B 54 8.68 8.21 4.28
N PRO B 55 7.53 8.36 3.62
CA PRO B 55 6.39 7.50 3.88
C PRO B 55 6.85 6.07 3.83
N VAL B 56 7.86 5.85 3.02
CA VAL B 56 8.46 4.54 2.86
C VAL B 56 9.26 4.18 4.09
N LYS B 57 10.01 5.14 4.59
CA LYS B 57 10.84 4.90 5.76
C LYS B 57 9.97 4.59 6.98
N LYS B 58 8.82 5.26 7.07
CA LYS B 58 7.89 5.04 8.18
C LYS B 58 7.04 3.80 7.94
N ILE B 59 6.44 3.73 6.76
CA ILE B 59 5.58 2.62 6.39
C ILE B 59 6.21 1.28 6.74
N MET B 60 7.44 1.07 6.28
CA MET B 60 8.15 -0.18 6.53
C MET B 60 8.33 -0.41 8.03
N GLU B 61 8.17 0.64 8.82
CA GLU B 61 8.33 0.53 10.27
C GLU B 61 7.01 0.15 10.94
N LYS B 62 5.91 0.49 10.28
CA LYS B 62 4.58 0.18 10.81
C LYS B 62 4.21 -1.26 10.54
N LYS B 63 4.17 -2.06 11.60
CA LYS B 63 3.81 -3.47 11.47
C LYS B 63 2.67 -3.62 10.47
N TYR B 64 1.54 -3.02 10.80
CA TYR B 64 0.36 -3.07 9.94
C TYR B 64 -0.09 -1.66 9.56
N HIS B 65 -0.89 -1.58 8.51
CA HIS B 65 -1.40 -0.29 8.04
C HIS B 65 -2.93 -0.28 8.00
N ASN B 66 -3.51 0.91 8.06
CA ASN B 66 -4.97 1.03 8.03
C ASN B 66 -5.39 2.12 7.04
N VAL B 67 -5.89 1.69 5.89
CA VAL B 67 -6.32 2.58 4.85
C VAL B 67 -7.84 2.59 4.74
N GLY B 68 -8.43 3.78 4.55
CA GLY B 68 -9.88 3.88 4.44
C GLY B 68 -10.62 2.77 5.17
N LEU B 69 -10.83 1.67 4.47
CA LEU B 69 -11.52 0.51 5.01
C LEU B 69 -10.54 -0.62 5.23
N SER B 70 -9.57 -0.68 4.34
CA SER B 70 -8.55 -1.73 4.35
C SER B 70 -7.46 -1.50 5.42
N LYS B 71 -6.88 -2.61 5.86
CA LYS B 71 -5.80 -2.62 6.85
C LYS B 71 -4.81 -3.72 6.48
N CYS B 72 -3.66 -3.34 5.93
CA CYS B 72 -2.69 -4.32 5.47
C CYS B 72 -1.27 -4.09 6.01
N GLU B 73 -0.52 -5.19 6.11
CA GLU B 73 0.88 -5.17 6.59
C GLU B 73 1.82 -4.66 5.52
N ILE B 74 2.34 -3.45 5.67
CA ILE B 74 3.23 -2.91 4.67
C ILE B 74 4.71 -3.09 4.96
N LYS B 75 5.32 -3.91 4.11
CA LYS B 75 6.75 -4.19 4.15
C LYS B 75 7.32 -3.64 2.85
N VAL B 76 8.41 -2.87 2.89
CA VAL B 76 8.95 -2.29 1.65
C VAL B 76 8.75 -3.23 0.48
N ALA B 77 8.11 -2.67 -0.53
CA ALA B 77 7.78 -3.36 -1.75
C ALA B 77 8.99 -3.50 -2.65
N MET B 78 8.95 -4.52 -3.48
CA MET B 78 10.04 -4.80 -4.42
C MET B 78 9.52 -4.95 -5.83
N SER B 79 9.87 -4.00 -6.69
CA SER B 79 9.45 -4.03 -8.09
C SER B 79 10.63 -4.32 -8.99
N VAL B 1 15.09 4.02 -5.60
CA VAL B 1 13.70 3.62 -5.64
C VAL B 1 13.11 3.47 -4.27
N LYS B 2 11.80 3.59 -4.20
CA LYS B 2 11.13 3.41 -2.94
C LYS B 2 9.74 2.81 -3.15
N LYS B 3 9.58 1.59 -2.69
CA LYS B 3 8.32 0.88 -2.78
C LYS B 3 7.95 0.30 -1.44
N ILE B 4 6.69 0.28 -1.15
CA ILE B 4 6.19 -0.28 0.07
C ILE B 4 5.15 -1.33 -0.27
N PHE B 5 5.40 -2.54 0.15
CA PHE B 5 4.47 -3.60 -0.16
C PHE B 5 3.49 -3.79 0.98
N VAL B 6 2.24 -3.41 0.70
CA VAL B 6 1.17 -3.51 1.65
C VAL B 6 0.58 -4.92 1.59
N GLY B 7 0.53 -5.59 2.74
CA GLY B 7 0.07 -6.96 2.80
C GLY B 7 -1.24 -7.16 3.54
N GLY B 8 -2.18 -7.81 2.87
CA GLY B 8 -3.47 -8.10 3.46
C GLY B 8 -4.39 -6.90 3.50
N LEU B 9 -5.09 -6.65 2.40
CA LEU B 9 -6.01 -5.52 2.30
C LEU B 9 -7.43 -6.01 2.09
N SER B 10 -8.40 -5.17 2.45
CA SER B 10 -9.81 -5.51 2.30
C SER B 10 -10.10 -6.08 0.92
N PRO B 11 -11.38 -6.34 0.61
CA PRO B 11 -11.79 -6.90 -0.68
C PRO B 11 -11.86 -5.85 -1.79
N ASP B 12 -11.20 -4.71 -1.58
CA ASP B 12 -11.20 -3.65 -2.59
C ASP B 12 -10.80 -2.31 -1.98
N THR B 13 -9.50 -2.15 -1.70
CA THR B 13 -8.99 -0.90 -1.13
C THR B 13 -8.94 0.20 -2.17
N PRO B 14 -9.79 1.23 -2.02
CA PRO B 14 -9.82 2.35 -2.95
C PRO B 14 -8.51 3.11 -2.96
N GLU B 15 -7.75 2.98 -4.06
CA GLU B 15 -6.46 3.65 -4.19
C GLU B 15 -6.54 5.14 -3.80
N GLU B 16 -7.75 5.69 -3.72
CA GLU B 16 -7.95 7.09 -3.35
C GLU B 16 -7.52 7.41 -1.92
N LYS B 17 -7.76 6.48 -0.99
CA LYS B 17 -7.35 6.69 0.40
C LYS B 17 -5.86 6.51 0.50
N ILE B 18 -5.39 5.40 -0.02
CA ILE B 18 -3.97 5.14 -0.01
C ILE B 18 -3.25 6.39 -0.48
N ARG B 19 -3.91 7.13 -1.37
CA ARG B 19 -3.34 8.38 -1.88
C ARG B 19 -3.31 9.44 -0.81
N GLU B 20 -4.32 9.44 0.06
CA GLU B 20 -4.40 10.41 1.17
C GLU B 20 -3.54 9.95 2.33
N TYR B 21 -3.86 8.78 2.82
CA TYR B 21 -3.14 8.19 3.93
C TYR B 21 -1.64 8.26 3.65
N PHE B 22 -1.25 7.76 2.50
CA PHE B 22 0.13 7.76 2.07
C PHE B 22 0.52 9.12 1.52
N GLY B 23 -0.45 9.81 0.93
CA GLY B 23 -0.17 11.14 0.45
C GLY B 23 0.23 11.96 1.64
N GLY B 24 -0.65 12.01 2.63
CA GLY B 24 -0.34 12.71 3.85
C GLY B 24 1.01 12.24 4.38
N PHE B 25 1.38 10.99 4.06
CA PHE B 25 2.67 10.43 4.46
C PHE B 25 3.76 11.33 3.92
N GLY B 26 3.56 11.69 2.66
CA GLY B 26 4.49 12.53 1.95
C GLY B 26 4.15 12.57 0.48
N GLU B 27 5.14 12.35 -0.36
CA GLU B 27 4.92 12.34 -1.80
C GLU B 27 4.73 10.93 -2.30
N VAL B 28 3.49 10.56 -2.52
CA VAL B 28 3.18 9.26 -3.05
C VAL B 28 3.43 9.26 -4.55
N GLU B 29 4.03 8.19 -5.03
CA GLU B 29 4.30 8.05 -6.44
C GLU B 29 3.12 7.37 -7.12
N SER B 30 2.76 6.20 -6.64
CA SER B 30 1.62 5.47 -7.20
C SER B 30 1.16 4.31 -6.31
N ILE B 31 -0.13 4.02 -6.39
CA ILE B 31 -0.74 2.93 -5.63
C ILE B 31 -1.31 1.90 -6.60
N GLU B 32 -0.92 0.65 -6.43
CA GLU B 32 -1.39 -0.42 -7.31
C GLU B 32 -2.06 -1.55 -6.55
N LEU B 33 -3.39 -1.59 -6.59
CA LEU B 33 -4.15 -2.65 -5.93
C LEU B 33 -4.50 -3.73 -6.95
N PRO B 34 -3.82 -4.88 -6.92
CA PRO B 34 -4.06 -6.00 -7.84
C PRO B 34 -5.31 -6.80 -7.50
N MET B 35 -6.05 -7.18 -8.52
CA MET B 35 -7.27 -7.97 -8.35
C MET B 35 -7.28 -9.13 -9.32
N ASP B 36 -7.55 -10.33 -8.80
CA ASP B 36 -7.58 -11.52 -9.65
C ASP B 36 -9.02 -11.92 -9.97
N ASN B 37 -9.43 -11.69 -11.21
CA ASN B 37 -10.77 -12.02 -11.66
C ASN B 37 -10.88 -13.49 -12.06
N LYS B 38 -9.73 -14.10 -12.38
CA LYS B 38 -9.71 -15.49 -12.80
C LYS B 38 -10.13 -16.42 -11.67
N THR B 39 -9.48 -16.28 -10.52
CA THR B 39 -9.80 -17.10 -9.36
C THR B 39 -9.54 -16.36 -8.06
N ASN B 40 -9.40 -15.03 -8.15
CA ASN B 40 -9.15 -14.21 -6.97
C ASN B 40 -8.23 -14.92 -5.98
N LYS B 41 -6.94 -14.60 -6.05
CA LYS B 41 -5.97 -15.19 -5.14
C LYS B 41 -6.03 -14.53 -3.77
N ARG B 42 -5.27 -15.06 -2.82
CA ARG B 42 -5.25 -14.50 -1.48
C ARG B 42 -4.17 -13.40 -1.41
N ARG B 43 -3.74 -12.94 -2.56
CA ARG B 43 -2.76 -11.88 -2.63
C ARG B 43 -3.39 -10.57 -2.20
N GLY B 44 -4.73 -10.58 -2.08
CA GLY B 44 -5.49 -9.39 -1.66
C GLY B 44 -4.63 -8.43 -0.87
N PHE B 45 -3.88 -7.62 -1.59
CA PHE B 45 -2.97 -6.66 -0.99
C PHE B 45 -2.69 -5.54 -1.98
N CYS B 46 -1.91 -4.53 -1.57
CA CYS B 46 -1.60 -3.43 -2.46
C CYS B 46 -0.14 -2.99 -2.36
N PHE B 47 0.39 -2.54 -3.49
CA PHE B 47 1.76 -2.04 -3.57
C PHE B 47 1.75 -0.53 -3.71
N ILE B 48 2.57 0.16 -2.94
CA ILE B 48 2.62 1.62 -2.99
C ILE B 48 4.03 2.14 -3.19
N THR B 49 4.19 3.06 -4.10
CA THR B 49 5.48 3.64 -4.40
C THR B 49 5.47 5.10 -4.00
N PHE B 50 6.56 5.58 -3.39
CA PHE B 50 6.62 6.98 -3.00
C PHE B 50 7.68 7.71 -3.79
N LYS B 51 7.30 8.80 -4.43
CA LYS B 51 8.28 9.59 -5.19
C LYS B 51 9.48 9.79 -4.31
N GLU B 52 9.18 10.02 -3.03
CA GLU B 52 10.19 10.22 -2.01
C GLU B 52 10.53 8.89 -1.36
N GLU B 53 11.21 8.95 -0.23
CA GLU B 53 11.61 7.74 0.48
C GLU B 53 11.31 7.84 1.97
N GLU B 54 10.51 8.83 2.36
CA GLU B 54 10.17 9.00 3.76
C GLU B 54 8.97 8.12 4.12
N PRO B 55 7.82 8.29 3.47
CA PRO B 55 6.67 7.45 3.75
C PRO B 55 7.10 6.01 3.69
N VAL B 56 8.09 5.78 2.85
CA VAL B 56 8.65 4.46 2.67
C VAL B 56 9.49 4.09 3.88
N LYS B 57 10.31 5.04 4.33
CA LYS B 57 11.17 4.78 5.47
C LYS B 57 10.34 4.52 6.73
N LYS B 58 9.21 5.21 6.85
CA LYS B 58 8.33 5.02 8.00
C LYS B 58 7.43 3.80 7.80
N ILE B 59 6.77 3.74 6.65
CA ILE B 59 5.87 2.65 6.32
C ILE B 59 6.46 1.28 6.64
N MET B 60 7.68 1.05 6.18
CA MET B 60 8.35 -0.23 6.38
C MET B 60 8.53 -0.55 7.87
N GLU B 61 8.63 0.48 8.69
CA GLU B 61 8.80 0.29 10.13
C GLU B 61 7.45 0.20 10.83
N LYS B 62 6.38 0.48 10.10
CA LYS B 62 5.03 0.44 10.65
C LYS B 62 4.51 -1.00 10.70
N LYS B 63 4.26 -1.50 11.91
CA LYS B 63 3.74 -2.84 12.07
C LYS B 63 2.69 -3.12 11.00
N TYR B 64 1.52 -2.53 11.18
CA TYR B 64 0.43 -2.68 10.23
C TYR B 64 -0.13 -1.32 9.84
N HIS B 65 -0.68 -1.24 8.63
CA HIS B 65 -1.23 0.01 8.13
C HIS B 65 -2.75 -0.02 8.14
N ASN B 66 -3.36 1.15 8.32
CA ASN B 66 -4.82 1.24 8.34
C ASN B 66 -5.28 2.26 7.30
N VAL B 67 -5.83 1.75 6.20
CA VAL B 67 -6.32 2.58 5.13
C VAL B 67 -7.84 2.54 5.05
N GLY B 68 -8.47 3.69 5.27
CA GLY B 68 -9.92 3.76 5.22
C GLY B 68 -10.59 2.57 5.89
N LEU B 69 -10.85 1.54 5.10
CA LEU B 69 -11.49 0.33 5.59
C LEU B 69 -10.47 -0.79 5.70
N SER B 70 -9.54 -0.78 4.76
CA SER B 70 -8.49 -1.79 4.69
C SER B 70 -7.37 -1.56 5.71
N LYS B 71 -6.71 -2.65 6.08
CA LYS B 71 -5.59 -2.63 7.03
C LYS B 71 -4.63 -3.74 6.66
N CYS B 72 -3.50 -3.38 6.06
CA CYS B 72 -2.53 -4.36 5.61
C CYS B 72 -1.11 -4.09 6.11
N GLU B 73 -0.32 -5.17 6.24
CA GLU B 73 1.06 -5.09 6.72
C GLU B 73 1.99 -4.60 5.61
N ILE B 74 2.51 -3.38 5.75
CA ILE B 74 3.37 -2.85 4.71
C ILE B 74 4.86 -3.01 4.98
N LYS B 75 5.47 -3.87 4.16
CA LYS B 75 6.90 -4.14 4.19
C LYS B 75 7.45 -3.67 2.85
N VAL B 76 8.55 -2.90 2.84
CA VAL B 76 9.07 -2.38 1.57
C VAL B 76 8.82 -3.36 0.44
N ALA B 77 8.12 -2.84 -0.54
CA ALA B 77 7.73 -3.58 -1.71
C ALA B 77 8.89 -3.75 -2.67
N MET B 78 8.82 -4.81 -3.46
CA MET B 78 9.85 -5.12 -4.45
C MET B 78 9.22 -5.36 -5.82
N SER B 79 9.51 -4.47 -6.76
CA SER B 79 8.99 -4.57 -8.11
C SER B 79 10.09 -4.99 -9.08
N VAL B 1 15.14 4.46 -4.98
CA VAL B 1 13.76 4.03 -5.09
C VAL B 1 13.13 3.80 -3.74
N LYS B 2 11.82 3.88 -3.71
CA LYS B 2 11.10 3.62 -2.50
C LYS B 2 9.75 3.00 -2.78
N LYS B 3 9.60 1.74 -2.38
CA LYS B 3 8.36 1.01 -2.57
C LYS B 3 7.96 0.35 -1.27
N ILE B 4 6.69 0.42 -0.96
CA ILE B 4 6.16 -0.18 0.23
C ILE B 4 5.12 -1.21 -0.17
N PHE B 5 5.34 -2.44 0.21
CA PHE B 5 4.43 -3.51 -0.14
C PHE B 5 3.42 -3.74 0.98
N VAL B 6 2.17 -3.36 0.70
CA VAL B 6 1.06 -3.50 1.62
C VAL B 6 0.42 -4.89 1.49
N GLY B 7 0.53 -5.67 2.55
CA GLY B 7 0.02 -7.04 2.58
C GLY B 7 -1.29 -7.22 3.30
N GLY B 8 -2.24 -7.90 2.65
CA GLY B 8 -3.53 -8.16 3.26
C GLY B 8 -4.46 -6.97 3.25
N LEU B 9 -5.09 -6.74 2.10
CA LEU B 9 -6.02 -5.64 1.92
C LEU B 9 -7.42 -6.14 1.60
N SER B 10 -8.42 -5.30 1.88
CA SER B 10 -9.82 -5.65 1.62
C SER B 10 -9.98 -6.21 0.20
N PRO B 11 -11.22 -6.45 -0.23
CA PRO B 11 -11.51 -7.00 -1.56
C PRO B 11 -11.41 -5.96 -2.68
N ASP B 12 -10.77 -4.82 -2.40
CA ASP B 12 -10.61 -3.78 -3.41
C ASP B 12 -10.38 -2.41 -2.77
N THR B 13 -9.14 -2.18 -2.33
CA THR B 13 -8.78 -0.91 -1.70
C THR B 13 -8.72 0.21 -2.72
N PRO B 14 -9.60 1.20 -2.61
CA PRO B 14 -9.62 2.34 -3.53
C PRO B 14 -8.30 3.12 -3.47
N GLU B 15 -7.55 3.07 -4.56
CA GLU B 15 -6.26 3.77 -4.64
C GLU B 15 -6.38 5.24 -4.21
N GLU B 16 -7.61 5.76 -4.15
CA GLU B 16 -7.85 7.15 -3.78
C GLU B 16 -7.47 7.45 -2.32
N LYS B 17 -7.78 6.55 -1.39
CA LYS B 17 -7.44 6.80 0.01
C LYS B 17 -5.97 6.58 0.18
N ILE B 18 -5.48 5.49 -0.36
CA ILE B 18 -4.06 5.22 -0.28
C ILE B 18 -3.30 6.48 -0.67
N ARG B 19 -3.90 7.26 -1.58
CA ARG B 19 -3.32 8.51 -2.04
C ARG B 19 -3.36 9.54 -0.92
N GLU B 20 -4.40 9.48 -0.10
CA GLU B 20 -4.55 10.39 1.03
C GLU B 20 -3.73 9.90 2.23
N TYR B 21 -4.05 8.70 2.67
CA TYR B 21 -3.34 8.08 3.78
C TYR B 21 -1.83 8.19 3.56
N PHE B 22 -1.39 7.71 2.41
CA PHE B 22 0.01 7.73 2.03
C PHE B 22 0.39 9.11 1.52
N GLY B 23 -0.55 9.81 0.93
CA GLY B 23 -0.25 11.16 0.49
C GLY B 23 0.05 11.95 1.72
N GLY B 24 -0.90 11.96 2.64
CA GLY B 24 -0.68 12.63 3.89
C GLY B 24 0.65 12.21 4.47
N PHE B 25 1.06 10.96 4.15
CA PHE B 25 2.34 10.43 4.60
C PHE B 25 3.44 11.36 4.10
N GLY B 26 3.27 11.74 2.83
CA GLY B 26 4.21 12.61 2.17
C GLY B 26 3.92 12.66 0.69
N GLU B 27 4.95 12.48 -0.11
CA GLU B 27 4.76 12.49 -1.56
C GLU B 27 4.64 11.08 -2.09
N VAL B 28 3.42 10.69 -2.36
CA VAL B 28 3.17 9.39 -2.91
C VAL B 28 3.48 9.41 -4.41
N GLU B 29 4.13 8.37 -4.89
CA GLU B 29 4.46 8.27 -6.30
C GLU B 29 3.36 7.56 -7.07
N SER B 30 3.05 6.33 -6.66
CA SER B 30 2.01 5.57 -7.34
C SER B 30 1.42 4.48 -6.45
N ILE B 31 0.18 4.10 -6.73
CA ILE B 31 -0.51 3.05 -5.99
C ILE B 31 -1.10 2.02 -6.94
N GLU B 32 -0.75 0.76 -6.74
CA GLU B 32 -1.22 -0.33 -7.59
C GLU B 32 -1.94 -1.42 -6.80
N LEU B 33 -3.25 -1.56 -7.01
CA LEU B 33 -4.02 -2.58 -6.32
C LEU B 33 -4.17 -3.84 -7.18
N PRO B 34 -3.42 -4.90 -6.83
CA PRO B 34 -3.46 -6.20 -7.54
C PRO B 34 -4.88 -6.71 -7.77
N MET B 35 -4.97 -8.02 -8.02
CA MET B 35 -6.26 -8.67 -8.25
C MET B 35 -6.67 -9.53 -7.06
N ASP B 36 -7.89 -10.06 -7.11
CA ASP B 36 -8.42 -10.89 -6.04
C ASP B 36 -8.53 -12.36 -6.48
N ASN B 37 -8.39 -13.26 -5.51
CA ASN B 37 -8.47 -14.69 -5.76
C ASN B 37 -9.79 -15.06 -6.42
N LYS B 38 -10.76 -14.14 -6.38
CA LYS B 38 -12.06 -14.37 -6.99
C LYS B 38 -11.91 -14.57 -8.48
N THR B 39 -10.87 -13.96 -9.04
CA THR B 39 -10.59 -14.06 -10.46
C THR B 39 -9.08 -14.03 -10.73
N ASN B 40 -8.29 -14.19 -9.67
CA ASN B 40 -6.84 -14.17 -9.80
C ASN B 40 -6.17 -15.08 -8.77
N LYS B 41 -5.82 -14.50 -7.62
CA LYS B 41 -5.17 -15.25 -6.54
C LYS B 41 -5.45 -14.58 -5.20
N ARG B 42 -5.05 -15.24 -4.11
CA ARG B 42 -5.29 -14.69 -2.79
C ARG B 42 -4.15 -13.74 -2.38
N ARG B 43 -3.70 -12.95 -3.33
CA ARG B 43 -2.66 -11.99 -3.03
C ARG B 43 -3.28 -10.88 -2.19
N GLY B 44 -4.58 -10.66 -2.44
CA GLY B 44 -5.34 -9.67 -1.71
C GLY B 44 -4.49 -8.69 -0.95
N PHE B 45 -3.71 -7.92 -1.69
CA PHE B 45 -2.82 -6.94 -1.10
C PHE B 45 -2.53 -5.85 -2.14
N CYS B 46 -1.78 -4.81 -1.76
CA CYS B 46 -1.48 -3.74 -2.71
C CYS B 46 -0.06 -3.17 -2.53
N PHE B 47 0.47 -2.60 -3.61
CA PHE B 47 1.80 -1.99 -3.60
C PHE B 47 1.68 -0.47 -3.65
N ILE B 48 2.69 0.23 -3.11
CA ILE B 48 2.70 1.69 -3.11
C ILE B 48 4.12 2.23 -3.22
N THR B 49 4.29 3.22 -4.06
CA THR B 49 5.60 3.83 -4.26
C THR B 49 5.55 5.29 -3.84
N PHE B 50 6.58 5.77 -3.16
CA PHE B 50 6.60 7.17 -2.73
C PHE B 50 7.68 7.94 -3.49
N LYS B 51 7.29 9.05 -4.11
CA LYS B 51 8.28 9.86 -4.81
C LYS B 51 9.42 10.10 -3.86
N GLU B 52 9.02 10.29 -2.62
CA GLU B 52 9.96 10.51 -1.53
C GLU B 52 10.32 9.16 -0.91
N GLU B 53 11.02 9.17 0.22
CA GLU B 53 11.40 7.93 0.87
C GLU B 53 11.00 7.92 2.34
N GLU B 54 10.36 9.01 2.80
CA GLU B 54 9.96 9.10 4.19
C GLU B 54 8.76 8.20 4.50
N PRO B 55 7.62 8.38 3.80
CA PRO B 55 6.46 7.53 4.05
C PRO B 55 6.89 6.09 4.03
N VAL B 56 7.88 5.85 3.20
CA VAL B 56 8.46 4.53 3.06
C VAL B 56 9.24 4.21 4.31
N LYS B 57 9.98 5.21 4.79
CA LYS B 57 10.79 5.07 5.99
C LYS B 57 9.94 4.63 7.18
N LYS B 58 8.78 5.28 7.32
CA LYS B 58 7.87 4.96 8.43
C LYS B 58 7.03 3.73 8.12
N ILE B 59 6.41 3.74 6.95
CA ILE B 59 5.56 2.63 6.54
C ILE B 59 6.17 1.29 6.89
N MET B 60 7.43 1.08 6.50
CA MET B 60 8.11 -0.18 6.75
C MET B 60 8.29 -0.42 8.26
N GLU B 61 8.18 0.65 9.04
CA GLU B 61 8.34 0.54 10.48
C GLU B 61 7.01 0.20 11.15
N LYS B 62 5.93 0.50 10.44
CA LYS B 62 4.59 0.24 10.95
C LYS B 62 4.23 -1.23 10.80
N LYS B 63 3.99 -1.89 11.91
CA LYS B 63 3.64 -3.31 11.90
C LYS B 63 2.53 -3.57 10.89
N TYR B 64 1.47 -2.77 10.96
CA TYR B 64 0.34 -2.91 10.06
C TYR B 64 -0.16 -1.54 9.61
N HIS B 65 -0.96 -1.54 8.54
CA HIS B 65 -1.50 -0.30 8.00
C HIS B 65 -3.01 -0.37 7.91
N ASN B 66 -3.65 0.79 7.91
CA ASN B 66 -5.11 0.86 7.79
C ASN B 66 -5.50 1.99 6.85
N VAL B 67 -5.92 1.63 5.65
CA VAL B 67 -6.31 2.58 4.64
C VAL B 67 -7.82 2.67 4.50
N GLY B 68 -8.40 3.76 4.99
CA GLY B 68 -9.84 3.93 4.92
C GLY B 68 -10.59 2.78 5.54
N LEU B 69 -10.75 1.71 4.77
CA LEU B 69 -11.45 0.51 5.23
C LEU B 69 -10.49 -0.66 5.33
N SER B 70 -9.59 -0.74 4.37
CA SER B 70 -8.60 -1.81 4.31
C SER B 70 -7.47 -1.59 5.30
N LYS B 71 -6.86 -2.70 5.72
CA LYS B 71 -5.74 -2.67 6.66
C LYS B 71 -4.77 -3.80 6.29
N CYS B 72 -3.61 -3.43 5.76
CA CYS B 72 -2.64 -4.42 5.32
C CYS B 72 -1.24 -4.19 5.89
N GLU B 73 -0.48 -5.28 5.99
CA GLU B 73 0.90 -5.27 6.53
C GLU B 73 1.86 -4.72 5.50
N ILE B 74 2.36 -3.51 5.71
CA ILE B 74 3.27 -2.92 4.74
C ILE B 74 4.74 -3.10 5.07
N LYS B 75 5.38 -3.88 4.21
CA LYS B 75 6.80 -4.15 4.26
C LYS B 75 7.38 -3.63 2.96
N VAL B 76 8.48 -2.89 2.99
CA VAL B 76 9.01 -2.32 1.75
C VAL B 76 8.77 -3.25 0.58
N ALA B 77 8.13 -2.69 -0.41
CA ALA B 77 7.75 -3.38 -1.62
C ALA B 77 8.94 -3.56 -2.54
N MET B 78 8.87 -4.59 -3.36
CA MET B 78 9.92 -4.91 -4.31
C MET B 78 9.36 -5.11 -5.71
N SER B 79 9.71 -4.21 -6.61
CA SER B 79 9.23 -4.28 -7.98
C SER B 79 10.35 -4.70 -8.93
N VAL B 1 15.29 4.23 -4.86
CA VAL B 1 13.95 3.73 -5.02
C VAL B 1 13.24 3.62 -3.69
N LYS B 2 11.93 3.64 -3.74
CA LYS B 2 11.15 3.50 -2.55
C LYS B 2 9.77 2.95 -2.84
N LYS B 3 9.54 1.73 -2.37
CA LYS B 3 8.25 1.08 -2.55
C LYS B 3 7.86 0.40 -1.27
N ILE B 4 6.58 0.40 -0.98
CA ILE B 4 6.07 -0.24 0.21
C ILE B 4 5.01 -1.24 -0.19
N PHE B 5 5.24 -2.49 0.14
CA PHE B 5 4.28 -3.52 -0.21
C PHE B 5 3.29 -3.70 0.93
N VAL B 6 2.06 -3.26 0.66
CA VAL B 6 0.98 -3.32 1.62
C VAL B 6 0.25 -4.67 1.51
N GLY B 7 0.50 -5.53 2.48
CA GLY B 7 -0.07 -6.87 2.51
C GLY B 7 -1.36 -7.00 3.29
N GLY B 8 -2.38 -7.57 2.65
CA GLY B 8 -3.66 -7.77 3.32
C GLY B 8 -4.56 -6.55 3.31
N LEU B 9 -5.25 -6.35 2.19
CA LEU B 9 -6.15 -5.21 2.06
C LEU B 9 -7.59 -5.68 1.86
N SER B 10 -8.54 -4.81 2.20
CA SER B 10 -9.96 -5.12 2.06
C SER B 10 -10.25 -5.76 0.70
N PRO B 11 -11.52 -6.06 0.42
CA PRO B 11 -11.93 -6.68 -0.85
C PRO B 11 -12.01 -5.67 -2.00
N ASP B 12 -11.39 -4.52 -1.83
CA ASP B 12 -11.41 -3.49 -2.87
C ASP B 12 -11.08 -2.11 -2.30
N THR B 13 -9.85 -1.94 -1.82
CA THR B 13 -9.43 -0.66 -1.26
C THR B 13 -9.31 0.40 -2.36
N PRO B 14 -9.97 1.54 -2.17
CA PRO B 14 -9.92 2.64 -3.13
C PRO B 14 -8.54 3.31 -3.13
N GLU B 15 -7.77 3.11 -4.19
CA GLU B 15 -6.44 3.71 -4.29
C GLU B 15 -6.45 5.20 -3.94
N GLU B 16 -7.63 5.81 -3.89
CA GLU B 16 -7.75 7.23 -3.57
C GLU B 16 -7.36 7.55 -2.13
N LYS B 17 -7.74 6.72 -1.15
CA LYS B 17 -7.37 6.98 0.23
C LYS B 17 -5.91 6.69 0.41
N ILE B 18 -5.49 5.55 -0.09
CA ILE B 18 -4.09 5.21 -0.01
C ILE B 18 -3.26 6.40 -0.45
N ARG B 19 -3.83 7.21 -1.34
CA ARG B 19 -3.17 8.41 -1.85
C ARG B 19 -3.17 9.49 -0.77
N GLU B 20 -4.20 9.51 0.06
CA GLU B 20 -4.31 10.50 1.14
C GLU B 20 -3.52 10.02 2.36
N TYR B 21 -3.84 8.82 2.83
CA TYR B 21 -3.15 8.24 3.96
C TYR B 21 -1.65 8.32 3.74
N PHE B 22 -1.23 7.81 2.59
CA PHE B 22 0.16 7.80 2.21
C PHE B 22 0.57 9.16 1.67
N GLY B 23 -0.37 9.86 1.07
CA GLY B 23 -0.07 11.20 0.59
C GLY B 23 0.26 12.01 1.80
N GLY B 24 -0.67 12.05 2.75
CA GLY B 24 -0.41 12.74 3.99
C GLY B 24 0.91 12.28 4.57
N PHE B 25 1.29 11.04 4.26
CA PHE B 25 2.56 10.48 4.71
C PHE B 25 3.67 11.36 4.19
N GLY B 26 3.53 11.73 2.93
CA GLY B 26 4.48 12.57 2.25
C GLY B 26 4.17 12.62 0.78
N GLU B 27 5.18 12.42 -0.05
CA GLU B 27 4.97 12.43 -1.49
C GLU B 27 4.81 11.03 -2.02
N VAL B 28 3.57 10.64 -2.26
CA VAL B 28 3.28 9.34 -2.79
C VAL B 28 3.55 9.35 -4.29
N GLU B 29 4.11 8.28 -4.79
CA GLU B 29 4.39 8.13 -6.21
C GLU B 29 3.18 7.50 -6.89
N SER B 30 2.74 6.36 -6.37
CA SER B 30 1.57 5.67 -6.93
C SER B 30 1.11 4.51 -6.06
N ILE B 31 -0.18 4.15 -6.21
CA ILE B 31 -0.79 3.05 -5.46
C ILE B 31 -1.41 2.03 -6.43
N GLU B 32 -0.91 0.80 -6.40
CA GLU B 32 -1.40 -0.26 -7.27
C GLU B 32 -1.85 -1.49 -6.48
N LEU B 33 -3.17 -1.69 -6.35
CA LEU B 33 -3.69 -2.85 -5.63
C LEU B 33 -4.06 -4.00 -6.57
N PRO B 34 -3.26 -5.08 -6.61
CA PRO B 34 -3.50 -6.24 -7.47
C PRO B 34 -4.56 -7.18 -6.88
N MET B 35 -5.49 -7.63 -7.72
CA MET B 35 -6.53 -8.54 -7.29
C MET B 35 -6.72 -9.68 -8.29
N ASP B 36 -6.80 -10.92 -7.78
CA ASP B 36 -6.99 -12.07 -8.65
C ASP B 36 -8.33 -12.75 -8.38
N ASN B 37 -9.27 -12.56 -9.31
CA ASN B 37 -10.61 -13.14 -9.18
C ASN B 37 -10.65 -14.57 -9.70
N LYS B 38 -9.71 -14.92 -10.57
CA LYS B 38 -9.68 -16.25 -11.18
C LYS B 38 -8.85 -17.25 -10.37
N THR B 39 -7.62 -16.87 -10.04
CA THR B 39 -6.73 -17.75 -9.29
C THR B 39 -6.85 -17.54 -7.78
N ASN B 40 -7.49 -16.45 -7.38
CA ASN B 40 -7.67 -16.16 -5.97
C ASN B 40 -6.43 -16.54 -5.17
N LYS B 41 -5.32 -15.84 -5.42
CA LYS B 41 -4.07 -16.10 -4.74
C LYS B 41 -3.91 -15.17 -3.53
N ARG B 42 -5.02 -14.81 -2.93
CA ARG B 42 -5.04 -13.91 -1.78
C ARG B 42 -4.11 -12.74 -1.99
N ARG B 43 -4.06 -12.26 -3.23
CA ARG B 43 -3.23 -11.11 -3.56
C ARG B 43 -4.02 -9.83 -3.32
N GLY B 44 -5.10 -9.95 -2.57
CA GLY B 44 -5.92 -8.80 -2.24
C GLY B 44 -5.17 -7.84 -1.36
N PHE B 45 -4.07 -7.33 -1.88
CA PHE B 45 -3.21 -6.40 -1.17
C PHE B 45 -2.82 -5.27 -2.12
N CYS B 46 -2.07 -4.28 -1.65
CA CYS B 46 -1.71 -3.16 -2.51
C CYS B 46 -0.23 -2.75 -2.39
N PHE B 47 0.31 -2.25 -3.50
CA PHE B 47 1.70 -1.76 -3.56
C PHE B 47 1.69 -0.23 -3.59
N ILE B 48 2.50 0.39 -2.76
CA ILE B 48 2.55 1.85 -2.73
C ILE B 48 3.97 2.36 -2.86
N THR B 49 4.20 3.12 -3.91
CA THR B 49 5.50 3.70 -4.18
C THR B 49 5.50 5.15 -3.77
N PHE B 50 6.58 5.61 -3.15
CA PHE B 50 6.66 7.00 -2.73
C PHE B 50 7.76 7.72 -3.49
N LYS B 51 7.43 8.83 -4.13
CA LYS B 51 8.45 9.59 -4.85
C LYS B 51 9.63 9.74 -3.92
N GLU B 52 9.28 9.97 -2.67
CA GLU B 52 10.25 10.13 -1.60
C GLU B 52 10.39 8.82 -0.84
N GLU B 53 11.44 8.69 -0.04
CA GLU B 53 11.65 7.46 0.72
C GLU B 53 11.34 7.64 2.21
N GLU B 54 10.56 8.66 2.57
CA GLU B 54 10.22 8.88 3.97
C GLU B 54 9.01 8.03 4.36
N PRO B 55 7.84 8.25 3.75
CA PRO B 55 6.67 7.44 4.07
C PRO B 55 7.06 5.99 4.02
N VAL B 56 8.03 5.73 3.17
CA VAL B 56 8.57 4.40 2.98
C VAL B 56 9.42 3.99 4.17
N LYS B 57 10.29 4.89 4.60
CA LYS B 57 11.15 4.60 5.72
C LYS B 57 10.33 4.29 6.97
N LYS B 58 9.22 5.00 7.13
CA LYS B 58 8.34 4.78 8.28
C LYS B 58 7.43 3.59 8.03
N ILE B 59 6.69 3.65 6.94
CA ILE B 59 5.77 2.59 6.57
C ILE B 59 6.36 1.21 6.87
N MET B 60 7.59 1.00 6.46
CA MET B 60 8.25 -0.29 6.66
C MET B 60 8.41 -0.62 8.14
N GLU B 61 8.50 0.42 8.97
CA GLU B 61 8.68 0.22 10.41
C GLU B 61 7.34 -0.03 11.10
N LYS B 62 6.25 0.45 10.50
CA LYS B 62 4.93 0.28 11.09
C LYS B 62 4.39 -1.12 10.82
N LYS B 63 4.32 -1.92 11.87
CA LYS B 63 3.83 -3.29 11.76
C LYS B 63 2.70 -3.40 10.74
N TYR B 64 1.62 -2.68 10.99
CA TYR B 64 0.47 -2.69 10.09
C TYR B 64 0.03 -1.28 9.72
N HIS B 65 -0.84 -1.19 8.72
CA HIS B 65 -1.35 0.09 8.25
C HIS B 65 -2.88 0.06 8.19
N ASN B 66 -3.49 1.25 8.33
CA ASN B 66 -4.95 1.34 8.28
C ASN B 66 -5.39 2.40 7.27
N VAL B 67 -5.90 1.94 6.13
CA VAL B 67 -6.36 2.81 5.07
C VAL B 67 -7.88 2.84 4.99
N GLY B 68 -8.47 3.96 5.41
CA GLY B 68 -9.91 4.09 5.39
C GLY B 68 -10.62 2.85 5.90
N LEU B 69 -10.85 1.90 4.99
CA LEU B 69 -11.52 0.65 5.35
C LEU B 69 -10.51 -0.48 5.51
N SER B 70 -9.55 -0.50 4.61
CA SER B 70 -8.52 -1.55 4.59
C SER B 70 -7.43 -1.33 5.64
N LYS B 71 -6.80 -2.43 6.01
CA LYS B 71 -5.70 -2.45 6.98
C LYS B 71 -4.74 -3.58 6.58
N CYS B 72 -3.59 -3.22 6.03
CA CYS B 72 -2.65 -4.22 5.54
C CYS B 72 -1.22 -4.06 6.08
N GLU B 73 -0.51 -5.18 6.13
CA GLU B 73 0.87 -5.23 6.60
C GLU B 73 1.82 -4.69 5.55
N ILE B 74 2.36 -3.51 5.76
CA ILE B 74 3.23 -2.93 4.76
C ILE B 74 4.72 -3.18 5.03
N LYS B 75 5.27 -3.99 4.14
CA LYS B 75 6.69 -4.33 4.14
C LYS B 75 7.25 -3.79 2.84
N VAL B 76 8.36 -3.05 2.87
CA VAL B 76 8.89 -2.48 1.63
C VAL B 76 8.63 -3.37 0.45
N ALA B 77 7.95 -2.78 -0.51
CA ALA B 77 7.56 -3.44 -1.72
C ALA B 77 8.74 -3.59 -2.67
N MET B 78 8.66 -4.59 -3.52
CA MET B 78 9.71 -4.86 -4.49
C MET B 78 9.12 -5.04 -5.90
N SER B 79 9.45 -4.10 -6.78
CA SER B 79 8.96 -4.15 -8.15
C SER B 79 10.09 -4.51 -9.11
N VAL B 1 15.16 4.09 -5.32
CA VAL B 1 13.77 3.67 -5.39
C VAL B 1 13.17 3.52 -4.02
N LYS B 2 11.85 3.63 -3.97
CA LYS B 2 11.15 3.45 -2.73
C LYS B 2 9.76 2.89 -2.97
N LYS B 3 9.56 1.66 -2.52
CA LYS B 3 8.28 0.99 -2.66
C LYS B 3 7.91 0.34 -1.35
N ILE B 4 6.63 0.41 -1.03
CA ILE B 4 6.14 -0.19 0.18
C ILE B 4 5.09 -1.21 -0.18
N PHE B 5 5.32 -2.44 0.20
CA PHE B 5 4.40 -3.49 -0.12
C PHE B 5 3.41 -3.69 1.02
N VAL B 6 2.16 -3.29 0.75
CA VAL B 6 1.08 -3.38 1.70
C VAL B 6 0.45 -4.77 1.61
N GLY B 7 0.48 -5.49 2.73
CA GLY B 7 -0.03 -6.86 2.77
C GLY B 7 -1.31 -7.04 3.57
N GLY B 8 -2.28 -7.73 2.96
CA GLY B 8 -3.55 -8.00 3.63
C GLY B 8 -4.47 -6.80 3.68
N LEU B 9 -5.14 -6.55 2.58
CA LEU B 9 -6.07 -5.43 2.47
C LEU B 9 -7.50 -5.91 2.21
N SER B 10 -8.47 -5.07 2.55
CA SER B 10 -9.89 -5.41 2.36
C SER B 10 -10.14 -5.97 0.95
N PRO B 11 -11.42 -6.22 0.62
CA PRO B 11 -11.82 -6.79 -0.67
C PRO B 11 -11.65 -5.82 -1.84
N ASP B 12 -11.06 -4.65 -1.59
CA ASP B 12 -10.86 -3.66 -2.64
C ASP B 12 -10.65 -2.28 -2.04
N THR B 13 -9.43 -2.05 -1.58
CA THR B 13 -9.08 -0.77 -0.97
C THR B 13 -8.99 0.33 -2.02
N PRO B 14 -9.86 1.33 -1.93
CA PRO B 14 -9.86 2.45 -2.87
C PRO B 14 -8.52 3.17 -2.87
N GLU B 15 -7.78 3.05 -3.96
CA GLU B 15 -6.46 3.68 -4.06
C GLU B 15 -6.52 5.17 -3.71
N GLU B 16 -7.72 5.73 -3.65
CA GLU B 16 -7.90 7.15 -3.33
C GLU B 16 -7.47 7.50 -1.90
N LYS B 17 -7.79 6.65 -0.93
CA LYS B 17 -7.39 6.93 0.45
C LYS B 17 -5.92 6.68 0.58
N ILE B 18 -5.48 5.55 0.09
CA ILE B 18 -4.07 5.25 0.14
C ILE B 18 -3.28 6.46 -0.35
N ARG B 19 -3.89 7.20 -1.29
CA ARG B 19 -3.28 8.41 -1.82
C ARG B 19 -3.24 9.50 -0.76
N GLU B 20 -4.26 9.52 0.09
CA GLU B 20 -4.34 10.50 1.17
C GLU B 20 -3.50 10.04 2.36
N TYR B 21 -3.83 8.88 2.87
CA TYR B 21 -3.10 8.30 3.99
C TYR B 21 -1.61 8.35 3.71
N PHE B 22 -1.23 7.82 2.56
CA PHE B 22 0.16 7.78 2.14
C PHE B 22 0.58 9.12 1.57
N GLY B 23 -0.36 9.82 0.95
CA GLY B 23 -0.04 11.14 0.45
C GLY B 23 0.32 11.98 1.64
N GLY B 24 -0.60 12.04 2.59
CA GLY B 24 -0.33 12.75 3.82
C GLY B 24 1.01 12.31 4.39
N PHE B 25 1.41 11.07 4.09
CA PHE B 25 2.68 10.53 4.53
C PHE B 25 3.79 11.41 4.00
N GLY B 26 3.67 11.68 2.70
CA GLY B 26 4.61 12.50 1.98
C GLY B 26 4.25 12.56 0.52
N GLU B 27 5.22 12.34 -0.34
CA GLU B 27 4.96 12.35 -1.77
C GLU B 27 4.78 10.96 -2.30
N VAL B 28 3.53 10.57 -2.47
CA VAL B 28 3.22 9.27 -3.00
C VAL B 28 3.47 9.28 -4.50
N GLU B 29 4.06 8.20 -5.00
CA GLU B 29 4.33 8.07 -6.42
C GLU B 29 3.17 7.35 -7.11
N SER B 30 2.83 6.18 -6.61
CA SER B 30 1.72 5.41 -7.18
C SER B 30 1.20 4.33 -6.23
N ILE B 31 -0.09 4.02 -6.39
CA ILE B 31 -0.75 3.00 -5.58
C ILE B 31 -1.41 1.97 -6.48
N GLU B 32 -0.98 0.71 -6.36
CA GLU B 32 -1.51 -0.36 -7.20
C GLU B 32 -2.11 -1.53 -6.41
N LEU B 33 -3.43 -1.60 -6.36
CA LEU B 33 -4.08 -2.72 -5.69
C LEU B 33 -4.45 -3.79 -6.73
N PRO B 34 -3.71 -4.91 -6.77
CA PRO B 34 -3.94 -5.99 -7.73
C PRO B 34 -5.12 -6.86 -7.36
N MET B 35 -6.00 -7.11 -8.33
CA MET B 35 -7.17 -7.95 -8.13
C MET B 35 -7.28 -8.97 -9.25
N ASP B 36 -7.46 -10.23 -8.89
CA ASP B 36 -7.58 -11.30 -9.89
C ASP B 36 -9.00 -11.85 -9.93
N ASN B 37 -9.73 -11.51 -10.98
CA ASN B 37 -11.08 -11.99 -11.16
C ASN B 37 -11.09 -13.40 -11.74
N LYS B 38 -9.91 -13.89 -12.12
CA LYS B 38 -9.79 -15.21 -12.69
C LYS B 38 -9.73 -16.28 -11.61
N THR B 39 -8.86 -16.06 -10.62
CA THR B 39 -8.70 -17.01 -9.52
C THR B 39 -8.85 -16.33 -8.17
N ASN B 40 -8.98 -15.00 -8.17
CA ASN B 40 -9.13 -14.26 -6.93
C ASN B 40 -8.20 -14.80 -5.85
N LYS B 41 -6.90 -14.76 -6.11
CA LYS B 41 -5.91 -15.25 -5.16
C LYS B 41 -6.07 -14.55 -3.81
N ARG B 42 -5.26 -14.96 -2.84
CA ARG B 42 -5.30 -14.38 -1.51
C ARG B 42 -4.27 -13.25 -1.41
N ARG B 43 -3.90 -12.70 -2.54
CA ARG B 43 -2.94 -11.62 -2.54
C ARG B 43 -3.60 -10.39 -1.95
N GLY B 44 -4.92 -10.29 -2.17
CA GLY B 44 -5.72 -9.19 -1.65
C GLY B 44 -4.90 -8.19 -0.86
N PHE B 45 -4.07 -7.45 -1.59
CA PHE B 45 -3.18 -6.47 -0.99
C PHE B 45 -2.82 -5.40 -2.00
N CYS B 46 -2.04 -4.39 -1.59
CA CYS B 46 -1.69 -3.32 -2.51
C CYS B 46 -0.22 -2.90 -2.36
N PHE B 47 0.31 -2.34 -3.45
CA PHE B 47 1.69 -1.85 -3.50
C PHE B 47 1.68 -0.33 -3.58
N ILE B 48 2.50 0.33 -2.78
CA ILE B 48 2.55 1.79 -2.79
C ILE B 48 3.97 2.30 -2.93
N THR B 49 4.19 3.06 -3.99
CA THR B 49 5.49 3.63 -4.27
C THR B 49 5.49 5.09 -3.91
N PHE B 50 6.56 5.58 -3.29
CA PHE B 50 6.62 6.98 -2.91
C PHE B 50 7.71 7.70 -3.70
N LYS B 51 7.35 8.79 -4.35
CA LYS B 51 8.35 9.56 -5.09
C LYS B 51 9.52 9.78 -4.17
N GLU B 52 9.17 10.02 -2.91
CA GLU B 52 10.14 10.24 -1.86
C GLU B 52 10.50 8.92 -1.20
N GLU B 53 11.16 9.00 -0.06
CA GLU B 53 11.56 7.79 0.66
C GLU B 53 11.22 7.88 2.15
N GLU B 54 10.40 8.86 2.52
CA GLU B 54 10.01 9.02 3.91
C GLU B 54 8.82 8.13 4.24
N PRO B 55 7.69 8.27 3.54
CA PRO B 55 6.54 7.42 3.80
C PRO B 55 6.98 5.98 3.78
N VAL B 56 8.01 5.76 3.01
CA VAL B 56 8.61 4.43 2.87
C VAL B 56 9.37 4.08 4.12
N LYS B 57 10.14 5.04 4.63
CA LYS B 57 10.92 4.82 5.83
C LYS B 57 9.99 4.68 7.04
N LYS B 58 8.84 5.34 6.97
CA LYS B 58 7.83 5.30 8.03
C LYS B 58 7.04 4.01 7.95
N ILE B 59 6.48 3.79 6.78
CA ILE B 59 5.65 2.64 6.48
C ILE B 59 6.31 1.32 6.88
N MET B 60 7.56 1.14 6.45
CA MET B 60 8.28 -0.09 6.74
C MET B 60 8.41 -0.32 8.24
N GLU B 61 8.21 0.73 9.03
CA GLU B 61 8.31 0.63 10.47
C GLU B 61 7.00 0.13 11.08
N LYS B 62 5.89 0.63 10.56
CA LYS B 62 4.58 0.23 11.05
C LYS B 62 4.17 -1.12 10.46
N LYS B 63 4.57 -2.19 11.13
CA LYS B 63 4.24 -3.54 10.67
C LYS B 63 2.90 -3.57 9.97
N TYR B 64 1.91 -2.93 10.58
CA TYR B 64 0.57 -2.89 10.03
C TYR B 64 0.11 -1.47 9.76
N HIS B 65 -0.73 -1.31 8.75
CA HIS B 65 -1.25 -0.01 8.35
C HIS B 65 -2.77 0.00 8.37
N ASN B 66 -3.35 1.19 8.48
CA ASN B 66 -4.80 1.34 8.48
C ASN B 66 -5.22 2.40 7.48
N VAL B 67 -5.75 1.96 6.35
CA VAL B 67 -6.18 2.84 5.29
C VAL B 67 -7.70 2.92 5.22
N GLY B 68 -8.25 4.07 5.59
CA GLY B 68 -9.69 4.24 5.57
C GLY B 68 -10.42 3.09 6.24
N LEU B 69 -10.68 2.04 5.46
CA LEU B 69 -11.38 0.87 5.97
C LEU B 69 -10.41 -0.31 6.08
N SER B 70 -9.54 -0.41 5.10
CA SER B 70 -8.56 -1.50 5.02
C SER B 70 -7.38 -1.30 5.96
N LYS B 71 -6.75 -2.41 6.34
CA LYS B 71 -5.59 -2.41 7.21
C LYS B 71 -4.66 -3.56 6.82
N CYS B 72 -3.52 -3.24 6.23
CA CYS B 72 -2.59 -4.26 5.76
C CYS B 72 -1.15 -4.07 6.25
N GLU B 73 -0.42 -5.18 6.36
CA GLU B 73 0.98 -5.17 6.80
C GLU B 73 1.89 -4.68 5.70
N ILE B 74 2.40 -3.46 5.83
CA ILE B 74 3.26 -2.92 4.79
C ILE B 74 4.75 -3.10 5.05
N LYS B 75 5.33 -3.95 4.23
CA LYS B 75 6.76 -4.23 4.24
C LYS B 75 7.32 -3.71 2.92
N VAL B 76 8.43 -2.97 2.93
CA VAL B 76 8.96 -2.42 1.68
C VAL B 76 8.70 -3.34 0.52
N ALA B 77 8.04 -2.77 -0.46
CA ALA B 77 7.64 -3.46 -1.66
C ALA B 77 8.82 -3.64 -2.63
N MET B 78 8.70 -4.68 -3.43
CA MET B 78 9.71 -5.02 -4.43
C MET B 78 9.02 -5.26 -5.77
N SER B 79 9.35 -4.44 -6.75
CA SER B 79 8.75 -4.56 -8.07
C SER B 79 9.74 -5.09 -9.09
N VAL B 1 15.11 3.93 -5.47
CA VAL B 1 13.73 3.48 -5.55
C VAL B 1 13.10 3.38 -4.19
N LYS B 2 11.79 3.50 -4.17
CA LYS B 2 11.08 3.37 -2.94
C LYS B 2 9.68 2.82 -3.15
N LYS B 3 9.49 1.60 -2.67
CA LYS B 3 8.22 0.91 -2.76
C LYS B 3 7.89 0.31 -1.42
N ILE B 4 6.63 0.30 -1.09
CA ILE B 4 6.16 -0.26 0.14
C ILE B 4 5.12 -1.30 -0.18
N PHE B 5 5.37 -2.53 0.20
CA PHE B 5 4.44 -3.59 -0.08
C PHE B 5 3.48 -3.80 1.08
N VAL B 6 2.24 -3.41 0.84
CA VAL B 6 1.16 -3.53 1.80
C VAL B 6 0.54 -4.91 1.70
N GLY B 7 0.46 -5.63 2.82
CA GLY B 7 -0.05 -6.98 2.83
C GLY B 7 -1.36 -7.15 3.57
N GLY B 8 -2.30 -7.87 2.96
CA GLY B 8 -3.60 -8.09 3.58
C GLY B 8 -4.44 -6.83 3.61
N LEU B 9 -5.18 -6.62 2.53
CA LEU B 9 -6.01 -5.44 2.40
C LEU B 9 -7.50 -5.79 2.34
N SER B 10 -8.33 -4.82 2.70
CA SER B 10 -9.77 -5.00 2.70
C SER B 10 -10.26 -5.59 1.38
N PRO B 11 -11.57 -5.66 1.18
CA PRO B 11 -12.16 -6.22 -0.04
C PRO B 11 -12.11 -5.27 -1.23
N ASP B 12 -11.32 -4.20 -1.11
CA ASP B 12 -11.19 -3.24 -2.20
C ASP B 12 -10.72 -1.87 -1.69
N THR B 13 -9.43 -1.77 -1.41
CA THR B 13 -8.86 -0.52 -0.90
C THR B 13 -8.81 0.53 -1.99
N PRO B 14 -9.59 1.61 -1.83
CA PRO B 14 -9.63 2.71 -2.78
C PRO B 14 -8.35 3.55 -2.70
N GLU B 15 -7.50 3.47 -3.72
CA GLU B 15 -6.26 4.23 -3.74
C GLU B 15 -6.47 5.68 -3.29
N GLU B 16 -7.72 6.14 -3.34
CA GLU B 16 -8.06 7.52 -2.95
C GLU B 16 -7.64 7.83 -1.51
N LYS B 17 -7.88 6.90 -0.58
CA LYS B 17 -7.48 7.14 0.80
C LYS B 17 -6.02 6.83 0.89
N ILE B 18 -5.67 5.70 0.32
CA ILE B 18 -4.30 5.30 0.26
C ILE B 18 -3.47 6.47 -0.26
N ARG B 19 -4.12 7.30 -1.09
CA ARG B 19 -3.48 8.49 -1.65
C ARG B 19 -3.35 9.56 -0.57
N GLU B 20 -4.31 9.57 0.36
CA GLU B 20 -4.30 10.53 1.47
C GLU B 20 -3.40 10.06 2.59
N TYR B 21 -3.70 8.88 3.11
CA TYR B 21 -2.92 8.28 4.17
C TYR B 21 -1.44 8.36 3.83
N PHE B 22 -1.12 7.84 2.65
CA PHE B 22 0.25 7.82 2.17
C PHE B 22 0.62 9.18 1.58
N GLY B 23 -0.37 9.87 1.02
CA GLY B 23 -0.10 11.20 0.52
C GLY B 23 0.32 12.05 1.67
N GLY B 24 -0.54 12.11 2.67
CA GLY B 24 -0.22 12.83 3.87
C GLY B 24 1.13 12.39 4.40
N PHE B 25 1.50 11.12 4.11
CA PHE B 25 2.78 10.58 4.51
C PHE B 25 3.87 11.46 3.94
N GLY B 26 3.67 11.80 2.68
CA GLY B 26 4.59 12.64 1.95
C GLY B 26 4.22 12.65 0.49
N GLU B 27 5.20 12.39 -0.36
CA GLU B 27 4.95 12.35 -1.79
C GLU B 27 4.73 10.94 -2.28
N VAL B 28 3.47 10.60 -2.49
CA VAL B 28 3.15 9.29 -2.98
C VAL B 28 3.43 9.28 -4.49
N GLU B 29 4.03 8.20 -4.95
CA GLU B 29 4.33 8.04 -6.36
C GLU B 29 3.16 7.39 -7.08
N SER B 30 2.77 6.22 -6.61
CA SER B 30 1.65 5.50 -7.21
C SER B 30 1.12 4.40 -6.31
N ILE B 31 -0.17 4.13 -6.43
CA ILE B 31 -0.83 3.09 -5.64
C ILE B 31 -1.38 2.02 -6.58
N GLU B 32 -1.02 0.78 -6.33
CA GLU B 32 -1.46 -0.32 -7.18
C GLU B 32 -2.20 -1.42 -6.42
N LEU B 33 -3.52 -1.46 -6.58
CA LEU B 33 -4.33 -2.49 -5.96
C LEU B 33 -4.58 -3.63 -6.94
N PRO B 34 -3.89 -4.77 -6.76
CA PRO B 34 -4.03 -5.92 -7.65
C PRO B 34 -5.28 -6.76 -7.36
N MET B 35 -5.98 -7.15 -8.43
CA MET B 35 -7.18 -7.96 -8.31
C MET B 35 -7.10 -9.16 -9.25
N ASP B 36 -7.46 -10.33 -8.74
CA ASP B 36 -7.41 -11.55 -9.54
C ASP B 36 -8.81 -12.11 -9.78
N ASN B 37 -9.29 -11.95 -11.02
CA ASN B 37 -10.61 -12.44 -11.39
C ASN B 37 -10.57 -13.93 -11.75
N LYS B 38 -9.54 -14.32 -12.50
CA LYS B 38 -9.39 -15.71 -12.93
C LYS B 38 -8.57 -16.53 -11.93
N THR B 39 -7.57 -15.90 -11.34
CA THR B 39 -6.71 -16.58 -10.37
C THR B 39 -7.27 -16.44 -8.96
N ASN B 40 -8.10 -15.42 -8.75
CA ASN B 40 -8.71 -15.18 -7.46
C ASN B 40 -7.75 -15.54 -6.32
N LYS B 41 -6.47 -15.32 -6.54
CA LYS B 41 -5.47 -15.62 -5.53
C LYS B 41 -5.76 -14.88 -4.23
N ARG B 42 -5.06 -15.25 -3.16
CA ARG B 42 -5.26 -14.63 -1.87
C ARG B 42 -4.20 -13.54 -1.65
N ARG B 43 -3.86 -12.85 -2.73
CA ARG B 43 -2.88 -11.78 -2.64
C ARG B 43 -3.50 -10.58 -1.92
N GLY B 44 -4.84 -10.51 -1.97
CA GLY B 44 -5.60 -9.44 -1.31
C GLY B 44 -4.72 -8.50 -0.54
N PHE B 45 -3.98 -7.69 -1.28
CA PHE B 45 -3.05 -6.74 -0.69
C PHE B 45 -2.79 -5.61 -1.70
N CYS B 46 -2.00 -4.61 -1.32
CA CYS B 46 -1.72 -3.50 -2.24
C CYS B 46 -0.25 -3.04 -2.17
N PHE B 47 0.24 -2.52 -3.30
CA PHE B 47 1.61 -2.01 -3.40
C PHE B 47 1.59 -0.48 -3.54
N ILE B 48 2.43 0.20 -2.77
CA ILE B 48 2.47 1.66 -2.83
C ILE B 48 3.89 2.15 -3.05
N THR B 49 4.06 3.05 -4.00
CA THR B 49 5.36 3.61 -4.32
C THR B 49 5.38 5.08 -3.93
N PHE B 50 6.47 5.55 -3.33
CA PHE B 50 6.54 6.95 -2.92
C PHE B 50 7.58 7.69 -3.75
N LYS B 51 7.19 8.80 -4.36
CA LYS B 51 8.14 9.59 -5.13
C LYS B 51 9.32 9.83 -4.23
N GLU B 52 8.99 10.05 -2.98
CA GLU B 52 9.95 10.28 -1.93
C GLU B 52 10.27 8.94 -1.25
N GLU B 53 11.17 8.95 -0.29
CA GLU B 53 11.53 7.73 0.39
C GLU B 53 11.19 7.79 1.88
N GLU B 54 10.61 8.89 2.33
CA GLU B 54 10.27 9.03 3.74
C GLU B 54 9.09 8.16 4.13
N PRO B 55 7.92 8.33 3.50
CA PRO B 55 6.76 7.50 3.83
C PRO B 55 7.18 6.06 3.81
N VAL B 56 8.13 5.79 2.93
CA VAL B 56 8.69 4.46 2.80
C VAL B 56 9.54 4.16 4.02
N LYS B 57 10.30 5.17 4.45
CA LYS B 57 11.16 5.05 5.61
C LYS B 57 10.37 4.64 6.84
N LYS B 58 9.24 5.30 7.03
CA LYS B 58 8.38 5.04 8.18
C LYS B 58 7.50 3.80 7.96
N ILE B 59 6.82 3.79 6.82
CA ILE B 59 5.92 2.70 6.47
C ILE B 59 6.51 1.33 6.80
N MET B 60 7.74 1.09 6.37
CA MET B 60 8.39 -0.19 6.60
C MET B 60 8.57 -0.46 8.09
N GLU B 61 8.61 0.60 8.89
CA GLU B 61 8.79 0.46 10.34
C GLU B 61 7.46 0.27 11.06
N LYS B 62 6.38 0.59 10.38
CA LYS B 62 5.04 0.46 10.96
C LYS B 62 4.52 -0.97 10.81
N LYS B 63 4.32 -1.65 11.94
CA LYS B 63 3.80 -3.01 11.92
C LYS B 63 2.78 -3.17 10.81
N TYR B 64 1.56 -2.73 11.08
CA TYR B 64 0.49 -2.80 10.11
C TYR B 64 0.08 -1.39 9.68
N HIS B 65 -0.73 -1.30 8.64
CA HIS B 65 -1.19 0.00 8.15
C HIS B 65 -2.71 0.07 8.13
N ASN B 66 -3.23 1.27 8.38
CA ASN B 66 -4.67 1.47 8.38
C ASN B 66 -5.07 2.55 7.39
N VAL B 67 -5.64 2.12 6.27
CA VAL B 67 -6.05 3.01 5.22
C VAL B 67 -7.57 3.05 5.10
N GLY B 68 -8.17 4.11 5.63
CA GLY B 68 -9.61 4.24 5.59
C GLY B 68 -10.32 3.01 6.11
N LEU B 69 -10.61 2.08 5.21
CA LEU B 69 -11.29 0.84 5.55
C LEU B 69 -10.29 -0.30 5.57
N SER B 70 -9.40 -0.28 4.60
CA SER B 70 -8.38 -1.31 4.44
C SER B 70 -7.22 -1.13 5.41
N LYS B 71 -6.61 -2.25 5.78
CA LYS B 71 -5.46 -2.26 6.70
C LYS B 71 -4.56 -3.45 6.37
N CYS B 72 -3.41 -3.16 5.79
CA CYS B 72 -2.48 -4.21 5.37
C CYS B 72 -1.05 -3.99 5.90
N GLU B 73 -0.31 -5.09 6.06
CA GLU B 73 1.07 -5.07 6.58
C GLU B 73 2.04 -4.57 5.53
N ILE B 74 2.59 -3.38 5.74
CA ILE B 74 3.50 -2.82 4.75
C ILE B 74 4.97 -3.04 5.05
N LYS B 75 5.55 -3.85 4.19
CA LYS B 75 6.97 -4.16 4.19
C LYS B 75 7.50 -3.70 2.85
N VAL B 76 8.60 -2.93 2.82
CA VAL B 76 9.09 -2.41 1.54
C VAL B 76 8.79 -3.37 0.40
N ALA B 77 8.08 -2.82 -0.56
CA ALA B 77 7.64 -3.53 -1.72
C ALA B 77 8.79 -3.74 -2.72
N MET B 78 8.67 -4.81 -3.49
CA MET B 78 9.67 -5.15 -4.49
C MET B 78 9.02 -5.37 -5.84
N SER B 79 9.28 -4.46 -6.76
CA SER B 79 8.74 -4.53 -8.09
C SER B 79 9.82 -4.88 -9.10
N VAL B 1 15.28 4.10 -5.01
CA VAL B 1 13.97 3.50 -5.15
C VAL B 1 13.24 3.49 -3.84
N LYS B 2 11.92 3.52 -3.92
CA LYS B 2 11.12 3.45 -2.74
C LYS B 2 9.75 2.87 -3.05
N LYS B 3 9.53 1.68 -2.53
CA LYS B 3 8.26 0.97 -2.71
C LYS B 3 7.89 0.33 -1.39
N ILE B 4 6.63 0.43 -1.07
CA ILE B 4 6.12 -0.15 0.14
C ILE B 4 5.09 -1.18 -0.23
N PHE B 5 5.32 -2.40 0.17
CA PHE B 5 4.41 -3.47 -0.14
C PHE B 5 3.45 -3.68 1.00
N VAL B 6 2.20 -3.32 0.76
CA VAL B 6 1.14 -3.45 1.72
C VAL B 6 0.58 -4.86 1.66
N GLY B 7 0.40 -5.49 2.81
CA GLY B 7 -0.07 -6.86 2.85
C GLY B 7 -1.59 -7.01 2.96
N GLY B 8 -2.00 -8.11 3.60
CA GLY B 8 -3.40 -8.41 3.79
C GLY B 8 -4.28 -7.18 3.94
N LEU B 9 -4.97 -6.83 2.87
CA LEU B 9 -5.86 -5.69 2.84
C LEU B 9 -7.30 -6.11 2.58
N SER B 10 -8.23 -5.25 2.98
CA SER B 10 -9.65 -5.50 2.80
C SER B 10 -9.96 -6.05 1.40
N PRO B 11 -11.24 -6.31 1.11
CA PRO B 11 -11.68 -6.86 -0.17
C PRO B 11 -11.49 -5.90 -1.36
N ASP B 12 -10.88 -4.73 -1.13
CA ASP B 12 -10.67 -3.78 -2.22
C ASP B 12 -10.39 -2.38 -1.69
N THR B 13 -9.17 -2.16 -1.20
CA THR B 13 -8.77 -0.85 -0.69
C THR B 13 -8.76 0.17 -1.81
N PRO B 14 -9.72 1.12 -1.78
CA PRO B 14 -9.80 2.16 -2.80
C PRO B 14 -8.50 2.97 -2.88
N GLU B 15 -7.77 2.80 -3.98
CA GLU B 15 -6.50 3.50 -4.17
C GLU B 15 -6.60 4.99 -3.84
N GLU B 16 -7.83 5.52 -3.78
CA GLU B 16 -8.05 6.94 -3.48
C GLU B 16 -7.67 7.31 -2.05
N LYS B 17 -7.95 6.43 -1.09
CA LYS B 17 -7.61 6.70 0.31
C LYS B 17 -6.14 6.53 0.49
N ILE B 18 -5.63 5.43 -0.02
CA ILE B 18 -4.22 5.16 0.06
C ILE B 18 -3.47 6.40 -0.40
N ARG B 19 -4.08 7.15 -1.32
CA ARG B 19 -3.50 8.38 -1.83
C ARG B 19 -3.54 9.46 -0.76
N GLU B 20 -4.55 9.44 0.09
CA GLU B 20 -4.67 10.43 1.16
C GLU B 20 -3.82 10.03 2.35
N TYR B 21 -3.89 8.77 2.73
CA TYR B 21 -3.13 8.23 3.84
C TYR B 21 -1.65 8.30 3.54
N PHE B 22 -1.29 7.76 2.38
CA PHE B 22 0.08 7.72 1.93
C PHE B 22 0.46 9.06 1.32
N GLY B 23 -0.50 9.73 0.71
CA GLY B 23 -0.22 11.05 0.20
C GLY B 23 0.08 11.91 1.38
N GLY B 24 -0.86 11.91 2.33
CA GLY B 24 -0.63 12.64 3.56
C GLY B 24 0.71 12.27 4.15
N PHE B 25 1.16 11.03 3.88
CA PHE B 25 2.45 10.55 4.35
C PHE B 25 3.52 11.49 3.81
N GLY B 26 3.40 11.75 2.52
CA GLY B 26 4.30 12.62 1.83
C GLY B 26 4.00 12.61 0.36
N GLU B 27 5.01 12.39 -0.46
CA GLU B 27 4.80 12.34 -1.90
C GLU B 27 4.66 10.92 -2.39
N VAL B 28 3.42 10.52 -2.61
CA VAL B 28 3.15 9.20 -3.12
C VAL B 28 3.46 9.20 -4.62
N GLU B 29 4.06 8.13 -5.09
CA GLU B 29 4.39 8.00 -6.50
C GLU B 29 3.25 7.30 -7.22
N SER B 30 2.80 6.17 -6.67
CA SER B 30 1.71 5.42 -7.27
C SER B 30 1.16 4.35 -6.32
N ILE B 31 -0.11 4.02 -6.51
CA ILE B 31 -0.77 3.00 -5.71
C ILE B 31 -1.40 1.94 -6.60
N GLU B 32 -0.96 0.70 -6.44
CA GLU B 32 -1.44 -0.41 -7.26
C GLU B 32 -2.05 -1.54 -6.44
N LEU B 33 -3.37 -1.64 -6.40
CA LEU B 33 -4.02 -2.74 -5.70
C LEU B 33 -4.34 -3.87 -6.68
N PRO B 34 -3.58 -4.97 -6.64
CA PRO B 34 -3.77 -6.11 -7.53
C PRO B 34 -4.98 -6.97 -7.17
N MET B 35 -5.89 -7.11 -8.11
CA MET B 35 -7.09 -7.90 -7.92
C MET B 35 -7.25 -8.89 -9.07
N ASP B 36 -7.49 -10.16 -8.74
CA ASP B 36 -7.65 -11.18 -9.76
C ASP B 36 -9.07 -11.70 -9.82
N ASN B 37 -9.81 -11.29 -10.85
CA ASN B 37 -11.18 -11.73 -11.03
C ASN B 37 -11.23 -13.09 -11.72
N LYS B 38 -10.09 -13.49 -12.28
CA LYS B 38 -9.99 -14.76 -12.99
C LYS B 38 -9.87 -15.93 -12.01
N THR B 39 -8.93 -15.82 -11.08
CA THR B 39 -8.72 -16.88 -10.09
C THR B 39 -9.02 -16.40 -8.68
N ASN B 40 -8.85 -15.10 -8.45
CA ASN B 40 -9.10 -14.52 -7.14
C ASN B 40 -8.17 -15.12 -6.09
N LYS B 41 -6.87 -14.92 -6.29
CA LYS B 41 -5.88 -15.44 -5.35
C LYS B 41 -6.01 -14.75 -4.00
N ARG B 42 -5.26 -15.25 -3.00
CA ARG B 42 -5.31 -14.69 -1.67
C ARG B 42 -4.17 -13.67 -1.49
N ARG B 43 -3.83 -12.98 -2.56
CA ARG B 43 -2.79 -11.97 -2.48
C ARG B 43 -3.34 -10.80 -1.70
N GLY B 44 -4.66 -10.61 -1.81
CA GLY B 44 -5.37 -9.56 -1.09
C GLY B 44 -4.45 -8.58 -0.40
N PHE B 45 -3.71 -7.83 -1.19
CA PHE B 45 -2.77 -6.86 -0.68
C PHE B 45 -2.54 -5.79 -1.76
N CYS B 46 -1.76 -4.76 -1.44
CA CYS B 46 -1.51 -3.70 -2.42
C CYS B 46 -0.09 -3.15 -2.33
N PHE B 47 0.38 -2.60 -3.44
CA PHE B 47 1.72 -2.02 -3.51
C PHE B 47 1.62 -0.49 -3.60
N ILE B 48 2.51 0.21 -2.91
CA ILE B 48 2.51 1.67 -2.93
C ILE B 48 3.92 2.21 -3.09
N THR B 49 4.13 2.98 -4.13
CA THR B 49 5.43 3.57 -4.40
C THR B 49 5.42 5.03 -4.01
N PHE B 50 6.49 5.51 -3.39
CA PHE B 50 6.55 6.91 -2.99
C PHE B 50 7.62 7.64 -3.79
N LYS B 51 7.24 8.74 -4.43
CA LYS B 51 8.22 9.53 -5.19
C LYS B 51 9.41 9.73 -4.30
N GLU B 52 9.10 9.95 -3.03
CA GLU B 52 10.10 10.14 -2.01
C GLU B 52 10.26 8.85 -1.21
N GLU B 53 11.26 8.79 -0.34
CA GLU B 53 11.49 7.59 0.44
C GLU B 53 11.11 7.77 1.90
N GLU B 54 10.42 8.86 2.23
CA GLU B 54 10.03 9.10 3.63
C GLU B 54 8.84 8.25 4.03
N PRO B 55 7.68 8.39 3.36
CA PRO B 55 6.52 7.56 3.68
C PRO B 55 6.96 6.12 3.72
N VAL B 56 7.94 5.85 2.90
CA VAL B 56 8.51 4.52 2.83
C VAL B 56 9.28 4.27 4.11
N LYS B 57 10.01 5.29 4.54
CA LYS B 57 10.78 5.22 5.77
C LYS B 57 9.87 4.92 6.96
N LYS B 58 8.72 5.61 7.02
CA LYS B 58 7.76 5.43 8.10
C LYS B 58 7.00 4.11 7.95
N ILE B 59 6.45 3.92 6.77
CA ILE B 59 5.68 2.74 6.43
C ILE B 59 6.35 1.44 6.83
N MET B 60 7.61 1.31 6.46
CA MET B 60 8.35 0.09 6.75
C MET B 60 8.47 -0.16 8.25
N GLU B 61 8.47 0.92 9.03
CA GLU B 61 8.57 0.79 10.49
C GLU B 61 7.20 0.55 11.09
N LYS B 62 6.16 0.76 10.30
CA LYS B 62 4.78 0.57 10.75
C LYS B 62 4.35 -0.87 10.57
N LYS B 63 4.40 -1.66 11.65
CA LYS B 63 3.99 -3.05 11.59
C LYS B 63 2.78 -3.20 10.68
N TYR B 64 1.63 -2.74 11.18
CA TYR B 64 0.39 -2.80 10.42
C TYR B 64 -0.07 -1.40 10.05
N HIS B 65 -0.76 -1.31 8.91
CA HIS B 65 -1.26 -0.05 8.42
C HIS B 65 -2.79 -0.01 8.46
N ASN B 66 -3.34 1.19 8.56
CA ASN B 66 -4.79 1.35 8.56
C ASN B 66 -5.19 2.49 7.65
N VAL B 67 -5.73 2.13 6.49
CA VAL B 67 -6.14 3.09 5.49
C VAL B 67 -7.64 3.37 5.60
N GLY B 68 -8.18 4.12 4.64
CA GLY B 68 -9.61 4.45 4.65
C GLY B 68 -10.44 3.43 5.39
N LEU B 69 -10.43 2.21 4.88
CA LEU B 69 -11.17 1.10 5.47
C LEU B 69 -10.26 -0.09 5.72
N SER B 70 -9.35 -0.30 4.78
CA SER B 70 -8.42 -1.42 4.84
C SER B 70 -7.26 -1.18 5.81
N LYS B 71 -6.76 -2.28 6.37
CA LYS B 71 -5.63 -2.24 7.30
C LYS B 71 -4.70 -3.41 7.00
N CYS B 72 -3.55 -3.12 6.39
CA CYS B 72 -2.62 -4.17 5.98
C CYS B 72 -1.19 -3.95 6.48
N GLU B 73 -0.46 -5.05 6.63
CA GLU B 73 0.94 -5.04 7.07
C GLU B 73 1.83 -4.58 5.92
N ILE B 74 2.39 -3.39 6.02
CA ILE B 74 3.21 -2.88 4.95
C ILE B 74 4.71 -3.08 5.15
N LYS B 75 5.27 -3.92 4.28
CA LYS B 75 6.70 -4.22 4.26
C LYS B 75 7.24 -3.69 2.95
N VAL B 76 8.35 -2.95 2.96
CA VAL B 76 8.88 -2.39 1.70
C VAL B 76 8.62 -3.31 0.54
N ALA B 77 8.02 -2.73 -0.48
CA ALA B 77 7.66 -3.42 -1.69
C ALA B 77 8.83 -3.61 -2.63
N MET B 78 8.74 -4.65 -3.43
CA MET B 78 9.76 -4.99 -4.41
C MET B 78 9.13 -5.31 -5.76
N SER B 79 9.44 -4.50 -6.75
CA SER B 79 8.91 -4.68 -8.10
C SER B 79 9.97 -5.18 -9.05
N VAL B 1 15.07 3.76 -5.70
CA VAL B 1 13.64 3.55 -5.69
C VAL B 1 13.11 3.36 -4.30
N LYS B 2 11.83 3.64 -4.14
CA LYS B 2 11.19 3.46 -2.87
C LYS B 2 9.75 2.98 -3.03
N LYS B 3 9.52 1.74 -2.62
CA LYS B 3 8.21 1.13 -2.69
C LYS B 3 7.86 0.52 -1.35
N ILE B 4 6.58 0.45 -1.07
CA ILE B 4 6.11 -0.14 0.15
C ILE B 4 5.08 -1.19 -0.21
N PHE B 5 5.34 -2.42 0.17
CA PHE B 5 4.44 -3.49 -0.14
C PHE B 5 3.45 -3.70 0.99
N VAL B 6 2.21 -3.31 0.73
CA VAL B 6 1.13 -3.42 1.69
C VAL B 6 0.54 -4.81 1.61
N GLY B 7 0.61 -5.53 2.72
CA GLY B 7 0.16 -6.90 2.80
C GLY B 7 -1.15 -7.11 3.52
N GLY B 8 -2.05 -7.85 2.88
CA GLY B 8 -3.34 -8.14 3.48
C GLY B 8 -4.26 -6.94 3.52
N LEU B 9 -4.97 -6.70 2.41
CA LEU B 9 -5.89 -5.58 2.32
C LEU B 9 -7.33 -6.04 2.18
N SER B 10 -8.25 -5.16 2.55
CA SER B 10 -9.68 -5.44 2.47
C SER B 10 -10.05 -6.01 1.10
N PRO B 11 -11.34 -6.11 0.77
CA PRO B 11 -11.80 -6.64 -0.49
C PRO B 11 -11.88 -5.59 -1.59
N ASP B 12 -11.14 -4.48 -1.42
CA ASP B 12 -11.14 -3.40 -2.40
C ASP B 12 -10.71 -2.08 -1.78
N THR B 13 -9.40 -1.92 -1.55
CA THR B 13 -8.88 -0.68 -0.97
C THR B 13 -8.87 0.44 -2.01
N PRO B 14 -9.73 1.45 -1.82
CA PRO B 14 -9.80 2.58 -2.73
C PRO B 14 -8.47 3.33 -2.81
N GLU B 15 -7.81 3.22 -3.96
CA GLU B 15 -6.51 3.87 -4.16
C GLU B 15 -6.57 5.36 -3.79
N GLU B 16 -7.77 5.92 -3.67
CA GLU B 16 -7.93 7.33 -3.33
C GLU B 16 -7.51 7.64 -1.89
N LYS B 17 -7.80 6.73 -0.95
CA LYS B 17 -7.42 6.95 0.45
C LYS B 17 -5.93 6.76 0.57
N ILE B 18 -5.47 5.64 0.05
CA ILE B 18 -4.06 5.35 0.08
C ILE B 18 -3.30 6.60 -0.38
N ARG B 19 -3.94 7.35 -1.27
CA ARG B 19 -3.37 8.59 -1.78
C ARG B 19 -3.35 9.66 -0.70
N GLU B 20 -4.36 9.65 0.17
CA GLU B 20 -4.45 10.62 1.26
C GLU B 20 -3.58 10.18 2.43
N TYR B 21 -3.83 8.96 2.89
CA TYR B 21 -3.07 8.38 3.99
C TYR B 21 -1.59 8.44 3.68
N PHE B 22 -1.23 7.92 2.52
CA PHE B 22 0.15 7.89 2.06
C PHE B 22 0.56 9.24 1.49
N GLY B 23 -0.39 9.94 0.90
CA GLY B 23 -0.09 11.27 0.41
C GLY B 23 0.25 12.10 1.60
N GLY B 24 -0.67 12.13 2.56
CA GLY B 24 -0.40 12.84 3.79
C GLY B 24 0.93 12.40 4.35
N PHE B 25 1.32 11.15 4.05
CA PHE B 25 2.60 10.61 4.49
C PHE B 25 3.70 11.52 3.96
N GLY B 26 3.54 11.84 2.69
CA GLY B 26 4.47 12.70 1.99
C GLY B 26 4.15 12.72 0.52
N GLU B 27 5.15 12.49 -0.32
CA GLU B 27 4.94 12.47 -1.75
C GLU B 27 4.76 11.05 -2.25
N VAL B 28 3.52 10.68 -2.49
CA VAL B 28 3.21 9.38 -3.00
C VAL B 28 3.52 9.36 -4.49
N GLU B 29 4.04 8.24 -4.97
CA GLU B 29 4.36 8.06 -6.37
C GLU B 29 3.15 7.44 -7.07
N SER B 30 2.67 6.33 -6.51
CA SER B 30 1.50 5.66 -7.07
C SER B 30 1.06 4.48 -6.20
N ILE B 31 -0.24 4.22 -6.23
CA ILE B 31 -0.84 3.11 -5.49
C ILE B 31 -1.39 2.09 -6.48
N GLU B 32 -1.03 0.83 -6.28
CA GLU B 32 -1.46 -0.23 -7.18
C GLU B 32 -2.21 -1.37 -6.47
N LEU B 33 -3.54 -1.39 -6.64
CA LEU B 33 -4.35 -2.45 -6.05
C LEU B 33 -4.59 -3.55 -7.09
N PRO B 34 -3.91 -4.70 -6.96
CA PRO B 34 -4.04 -5.82 -7.90
C PRO B 34 -5.25 -6.69 -7.56
N MET B 35 -6.05 -7.00 -8.58
CA MET B 35 -7.23 -7.84 -8.39
C MET B 35 -7.34 -8.88 -9.49
N ASP B 36 -7.55 -10.14 -9.09
CA ASP B 36 -7.68 -11.22 -10.06
C ASP B 36 -9.08 -11.82 -10.00
N ASN B 37 -9.89 -11.51 -11.01
CA ASN B 37 -11.26 -12.01 -11.07
C ASN B 37 -11.32 -13.41 -11.68
N LYS B 38 -10.22 -13.83 -12.30
CA LYS B 38 -10.16 -15.15 -12.92
C LYS B 38 -9.65 -16.21 -11.96
N THR B 39 -8.69 -15.84 -11.12
CA THR B 39 -8.12 -16.77 -10.15
C THR B 39 -8.47 -16.36 -8.72
N ASN B 40 -8.58 -15.05 -8.50
CA ASN B 40 -8.93 -14.54 -7.16
C ASN B 40 -7.95 -15.07 -6.12
N LYS B 41 -6.66 -14.84 -6.33
CA LYS B 41 -5.63 -15.29 -5.41
C LYS B 41 -5.78 -14.62 -4.05
N ARG B 42 -4.98 -15.05 -3.08
CA ARG B 42 -5.00 -14.49 -1.75
C ARG B 42 -3.99 -13.35 -1.64
N ARG B 43 -3.64 -12.79 -2.77
CA ARG B 43 -2.69 -11.68 -2.80
C ARG B 43 -3.37 -10.44 -2.25
N GLY B 44 -4.71 -10.41 -2.35
CA GLY B 44 -5.52 -9.30 -1.84
C GLY B 44 -4.71 -8.34 -0.99
N PHE B 45 -3.94 -7.52 -1.68
CA PHE B 45 -3.05 -6.57 -1.04
C PHE B 45 -2.74 -5.43 -2.01
N CYS B 46 -2.00 -4.43 -1.57
CA CYS B 46 -1.68 -3.30 -2.44
C CYS B 46 -0.23 -2.85 -2.31
N PHE B 47 0.31 -2.37 -3.43
CA PHE B 47 1.67 -1.87 -3.49
C PHE B 47 1.64 -0.34 -3.60
N ILE B 48 2.45 0.34 -2.80
CA ILE B 48 2.49 1.79 -2.83
C ILE B 48 3.90 2.30 -3.01
N THR B 49 4.09 3.10 -4.04
CA THR B 49 5.39 3.68 -4.34
C THR B 49 5.39 5.14 -3.95
N PHE B 50 6.47 5.62 -3.36
CA PHE B 50 6.54 7.01 -2.96
C PHE B 50 7.61 7.74 -3.76
N LYS B 51 7.24 8.85 -4.40
CA LYS B 51 8.20 9.63 -5.16
C LYS B 51 9.42 9.82 -4.29
N GLU B 52 9.12 10.04 -3.02
CA GLU B 52 10.13 10.24 -2.00
C GLU B 52 10.43 8.91 -1.31
N GLU B 53 11.16 8.98 -0.20
CA GLU B 53 11.51 7.76 0.54
C GLU B 53 11.18 7.89 2.02
N GLU B 54 10.46 8.94 2.39
CA GLU B 54 10.09 9.14 3.79
C GLU B 54 8.90 8.26 4.15
N PRO B 55 7.75 8.43 3.50
CA PRO B 55 6.61 7.58 3.78
C PRO B 55 7.04 6.14 3.74
N VAL B 56 8.05 5.92 2.91
CA VAL B 56 8.62 4.59 2.74
C VAL B 56 9.43 4.23 3.98
N LYS B 57 10.23 5.17 4.44
CA LYS B 57 11.06 4.95 5.61
C LYS B 57 10.19 4.75 6.86
N LYS B 58 9.07 5.46 6.94
CA LYS B 58 8.16 5.32 8.07
C LYS B 58 7.26 4.10 7.91
N ILE B 59 6.67 3.96 6.73
CA ILE B 59 5.79 2.84 6.43
C ILE B 59 6.38 1.49 6.82
N MET B 60 7.60 1.24 6.37
CA MET B 60 8.26 -0.02 6.66
C MET B 60 8.40 -0.24 8.16
N GLU B 61 8.49 0.85 8.91
CA GLU B 61 8.63 0.76 10.37
C GLU B 61 7.29 0.51 11.04
N LYS B 62 6.22 0.84 10.32
CA LYS B 62 4.86 0.65 10.85
C LYS B 62 4.43 -0.81 10.75
N LYS B 63 4.15 -1.41 11.90
CA LYS B 63 3.70 -2.80 11.93
C LYS B 63 2.64 -3.02 10.87
N TYR B 64 1.44 -2.50 11.13
CA TYR B 64 0.34 -2.61 10.18
C TYR B 64 -0.17 -1.23 9.81
N HIS B 65 -0.76 -1.12 8.63
CA HIS B 65 -1.29 0.16 8.16
C HIS B 65 -2.80 0.14 8.14
N ASN B 66 -3.41 1.30 8.40
CA ASN B 66 -4.85 1.40 8.38
C ASN B 66 -5.28 2.47 7.39
N VAL B 67 -5.79 2.02 6.24
CA VAL B 67 -6.24 2.91 5.20
C VAL B 67 -7.75 2.92 5.12
N GLY B 68 -8.35 4.11 5.15
CA GLY B 68 -9.79 4.22 5.08
C GLY B 68 -10.50 3.07 5.79
N LEU B 69 -10.77 2.01 5.05
CA LEU B 69 -11.43 0.84 5.57
C LEU B 69 -10.45 -0.32 5.69
N SER B 70 -9.57 -0.40 4.70
CA SER B 70 -8.57 -1.47 4.60
C SER B 70 -7.39 -1.24 5.55
N LYS B 71 -6.75 -2.35 5.93
CA LYS B 71 -5.58 -2.32 6.82
C LYS B 71 -4.65 -3.49 6.50
N CYS B 72 -3.48 -3.18 5.94
CA CYS B 72 -2.52 -4.22 5.53
C CYS B 72 -1.10 -3.96 6.07
N GLU B 73 -0.33 -5.06 6.24
CA GLU B 73 1.04 -4.98 6.74
C GLU B 73 1.99 -4.50 5.65
N ILE B 74 2.52 -3.29 5.79
CA ILE B 74 3.39 -2.76 4.77
C ILE B 74 4.88 -2.95 5.02
N LYS B 75 5.47 -3.79 4.17
CA LYS B 75 6.90 -4.07 4.18
C LYS B 75 7.43 -3.58 2.85
N VAL B 76 8.52 -2.82 2.83
CA VAL B 76 9.03 -2.29 1.57
C VAL B 76 8.76 -3.22 0.41
N ALA B 77 8.07 -2.68 -0.56
CA ALA B 77 7.65 -3.39 -1.75
C ALA B 77 8.78 -3.53 -2.76
N MET B 78 8.71 -4.59 -3.54
CA MET B 78 9.70 -4.87 -4.56
C MET B 78 9.05 -4.96 -5.95
N SER B 79 9.33 -3.98 -6.78
CA SER B 79 8.79 -3.93 -8.13
C SER B 79 9.87 -4.21 -9.16
N VAL B 1 15.10 3.58 -5.56
CA VAL B 1 13.67 3.29 -5.56
C VAL B 1 13.13 3.17 -4.17
N LYS B 2 11.85 3.42 -4.05
CA LYS B 2 11.19 3.27 -2.79
C LYS B 2 9.77 2.78 -2.96
N LYS B 3 9.54 1.54 -2.52
CA LYS B 3 8.24 0.92 -2.59
C LYS B 3 7.89 0.34 -1.23
N ILE B 4 6.62 0.27 -0.95
CA ILE B 4 6.16 -0.29 0.28
C ILE B 4 5.11 -1.33 -0.04
N PHE B 5 5.36 -2.56 0.36
CA PHE B 5 4.43 -3.62 0.07
C PHE B 5 3.45 -3.79 1.22
N VAL B 6 2.21 -3.41 0.95
CA VAL B 6 1.13 -3.49 1.91
C VAL B 6 0.52 -4.89 1.85
N GLY B 7 0.48 -5.57 2.99
CA GLY B 7 -0.02 -6.94 3.04
C GLY B 7 -1.31 -7.10 3.81
N GLY B 8 -2.31 -7.71 3.17
CA GLY B 8 -3.60 -7.94 3.79
C GLY B 8 -4.49 -6.71 3.80
N LEU B 9 -5.21 -6.51 2.70
CA LEU B 9 -6.10 -5.38 2.55
C LEU B 9 -7.55 -5.84 2.39
N SER B 10 -8.48 -4.94 2.71
CA SER B 10 -9.91 -5.22 2.60
C SER B 10 -10.24 -5.82 1.23
N PRO B 11 -11.54 -5.99 0.91
CA PRO B 11 -11.96 -6.58 -0.36
C PRO B 11 -11.97 -5.57 -1.51
N ASP B 12 -11.15 -4.52 -1.41
CA ASP B 12 -11.06 -3.50 -2.45
C ASP B 12 -10.68 -2.15 -1.85
N THR B 13 -9.39 -1.96 -1.58
CA THR B 13 -8.91 -0.70 -1.01
C THR B 13 -8.87 0.38 -2.06
N PRO B 14 -9.73 1.39 -1.93
CA PRO B 14 -9.77 2.51 -2.87
C PRO B 14 -8.44 3.24 -2.90
N GLU B 15 -7.73 3.14 -4.02
CA GLU B 15 -6.42 3.80 -4.16
C GLU B 15 -6.50 5.28 -3.78
N GLU B 16 -7.71 5.83 -3.70
CA GLU B 16 -7.90 7.24 -3.35
C GLU B 16 -7.49 7.56 -1.91
N LYS B 17 -7.74 6.65 -0.98
CA LYS B 17 -7.36 6.88 0.42
C LYS B 17 -5.88 6.71 0.54
N ILE B 18 -5.40 5.60 0.02
CA ILE B 18 -3.99 5.33 0.05
C ILE B 18 -3.25 6.58 -0.41
N ARG B 19 -3.89 7.33 -1.32
CA ARG B 19 -3.32 8.58 -1.83
C ARG B 19 -3.29 9.63 -0.73
N GLU B 20 -4.30 9.60 0.15
CA GLU B 20 -4.38 10.55 1.26
C GLU B 20 -3.52 10.06 2.41
N TYR B 21 -3.83 8.87 2.89
CA TYR B 21 -3.08 8.27 3.98
C TYR B 21 -1.59 8.35 3.68
N PHE B 22 -1.21 7.83 2.52
CA PHE B 22 0.17 7.81 2.08
C PHE B 22 0.57 9.17 1.52
N GLY B 23 -0.38 9.87 0.93
CA GLY B 23 -0.08 11.20 0.45
C GLY B 23 0.30 12.02 1.64
N GLY B 24 -0.60 12.08 2.60
CA GLY B 24 -0.31 12.78 3.83
C GLY B 24 1.04 12.34 4.36
N PHE B 25 1.40 11.08 4.05
CA PHE B 25 2.69 10.53 4.46
C PHE B 25 3.77 11.41 3.88
N GLY B 26 3.57 11.75 2.61
CA GLY B 26 4.49 12.59 1.89
C GLY B 26 4.15 12.60 0.42
N GLU B 27 5.14 12.37 -0.42
CA GLU B 27 4.90 12.33 -1.87
C GLU B 27 4.73 10.91 -2.35
N VAL B 28 3.48 10.53 -2.54
CA VAL B 28 3.18 9.22 -3.04
C VAL B 28 3.43 9.21 -4.55
N GLU B 29 4.04 8.15 -5.05
CA GLU B 29 4.30 8.03 -6.47
C GLU B 29 3.17 7.29 -7.16
N SER B 30 2.85 6.09 -6.66
CA SER B 30 1.77 5.29 -7.25
C SER B 30 1.20 4.28 -6.26
N ILE B 31 -0.02 3.85 -6.53
CA ILE B 31 -0.71 2.87 -5.70
C ILE B 31 -1.34 1.81 -6.60
N GLU B 32 -1.02 0.55 -6.33
CA GLU B 32 -1.53 -0.55 -7.16
C GLU B 32 -2.31 -1.62 -6.38
N LEU B 33 -3.62 -1.65 -6.59
CA LEU B 33 -4.46 -2.66 -5.95
C LEU B 33 -4.68 -3.81 -6.94
N PRO B 34 -4.03 -4.96 -6.73
CA PRO B 34 -4.14 -6.13 -7.60
C PRO B 34 -5.37 -6.99 -7.33
N MET B 35 -6.04 -7.39 -8.40
CA MET B 35 -7.23 -8.22 -8.30
C MET B 35 -7.18 -9.35 -9.34
N ASP B 36 -7.48 -10.57 -8.90
CA ASP B 36 -7.45 -11.72 -9.80
C ASP B 36 -8.84 -12.30 -10.02
N ASN B 37 -9.39 -12.05 -11.21
CA ASN B 37 -10.72 -12.53 -11.56
C ASN B 37 -10.68 -13.98 -12.05
N LYS B 38 -9.52 -14.41 -12.52
CA LYS B 38 -9.36 -15.77 -13.05
C LYS B 38 -9.07 -16.78 -11.95
N THR B 39 -8.08 -16.49 -11.12
CA THR B 39 -7.71 -17.41 -10.03
C THR B 39 -8.14 -16.86 -8.68
N ASN B 40 -8.28 -15.54 -8.58
CA ASN B 40 -8.69 -14.92 -7.33
C ASN B 40 -7.85 -15.42 -6.16
N LYS B 41 -6.54 -15.21 -6.25
CA LYS B 41 -5.63 -15.66 -5.20
C LYS B 41 -5.85 -14.88 -3.90
N ARG B 42 -5.14 -15.26 -2.85
CA ARG B 42 -5.26 -14.61 -1.56
C ARG B 42 -4.19 -13.50 -1.43
N ARG B 43 -3.95 -12.82 -2.54
CA ARG B 43 -2.99 -11.73 -2.54
C ARG B 43 -3.57 -10.55 -1.77
N GLY B 44 -4.90 -10.48 -1.78
CA GLY B 44 -5.64 -9.42 -1.07
C GLY B 44 -4.73 -8.46 -0.34
N PHE B 45 -3.99 -7.69 -1.11
CA PHE B 45 -3.04 -6.73 -0.57
C PHE B 45 -2.77 -5.64 -1.60
N CYS B 46 -1.97 -4.64 -1.26
CA CYS B 46 -1.69 -3.56 -2.21
C CYS B 46 -0.23 -3.12 -2.15
N PHE B 47 0.25 -2.62 -3.28
CA PHE B 47 1.64 -2.13 -3.39
C PHE B 47 1.62 -0.62 -3.57
N ILE B 48 2.51 0.07 -2.87
CA ILE B 48 2.58 1.52 -2.95
C ILE B 48 4.01 1.99 -3.19
N THR B 49 4.14 3.01 -4.00
CA THR B 49 5.44 3.58 -4.30
C THR B 49 5.44 5.04 -3.94
N PHE B 50 6.51 5.54 -3.33
CA PHE B 50 6.56 6.94 -2.94
C PHE B 50 7.58 7.70 -3.77
N LYS B 51 7.16 8.79 -4.39
CA LYS B 51 8.09 9.60 -5.17
C LYS B 51 9.27 9.87 -4.27
N GLU B 52 8.93 10.08 -3.01
CA GLU B 52 9.90 10.32 -1.97
C GLU B 52 10.32 8.99 -1.36
N GLU B 53 11.02 9.04 -0.25
CA GLU B 53 11.47 7.82 0.42
C GLU B 53 11.15 7.85 1.90
N GLU B 54 10.51 8.92 2.35
CA GLU B 54 10.17 9.06 3.77
C GLU B 54 8.98 8.18 4.15
N PRO B 55 7.82 8.34 3.50
CA PRO B 55 6.67 7.50 3.81
C PRO B 55 7.09 6.07 3.81
N VAL B 56 8.07 5.80 2.96
CA VAL B 56 8.64 4.48 2.85
C VAL B 56 9.43 4.18 4.11
N LYS B 57 10.16 5.18 4.57
CA LYS B 57 10.96 5.08 5.78
C LYS B 57 10.09 4.73 6.99
N LYS B 58 8.99 5.46 7.14
CA LYS B 58 8.09 5.25 8.27
C LYS B 58 7.22 4.01 8.04
N ILE B 59 6.66 3.89 6.85
CA ILE B 59 5.80 2.77 6.50
C ILE B 59 6.43 1.44 6.87
N MET B 60 7.70 1.27 6.52
CA MET B 60 8.40 0.03 6.79
C MET B 60 8.53 -0.20 8.30
N GLU B 61 8.35 0.86 9.07
CA GLU B 61 8.45 0.78 10.52
C GLU B 61 7.10 0.38 11.12
N LYS B 62 6.03 0.72 10.44
CA LYS B 62 4.69 0.39 10.91
C LYS B 62 4.29 -1.00 10.44
N LYS B 63 4.54 -2.00 11.28
CA LYS B 63 4.21 -3.38 10.92
C LYS B 63 2.91 -3.43 10.14
N TYR B 64 1.91 -2.74 10.67
CA TYR B 64 0.60 -2.72 10.03
C TYR B 64 0.16 -1.28 9.72
N HIS B 65 -0.74 -1.17 8.75
CA HIS B 65 -1.26 0.11 8.33
C HIS B 65 -2.79 0.12 8.35
N ASN B 66 -3.36 1.32 8.45
CA ASN B 66 -4.81 1.45 8.46
C ASN B 66 -5.26 2.50 7.44
N VAL B 67 -5.81 2.01 6.33
CA VAL B 67 -6.27 2.85 5.26
C VAL B 67 -7.80 2.84 5.19
N GLY B 68 -8.42 4.02 5.22
CA GLY B 68 -9.86 4.11 5.17
C GLY B 68 -10.54 2.96 5.89
N LEU B 69 -10.79 1.87 5.17
CA LEU B 69 -11.43 0.70 5.71
C LEU B 69 -10.42 -0.43 5.86
N SER B 70 -9.51 -0.48 4.91
CA SER B 70 -8.48 -1.51 4.85
C SER B 70 -7.32 -1.28 5.83
N LYS B 71 -6.67 -2.37 6.20
CA LYS B 71 -5.53 -2.35 7.12
C LYS B 71 -4.59 -3.51 6.78
N CYS B 72 -3.44 -3.19 6.19
CA CYS B 72 -2.50 -4.22 5.76
C CYS B 72 -1.07 -3.99 6.27
N GLU B 73 -0.30 -5.10 6.41
CA GLU B 73 1.08 -5.06 6.88
C GLU B 73 2.02 -4.57 5.79
N ILE B 74 2.54 -3.36 5.95
CA ILE B 74 3.42 -2.80 4.93
C ILE B 74 4.90 -3.00 5.20
N LYS B 75 5.50 -3.81 4.35
CA LYS B 75 6.93 -4.09 4.37
C LYS B 75 7.47 -3.63 3.02
N VAL B 76 8.58 -2.89 2.99
CA VAL B 76 9.10 -2.41 1.70
C VAL B 76 8.80 -3.38 0.58
N ALA B 77 8.08 -2.86 -0.39
CA ALA B 77 7.65 -3.60 -1.55
C ALA B 77 8.78 -3.80 -2.55
N MET B 78 8.66 -4.87 -3.33
CA MET B 78 9.62 -5.21 -4.35
C MET B 78 8.93 -5.43 -5.68
N SER B 79 9.21 -4.55 -6.63
CA SER B 79 8.60 -4.63 -7.95
C SER B 79 9.62 -5.08 -8.99
N VAL B 1 15.16 3.90 -5.34
CA VAL B 1 13.81 3.36 -5.38
C VAL B 1 13.14 3.45 -4.04
N LYS B 2 11.83 3.53 -4.08
CA LYS B 2 11.08 3.57 -2.86
C LYS B 2 9.69 3.00 -3.06
N LYS B 3 9.46 1.85 -2.44
CA LYS B 3 8.17 1.18 -2.50
C LYS B 3 7.79 0.68 -1.11
N ILE B 4 6.55 0.28 -0.99
CA ILE B 4 6.03 -0.27 0.24
C ILE B 4 5.05 -1.36 -0.11
N PHE B 5 5.30 -2.55 0.36
CA PHE B 5 4.40 -3.63 0.06
C PHE B 5 3.42 -3.81 1.20
N VAL B 6 2.17 -3.44 0.92
CA VAL B 6 1.10 -3.54 1.88
C VAL B 6 0.47 -4.93 1.77
N GLY B 7 0.36 -5.62 2.90
CA GLY B 7 -0.14 -6.98 2.91
C GLY B 7 -1.45 -7.16 3.65
N GLY B 8 -2.43 -7.72 2.95
CA GLY B 8 -3.74 -7.96 3.54
C GLY B 8 -4.64 -6.73 3.55
N LEU B 9 -5.34 -6.52 2.45
CA LEU B 9 -6.23 -5.37 2.30
C LEU B 9 -7.68 -5.83 2.12
N SER B 10 -8.61 -4.93 2.44
CA SER B 10 -10.04 -5.21 2.31
C SER B 10 -10.37 -5.78 0.92
N PRO B 11 -11.65 -5.92 0.58
CA PRO B 11 -12.07 -6.47 -0.71
C PRO B 11 -12.09 -5.44 -1.83
N ASP B 12 -11.29 -4.37 -1.67
CA ASP B 12 -11.21 -3.31 -2.69
C ASP B 12 -10.79 -1.98 -2.08
N THR B 13 -9.50 -1.86 -1.79
CA THR B 13 -8.97 -0.62 -1.20
C THR B 13 -8.91 0.49 -2.24
N PRO B 14 -9.76 1.51 -2.09
CA PRO B 14 -9.78 2.65 -3.01
C PRO B 14 -8.43 3.38 -3.02
N GLU B 15 -7.72 3.30 -4.13
CA GLU B 15 -6.42 3.95 -4.26
C GLU B 15 -6.48 5.43 -3.85
N GLU B 16 -7.69 5.98 -3.76
CA GLU B 16 -7.88 7.38 -3.39
C GLU B 16 -7.47 7.67 -1.94
N LYS B 17 -7.75 6.73 -1.04
CA LYS B 17 -7.37 6.93 0.37
C LYS B 17 -5.90 6.73 0.51
N ILE B 18 -5.42 5.62 -0.03
CA ILE B 18 -4.01 5.34 0.01
C ILE B 18 -3.26 6.58 -0.45
N ARG B 19 -3.90 7.35 -1.31
CA ARG B 19 -3.32 8.59 -1.82
C ARG B 19 -3.29 9.63 -0.71
N GLU B 20 -4.30 9.60 0.16
CA GLU B 20 -4.38 10.54 1.29
C GLU B 20 -3.55 10.06 2.46
N TYR B 21 -3.83 8.84 2.92
CA TYR B 21 -3.09 8.25 4.02
C TYR B 21 -1.60 8.33 3.74
N PHE B 22 -1.22 7.83 2.57
CA PHE B 22 0.15 7.83 2.13
C PHE B 22 0.53 9.20 1.60
N GLY B 23 -0.43 9.91 1.03
CA GLY B 23 -0.15 11.24 0.58
C GLY B 23 0.25 12.04 1.78
N GLY B 24 -0.65 12.06 2.76
CA GLY B 24 -0.33 12.72 4.00
C GLY B 24 1.03 12.25 4.50
N PHE B 25 1.39 11.00 4.14
CA PHE B 25 2.68 10.44 4.52
C PHE B 25 3.77 11.34 3.97
N GLY B 26 3.54 11.77 2.74
CA GLY B 26 4.46 12.62 2.04
C GLY B 26 4.10 12.67 0.58
N GLU B 27 5.07 12.46 -0.28
CA GLU B 27 4.82 12.44 -1.71
C GLU B 27 4.64 11.03 -2.20
N VAL B 28 3.39 10.65 -2.39
CA VAL B 28 3.09 9.34 -2.88
C VAL B 28 3.33 9.34 -4.39
N GLU B 29 3.90 8.26 -4.90
CA GLU B 29 4.15 8.12 -6.31
C GLU B 29 2.95 7.47 -6.98
N SER B 30 2.56 6.30 -6.48
CA SER B 30 1.41 5.60 -7.02
C SER B 30 1.01 4.40 -6.15
N ILE B 31 -0.29 4.09 -6.19
CA ILE B 31 -0.85 2.97 -5.45
C ILE B 31 -1.40 1.93 -6.42
N GLU B 32 -1.05 0.67 -6.20
CA GLU B 32 -1.49 -0.40 -7.10
C GLU B 32 -2.26 -1.52 -6.40
N LEU B 33 -3.57 -1.58 -6.65
CA LEU B 33 -4.41 -2.62 -6.09
C LEU B 33 -4.58 -3.76 -7.10
N PRO B 34 -3.92 -4.91 -6.86
CA PRO B 34 -3.99 -6.06 -7.75
C PRO B 34 -5.19 -6.97 -7.46
N MET B 35 -5.94 -7.29 -8.49
CA MET B 35 -7.11 -8.16 -8.36
C MET B 35 -7.14 -9.20 -9.47
N ASP B 36 -7.37 -10.46 -9.10
CA ASP B 36 -7.42 -11.54 -10.07
C ASP B 36 -8.85 -12.02 -10.27
N ASN B 37 -9.44 -11.67 -11.41
CA ASN B 37 -10.81 -12.07 -11.73
C ASN B 37 -10.84 -13.48 -12.32
N LYS B 38 -9.68 -14.01 -12.65
CA LYS B 38 -9.58 -15.35 -13.23
C LYS B 38 -9.65 -16.42 -12.14
N THR B 39 -8.81 -16.29 -11.13
CA THR B 39 -8.78 -17.25 -10.03
C THR B 39 -9.08 -16.57 -8.70
N ASN B 40 -8.69 -15.31 -8.59
CA ASN B 40 -8.91 -14.54 -7.36
C ASN B 40 -8.02 -15.03 -6.23
N LYS B 41 -6.72 -15.03 -6.47
CA LYS B 41 -5.76 -15.48 -5.47
C LYS B 41 -5.99 -14.79 -4.13
N ARG B 42 -5.17 -15.12 -3.14
CA ARG B 42 -5.29 -14.53 -1.82
C ARG B 42 -4.22 -13.45 -1.64
N ARG B 43 -3.90 -12.77 -2.73
CA ARG B 43 -2.92 -11.70 -2.69
C ARG B 43 -3.52 -10.50 -1.96
N GLY B 44 -4.85 -10.43 -1.98
CA GLY B 44 -5.60 -9.36 -1.32
C GLY B 44 -4.71 -8.42 -0.56
N PHE B 45 -3.97 -7.62 -1.29
CA PHE B 45 -3.03 -6.68 -0.73
C PHE B 45 -2.75 -5.55 -1.72
N CYS B 46 -1.96 -4.55 -1.34
CA CYS B 46 -1.67 -3.45 -2.25
C CYS B 46 -0.22 -2.98 -2.16
N PHE B 47 0.31 -2.54 -3.30
CA PHE B 47 1.69 -2.04 -3.39
C PHE B 47 1.66 -0.52 -3.55
N ILE B 48 2.51 0.18 -2.80
CA ILE B 48 2.55 1.64 -2.86
C ILE B 48 3.97 2.14 -3.09
N THR B 49 4.09 3.11 -3.98
CA THR B 49 5.38 3.71 -4.30
C THR B 49 5.38 5.17 -3.92
N PHE B 50 6.46 5.66 -3.33
CA PHE B 50 6.51 7.08 -2.95
C PHE B 50 7.53 7.82 -3.81
N LYS B 51 7.09 8.91 -4.45
CA LYS B 51 8.01 9.70 -5.26
C LYS B 51 9.29 9.87 -4.48
N GLU B 52 9.09 10.10 -3.20
CA GLU B 52 10.17 10.26 -2.26
C GLU B 52 10.38 8.95 -1.52
N GLU B 53 11.43 8.87 -0.72
CA GLU B 53 11.70 7.64 0.01
C GLU B 53 11.50 7.83 1.51
N GLU B 54 10.87 8.92 1.91
CA GLU B 54 10.65 9.18 3.32
C GLU B 54 9.45 8.42 3.86
N PRO B 55 8.23 8.64 3.33
CA PRO B 55 7.09 7.89 3.81
C PRO B 55 7.44 6.44 3.82
N VAL B 56 8.21 6.06 2.83
CA VAL B 56 8.68 4.70 2.71
C VAL B 56 9.56 4.35 3.90
N LYS B 57 10.39 5.30 4.30
CA LYS B 57 11.29 5.11 5.43
C LYS B 57 10.52 4.67 6.67
N LYS B 58 9.45 5.38 6.97
CA LYS B 58 8.63 5.09 8.15
C LYS B 58 7.65 3.95 7.88
N ILE B 59 6.99 4.02 6.73
CA ILE B 59 6.02 3.04 6.30
C ILE B 59 6.46 1.62 6.66
N MET B 60 7.61 1.23 6.13
CA MET B 60 8.13 -0.11 6.36
C MET B 60 8.27 -0.41 7.84
N GLU B 61 8.44 0.63 8.65
CA GLU B 61 8.57 0.46 10.09
C GLU B 61 7.20 0.40 10.75
N LYS B 62 6.17 0.78 9.99
CA LYS B 62 4.80 0.78 10.50
C LYS B 62 4.22 -0.63 10.45
N LYS B 63 4.11 -1.25 11.61
CA LYS B 63 3.58 -2.61 11.72
C LYS B 63 2.43 -2.82 10.73
N TYR B 64 1.33 -2.11 10.96
CA TYR B 64 0.16 -2.23 10.11
C TYR B 64 -0.39 -0.84 9.74
N HIS B 65 -0.87 -0.71 8.51
CA HIS B 65 -1.41 0.56 8.03
C HIS B 65 -2.93 0.46 7.88
N ASN B 66 -3.65 1.39 8.49
CA ASN B 66 -5.11 1.38 8.40
C ASN B 66 -5.59 2.41 7.38
N VAL B 67 -6.02 1.92 6.23
CA VAL B 67 -6.52 2.77 5.16
C VAL B 67 -8.05 2.71 5.09
N GLY B 68 -8.68 3.88 5.05
CA GLY B 68 -10.14 3.93 4.99
C GLY B 68 -10.78 2.78 5.73
N LEU B 69 -11.01 1.69 5.01
CA LEU B 69 -11.62 0.49 5.58
C LEU B 69 -10.58 -0.62 5.67
N SER B 70 -9.70 -0.62 4.69
CA SER B 70 -8.65 -1.62 4.58
C SER B 70 -7.49 -1.38 5.54
N LYS B 71 -6.82 -2.46 5.91
CA LYS B 71 -5.67 -2.43 6.81
C LYS B 71 -4.73 -3.59 6.47
N CYS B 72 -3.57 -3.25 5.90
CA CYS B 72 -2.62 -4.28 5.47
C CYS B 72 -1.20 -4.02 6.02
N GLU B 73 -0.43 -5.11 6.19
CA GLU B 73 0.95 -5.04 6.71
C GLU B 73 1.92 -4.51 5.67
N ILE B 74 2.46 -3.33 5.91
CA ILE B 74 3.38 -2.74 4.95
C ILE B 74 4.86 -2.97 5.25
N LYS B 75 5.46 -3.75 4.36
CA LYS B 75 6.88 -4.05 4.39
C LYS B 75 7.42 -3.59 3.04
N VAL B 76 8.49 -2.78 3.02
CA VAL B 76 8.98 -2.27 1.74
C VAL B 76 8.76 -3.26 0.63
N ALA B 77 8.03 -2.78 -0.35
CA ALA B 77 7.65 -3.53 -1.51
C ALA B 77 8.81 -3.71 -2.48
N MET B 78 8.74 -4.78 -3.25
CA MET B 78 9.77 -5.09 -4.25
C MET B 78 9.10 -5.46 -5.57
N SER B 79 9.38 -4.68 -6.61
CA SER B 79 8.81 -4.93 -7.92
C SER B 79 9.85 -5.48 -8.88
N VAL B 1 15.38 3.67 -5.07
CA VAL B 1 13.98 3.30 -5.20
C VAL B 1 13.29 3.28 -3.86
N LYS B 2 11.98 3.43 -3.91
CA LYS B 2 11.21 3.37 -2.69
C LYS B 2 9.80 2.85 -2.94
N LYS B 3 9.54 1.66 -2.41
CA LYS B 3 8.23 1.03 -2.53
C LYS B 3 7.87 0.40 -1.21
N ILE B 4 6.59 0.37 -0.93
CA ILE B 4 6.11 -0.22 0.28
C ILE B 4 5.04 -1.23 -0.07
N PHE B 5 5.27 -2.46 0.30
CA PHE B 5 4.33 -3.50 -0.02
C PHE B 5 3.36 -3.68 1.14
N VAL B 6 2.12 -3.28 0.90
CA VAL B 6 1.06 -3.36 1.89
C VAL B 6 0.36 -4.71 1.79
N GLY B 7 0.43 -5.47 2.87
CA GLY B 7 -0.15 -6.79 2.89
C GLY B 7 -1.66 -6.83 2.69
N GLY B 8 -2.28 -7.84 3.28
CA GLY B 8 -3.72 -8.04 3.19
C GLY B 8 -4.54 -6.80 3.45
N LEU B 9 -5.18 -6.33 2.39
CA LEU B 9 -6.04 -5.16 2.44
C LEU B 9 -7.50 -5.58 2.30
N SER B 10 -8.40 -4.73 2.77
CA SER B 10 -9.84 -4.99 2.70
C SER B 10 -10.21 -5.56 1.33
N PRO B 11 -11.50 -5.88 1.14
CA PRO B 11 -11.99 -6.43 -0.13
C PRO B 11 -12.14 -5.38 -1.24
N ASP B 12 -11.36 -4.30 -1.16
CA ASP B 12 -11.41 -3.25 -2.17
C ASP B 12 -10.88 -1.92 -1.63
N THR B 13 -9.56 -1.82 -1.47
CA THR B 13 -8.96 -0.59 -0.97
C THR B 13 -8.89 0.45 -2.07
N PRO B 14 -9.68 1.52 -1.94
CA PRO B 14 -9.70 2.61 -2.92
C PRO B 14 -8.40 3.41 -2.90
N GLU B 15 -7.60 3.27 -3.96
CA GLU B 15 -6.32 3.98 -4.05
C GLU B 15 -6.47 5.45 -3.62
N GLU B 16 -7.70 5.96 -3.62
CA GLU B 16 -7.97 7.34 -3.24
C GLU B 16 -7.55 7.65 -1.79
N LYS B 17 -7.86 6.77 -0.84
CA LYS B 17 -7.46 7.02 0.54
C LYS B 17 -6.00 6.71 0.64
N ILE B 18 -5.64 5.59 0.08
CA ILE B 18 -4.28 5.17 0.02
C ILE B 18 -3.43 6.34 -0.47
N ARG B 19 -4.05 7.20 -1.29
CA ARG B 19 -3.39 8.39 -1.81
C ARG B 19 -3.29 9.45 -0.72
N GLU B 20 -4.28 9.48 0.16
CA GLU B 20 -4.31 10.45 1.27
C GLU B 20 -3.43 9.96 2.42
N TYR B 21 -3.74 8.79 2.91
CA TYR B 21 -2.99 8.20 4.00
C TYR B 21 -1.50 8.29 3.71
N PHE B 22 -1.13 7.78 2.55
CA PHE B 22 0.24 7.78 2.09
C PHE B 22 0.62 9.14 1.53
N GLY B 23 -0.35 9.82 0.94
CA GLY B 23 -0.07 11.15 0.44
C GLY B 23 0.31 12.00 1.62
N GLY B 24 -0.59 12.06 2.60
CA GLY B 24 -0.30 12.78 3.81
C GLY B 24 1.05 12.34 4.35
N PHE B 25 1.41 11.09 4.06
CA PHE B 25 2.71 10.55 4.47
C PHE B 25 3.80 11.42 3.87
N GLY B 26 3.58 11.74 2.61
CA GLY B 26 4.51 12.56 1.85
C GLY B 26 4.15 12.54 0.38
N GLU B 27 5.12 12.31 -0.47
CA GLU B 27 4.87 12.25 -1.90
C GLU B 27 4.70 10.83 -2.37
N VAL B 28 3.46 10.45 -2.59
CA VAL B 28 3.16 9.14 -3.08
C VAL B 28 3.46 9.09 -4.58
N GLU B 29 4.05 8.00 -5.03
CA GLU B 29 4.37 7.83 -6.44
C GLU B 29 3.24 7.09 -7.15
N SER B 30 2.87 5.93 -6.61
CA SER B 30 1.81 5.13 -7.21
C SER B 30 1.20 4.12 -6.24
N ILE B 31 -0.08 3.79 -6.47
CA ILE B 31 -0.81 2.83 -5.65
C ILE B 31 -1.48 1.80 -6.55
N GLU B 32 -1.16 0.53 -6.34
CA GLU B 32 -1.72 -0.54 -7.17
C GLU B 32 -2.44 -1.63 -6.37
N LEU B 33 -3.76 -1.75 -6.60
CA LEU B 33 -4.55 -2.80 -5.95
C LEU B 33 -4.70 -3.98 -6.92
N PRO B 34 -3.99 -5.10 -6.68
CA PRO B 34 -4.03 -6.29 -7.54
C PRO B 34 -5.15 -7.25 -7.17
N MET B 35 -5.99 -7.56 -8.15
CA MET B 35 -7.10 -8.49 -7.95
C MET B 35 -7.19 -9.46 -9.12
N ASP B 36 -7.27 -10.75 -8.82
CA ASP B 36 -7.36 -11.77 -9.85
C ASP B 36 -8.68 -12.53 -9.78
N ASN B 37 -9.58 -12.25 -10.72
CA ASN B 37 -10.88 -12.90 -10.76
C ASN B 37 -10.79 -14.27 -11.45
N LYS B 38 -9.63 -14.55 -12.05
CA LYS B 38 -9.42 -15.80 -12.76
C LYS B 38 -8.83 -16.88 -11.85
N THR B 39 -7.76 -16.54 -11.16
CA THR B 39 -7.09 -17.48 -10.27
C THR B 39 -7.61 -17.36 -8.85
N ASN B 40 -7.93 -16.13 -8.45
CA ASN B 40 -8.45 -15.87 -7.10
C ASN B 40 -7.35 -16.06 -6.06
N LYS B 41 -6.13 -15.67 -6.41
CA LYS B 41 -4.99 -15.78 -5.52
C LYS B 41 -5.12 -14.77 -4.37
N ARG B 42 -4.61 -15.13 -3.19
CA ARG B 42 -4.68 -14.23 -2.05
C ARG B 42 -3.76 -13.03 -2.26
N ARG B 43 -4.02 -12.29 -3.31
CA ARG B 43 -3.25 -11.11 -3.64
C ARG B 43 -4.02 -9.87 -3.24
N GLY B 44 -5.00 -10.07 -2.38
CA GLY B 44 -5.83 -8.98 -1.90
C GLY B 44 -5.06 -8.01 -1.02
N PHE B 45 -3.95 -7.52 -1.54
CA PHE B 45 -3.09 -6.57 -0.84
C PHE B 45 -2.77 -5.44 -1.81
N CYS B 46 -2.04 -4.41 -1.37
CA CYS B 46 -1.73 -3.31 -2.28
C CYS B 46 -0.29 -2.86 -2.20
N PHE B 47 0.24 -2.38 -3.33
CA PHE B 47 1.61 -1.88 -3.38
C PHE B 47 1.59 -0.37 -3.45
N ILE B 48 2.49 0.28 -2.73
CA ILE B 48 2.55 1.73 -2.74
C ILE B 48 3.97 2.21 -2.91
N THR B 49 4.20 2.92 -3.99
CA THR B 49 5.50 3.46 -4.30
C THR B 49 5.51 4.93 -3.93
N PHE B 50 6.58 5.43 -3.32
CA PHE B 50 6.62 6.83 -2.93
C PHE B 50 7.65 7.58 -3.77
N LYS B 51 7.23 8.67 -4.40
CA LYS B 51 8.17 9.46 -5.20
C LYS B 51 9.38 9.71 -4.32
N GLU B 52 9.07 9.93 -3.05
CA GLU B 52 10.06 10.18 -2.04
C GLU B 52 10.43 8.86 -1.37
N GLU B 53 11.10 8.93 -0.23
CA GLU B 53 11.50 7.74 0.48
C GLU B 53 11.17 7.83 1.96
N GLU B 54 10.54 8.92 2.37
CA GLU B 54 10.18 9.10 3.78
C GLU B 54 9.01 8.21 4.18
N PRO B 55 7.84 8.37 3.54
CA PRO B 55 6.69 7.53 3.86
C PRO B 55 7.13 6.10 3.88
N VAL B 56 8.07 5.82 3.00
CA VAL B 56 8.65 4.50 2.89
C VAL B 56 9.50 4.21 4.12
N LYS B 57 10.24 5.23 4.54
CA LYS B 57 11.12 5.13 5.70
C LYS B 57 10.32 4.70 6.93
N LYS B 58 9.19 5.35 7.15
CA LYS B 58 8.34 5.04 8.30
C LYS B 58 7.47 3.83 8.04
N ILE B 59 6.79 3.84 6.90
CA ILE B 59 5.92 2.74 6.52
C ILE B 59 6.54 1.38 6.87
N MET B 60 7.76 1.17 6.41
CA MET B 60 8.45 -0.09 6.65
C MET B 60 8.65 -0.33 8.14
N GLU B 61 8.61 0.76 8.92
CA GLU B 61 8.78 0.65 10.37
C GLU B 61 7.50 0.20 11.04
N LYS B 62 6.38 0.45 10.37
CA LYS B 62 5.07 0.09 10.91
C LYS B 62 4.80 -1.41 10.70
N LYS B 63 4.24 -2.04 11.73
CA LYS B 63 3.91 -3.46 11.66
C LYS B 63 2.65 -3.69 10.84
N TYR B 64 1.67 -2.82 11.05
CA TYR B 64 0.41 -2.90 10.30
C TYR B 64 -0.09 -1.50 9.95
N HIS B 65 -0.63 -1.37 8.75
CA HIS B 65 -1.13 -0.09 8.29
C HIS B 65 -2.66 -0.07 8.29
N ASN B 66 -3.24 1.12 8.33
CA ASN B 66 -4.70 1.25 8.33
C ASN B 66 -5.14 2.32 7.33
N VAL B 67 -5.68 1.87 6.20
CA VAL B 67 -6.14 2.76 5.17
C VAL B 67 -7.67 2.77 5.09
N GLY B 68 -8.28 3.85 5.58
CA GLY B 68 -9.72 3.96 5.55
C GLY B 68 -10.40 2.72 6.13
N LEU B 69 -10.59 1.72 5.28
CA LEU B 69 -11.22 0.47 5.69
C LEU B 69 -10.20 -0.64 5.78
N SER B 70 -9.27 -0.63 4.84
CA SER B 70 -8.23 -1.65 4.77
C SER B 70 -7.11 -1.41 5.78
N LYS B 71 -6.50 -2.50 6.23
CA LYS B 71 -5.40 -2.44 7.19
C LYS B 71 -4.45 -3.62 6.96
N CYS B 72 -3.31 -3.36 6.34
CA CYS B 72 -2.34 -4.40 6.01
C CYS B 72 -0.92 -4.07 6.44
N GLU B 73 -0.10 -5.10 6.67
CA GLU B 73 1.29 -4.90 7.07
C GLU B 73 2.10 -4.45 5.88
N ILE B 74 2.66 -3.26 5.97
CA ILE B 74 3.42 -2.74 4.87
C ILE B 74 4.90 -2.96 5.03
N LYS B 75 5.37 -3.96 4.31
CA LYS B 75 6.78 -4.32 4.27
C LYS B 75 7.33 -3.79 2.95
N VAL B 76 8.43 -3.04 2.97
CA VAL B 76 8.95 -2.47 1.72
C VAL B 76 8.67 -3.37 0.54
N ALA B 77 8.02 -2.77 -0.44
CA ALA B 77 7.61 -3.44 -1.65
C ALA B 77 8.77 -3.67 -2.60
N MET B 78 8.63 -4.72 -3.40
CA MET B 78 9.63 -5.09 -4.39
C MET B 78 8.97 -5.43 -5.72
N SER B 79 9.42 -4.79 -6.79
CA SER B 79 8.86 -5.05 -8.11
C SER B 79 9.86 -5.82 -8.98
N VAL B 1 15.18 4.43 -5.00
CA VAL B 1 13.81 3.98 -5.14
C VAL B 1 13.16 3.81 -3.80
N LYS B 2 11.84 3.87 -3.80
CA LYS B 2 11.12 3.68 -2.57
C LYS B 2 9.77 3.03 -2.83
N LYS B 3 9.61 1.80 -2.35
CA LYS B 3 8.37 1.08 -2.51
C LYS B 3 7.99 0.43 -1.20
N ILE B 4 6.71 0.40 -0.93
CA ILE B 4 6.19 -0.22 0.27
C ILE B 4 5.19 -1.27 -0.14
N PHE B 5 5.45 -2.51 0.23
CA PHE B 5 4.55 -3.57 -0.13
C PHE B 5 3.53 -3.78 0.98
N VAL B 6 2.30 -3.41 0.68
CA VAL B 6 1.20 -3.53 1.61
C VAL B 6 0.57 -4.92 1.52
N GLY B 7 0.53 -5.60 2.64
CA GLY B 7 -0.01 -6.94 2.69
C GLY B 7 -1.51 -7.03 2.46
N GLY B 8 -2.09 -8.14 2.92
CA GLY B 8 -3.51 -8.40 2.78
C GLY B 8 -4.39 -7.19 2.99
N LEU B 9 -4.96 -6.69 1.89
CA LEU B 9 -5.84 -5.54 1.93
C LEU B 9 -7.29 -5.96 1.68
N SER B 10 -8.22 -5.14 2.13
CA SER B 10 -9.65 -5.40 1.97
C SER B 10 -9.98 -5.97 0.60
N PRO B 11 -11.24 -6.38 0.41
CA PRO B 11 -11.71 -6.96 -0.86
C PRO B 11 -11.57 -6.05 -2.07
N ASP B 12 -11.12 -4.81 -1.86
CA ASP B 12 -10.95 -3.88 -2.98
C ASP B 12 -10.61 -2.48 -2.49
N THR B 13 -9.37 -2.30 -2.05
CA THR B 13 -8.91 -1.00 -1.57
C THR B 13 -8.91 0.02 -2.70
N PRO B 14 -9.59 1.15 -2.49
CA PRO B 14 -9.64 2.22 -3.49
C PRO B 14 -8.33 3.01 -3.48
N GLU B 15 -7.62 3.00 -4.59
CA GLU B 15 -6.34 3.69 -4.69
C GLU B 15 -6.44 5.16 -4.25
N GLU B 16 -7.67 5.68 -4.12
CA GLU B 16 -7.87 7.07 -3.71
C GLU B 16 -7.47 7.33 -2.25
N LYS B 17 -7.84 6.44 -1.32
CA LYS B 17 -7.46 6.65 0.08
C LYS B 17 -5.98 6.44 0.22
N ILE B 18 -5.50 5.34 -0.34
CA ILE B 18 -4.08 5.08 -0.30
C ILE B 18 -3.32 6.33 -0.68
N ARG B 19 -3.94 7.13 -1.56
CA ARG B 19 -3.33 8.38 -2.01
C ARG B 19 -3.37 9.41 -0.89
N GLU B 20 -4.41 9.34 -0.05
CA GLU B 20 -4.57 10.25 1.08
C GLU B 20 -3.74 9.79 2.26
N TYR B 21 -4.03 8.58 2.72
CA TYR B 21 -3.32 7.99 3.83
C TYR B 21 -1.82 8.12 3.61
N PHE B 22 -1.39 7.65 2.45
CA PHE B 22 0.00 7.68 2.07
C PHE B 22 0.39 9.07 1.55
N GLY B 23 -0.57 9.75 0.95
CA GLY B 23 -0.29 11.10 0.50
C GLY B 23 0.02 11.91 1.72
N GLY B 24 -0.92 11.90 2.66
CA GLY B 24 -0.69 12.58 3.91
C GLY B 24 0.64 12.15 4.49
N PHE B 25 1.07 10.93 4.16
CA PHE B 25 2.36 10.41 4.60
C PHE B 25 3.44 11.35 4.10
N GLY B 26 3.28 11.72 2.84
CA GLY B 26 4.21 12.61 2.17
C GLY B 26 3.91 12.66 0.69
N GLU B 27 4.93 12.49 -0.12
CA GLU B 27 4.77 12.50 -1.57
C GLU B 27 4.66 11.08 -2.10
N VAL B 28 3.44 10.65 -2.32
CA VAL B 28 3.19 9.34 -2.86
C VAL B 28 3.52 9.35 -4.35
N GLU B 29 4.11 8.27 -4.82
CA GLU B 29 4.44 8.12 -6.22
C GLU B 29 3.27 7.48 -6.95
N SER B 30 2.88 6.29 -6.48
CA SER B 30 1.76 5.58 -7.10
C SER B 30 1.29 4.41 -6.25
N ILE B 31 -0.01 4.10 -6.37
CA ILE B 31 -0.62 2.98 -5.65
C ILE B 31 -1.13 1.96 -6.66
N GLU B 32 -0.82 0.69 -6.44
CA GLU B 32 -1.24 -0.37 -7.36
C GLU B 32 -2.07 -1.47 -6.69
N LEU B 33 -3.35 -1.54 -7.03
CA LEU B 33 -4.24 -2.58 -6.52
C LEU B 33 -4.33 -3.73 -7.51
N PRO B 34 -3.73 -4.89 -7.18
CA PRO B 34 -3.73 -6.08 -8.04
C PRO B 34 -5.11 -6.69 -8.24
N MET B 35 -5.13 -7.97 -8.59
CA MET B 35 -6.36 -8.71 -8.83
C MET B 35 -6.85 -9.42 -7.57
N ASP B 36 -8.04 -10.00 -7.66
CA ASP B 36 -8.65 -10.72 -6.54
C ASP B 36 -8.67 -12.22 -6.78
N ASN B 37 -8.59 -13.00 -5.70
CA ASN B 37 -8.61 -14.46 -5.79
C ASN B 37 -9.96 -14.96 -6.33
N LYS B 38 -10.92 -14.05 -6.43
CA LYS B 38 -12.24 -14.40 -6.94
C LYS B 38 -12.17 -14.78 -8.41
N THR B 39 -11.17 -14.23 -9.10
CA THR B 39 -10.97 -14.50 -10.51
C THR B 39 -9.49 -14.41 -10.88
N ASN B 40 -8.62 -14.43 -9.87
CA ASN B 40 -7.19 -14.34 -10.11
C ASN B 40 -6.39 -15.11 -9.05
N LYS B 41 -5.99 -14.42 -7.99
CA LYS B 41 -5.22 -15.04 -6.92
C LYS B 41 -5.52 -14.41 -5.56
N ARG B 42 -4.97 -15.00 -4.50
CA ARG B 42 -5.19 -14.49 -3.16
C ARG B 42 -4.07 -13.51 -2.78
N ARG B 43 -3.69 -12.69 -3.74
CA ARG B 43 -2.66 -11.69 -3.49
C ARG B 43 -3.28 -10.63 -2.61
N GLY B 44 -4.59 -10.44 -2.80
CA GLY B 44 -5.37 -9.48 -2.04
C GLY B 44 -4.54 -8.54 -1.21
N PHE B 45 -3.71 -7.75 -1.88
CA PHE B 45 -2.84 -6.80 -1.22
C PHE B 45 -2.49 -5.69 -2.21
N CYS B 46 -1.76 -4.66 -1.78
CA CYS B 46 -1.42 -3.57 -2.70
C CYS B 46 0.00 -3.06 -2.52
N PHE B 47 0.56 -2.56 -3.61
CA PHE B 47 1.92 -1.99 -3.62
C PHE B 47 1.85 -0.47 -3.70
N ILE B 48 2.61 0.22 -2.86
CA ILE B 48 2.62 1.67 -2.86
C ILE B 48 4.04 2.22 -2.96
N THR B 49 4.24 3.10 -3.92
CA THR B 49 5.55 3.70 -4.14
C THR B 49 5.53 5.16 -3.77
N PHE B 50 6.57 5.65 -3.11
CA PHE B 50 6.63 7.05 -2.73
C PHE B 50 7.74 7.76 -3.50
N LYS B 51 7.39 8.85 -4.16
CA LYS B 51 8.38 9.62 -4.89
C LYS B 51 9.56 9.82 -3.96
N GLU B 52 9.20 10.06 -2.71
CA GLU B 52 10.17 10.27 -1.65
C GLU B 52 10.53 8.95 -0.98
N GLU B 53 11.15 9.02 0.18
CA GLU B 53 11.54 7.82 0.90
C GLU B 53 11.17 7.90 2.37
N GLU B 54 10.37 8.91 2.73
CA GLU B 54 9.97 9.06 4.12
C GLU B 54 8.77 8.19 4.43
N PRO B 55 7.64 8.36 3.74
CA PRO B 55 6.48 7.51 3.98
C PRO B 55 6.92 6.08 3.94
N VAL B 56 7.94 5.85 3.13
CA VAL B 56 8.52 4.54 2.97
C VAL B 56 9.32 4.16 4.21
N LYS B 57 10.12 5.10 4.70
CA LYS B 57 10.93 4.85 5.87
C LYS B 57 10.05 4.59 7.10
N LYS B 58 8.91 5.28 7.16
CA LYS B 58 7.97 5.10 8.28
C LYS B 58 7.12 3.86 8.06
N ILE B 59 6.52 3.77 6.87
CA ILE B 59 5.66 2.65 6.50
C ILE B 59 6.31 1.30 6.83
N MET B 60 7.55 1.12 6.40
CA MET B 60 8.25 -0.13 6.63
C MET B 60 8.34 -0.47 8.11
N GLU B 61 8.36 0.55 8.95
CA GLU B 61 8.42 0.35 10.40
C GLU B 61 7.02 0.16 10.97
N LYS B 62 6.01 0.43 10.14
CA LYS B 62 4.63 0.30 10.56
C LYS B 62 4.16 -1.15 10.48
N LYS B 63 4.09 -1.82 11.63
CA LYS B 63 3.65 -3.21 11.67
C LYS B 63 2.50 -3.42 10.68
N TYR B 64 1.32 -2.94 11.05
CA TYR B 64 0.15 -3.05 10.19
C TYR B 64 -0.37 -1.67 9.82
N HIS B 65 -0.87 -1.55 8.58
CA HIS B 65 -1.40 -0.28 8.09
C HIS B 65 -2.92 -0.32 8.05
N ASN B 66 -3.53 0.88 8.06
CA ASN B 66 -4.98 0.99 8.02
C ASN B 66 -5.41 2.03 6.99
N VAL B 67 -5.91 1.56 5.85
CA VAL B 67 -6.33 2.43 4.77
C VAL B 67 -7.85 2.41 4.60
N GLY B 68 -8.51 3.44 5.12
CA GLY B 68 -9.96 3.52 5.01
C GLY B 68 -10.65 2.28 5.52
N LEU B 69 -10.68 1.24 4.70
CA LEU B 69 -11.31 -0.03 5.06
C LEU B 69 -10.26 -1.11 5.18
N SER B 70 -9.30 -1.08 4.26
CA SER B 70 -8.22 -2.06 4.22
C SER B 70 -7.16 -1.78 5.26
N LYS B 71 -6.53 -2.85 5.76
CA LYS B 71 -5.47 -2.74 6.75
C LYS B 71 -4.50 -3.92 6.60
N CYS B 72 -3.34 -3.66 6.00
CA CYS B 72 -2.33 -4.70 5.75
C CYS B 72 -0.94 -4.29 6.21
N GLU B 73 -0.09 -5.29 6.51
CA GLU B 73 1.27 -4.99 6.93
C GLU B 73 2.09 -4.55 5.74
N ILE B 74 2.61 -3.34 5.80
CA ILE B 74 3.37 -2.81 4.70
C ILE B 74 4.88 -2.98 4.92
N LYS B 75 5.42 -3.97 4.23
CA LYS B 75 6.84 -4.25 4.26
C LYS B 75 7.42 -3.73 2.97
N VAL B 76 8.50 -2.96 3.01
CA VAL B 76 9.05 -2.38 1.78
C VAL B 76 8.84 -3.30 0.59
N ALA B 77 8.17 -2.75 -0.39
CA ALA B 77 7.83 -3.42 -1.60
C ALA B 77 9.02 -3.56 -2.54
N MET B 78 8.98 -4.60 -3.34
CA MET B 78 10.03 -4.88 -4.30
C MET B 78 9.43 -5.15 -5.68
N SER B 79 9.79 -4.31 -6.64
CA SER B 79 9.28 -4.46 -7.99
C SER B 79 10.34 -4.99 -8.94
N VAL B 1 15.21 3.39 -5.52
CA VAL B 1 13.77 3.19 -5.50
C VAL B 1 13.23 3.15 -4.11
N LYS B 2 11.96 3.47 -3.99
CA LYS B 2 11.31 3.40 -2.70
C LYS B 2 9.86 2.98 -2.86
N LYS B 3 9.58 1.79 -2.35
CA LYS B 3 8.24 1.22 -2.41
C LYS B 3 7.86 0.66 -1.06
N ILE B 4 6.59 0.41 -0.91
CA ILE B 4 6.06 -0.17 0.29
C ILE B 4 5.00 -1.17 -0.10
N PHE B 5 5.19 -2.41 0.25
CA PHE B 5 4.23 -3.43 -0.11
C PHE B 5 3.24 -3.67 1.03
N VAL B 6 2.00 -3.21 0.82
CA VAL B 6 0.93 -3.34 1.78
C VAL B 6 0.28 -4.71 1.62
N GLY B 7 0.35 -5.51 2.68
CA GLY B 7 -0.17 -6.87 2.66
C GLY B 7 -1.47 -7.06 3.40
N GLY B 8 -2.42 -7.75 2.77
CA GLY B 8 -3.70 -8.01 3.39
C GLY B 8 -4.58 -6.79 3.46
N LEU B 9 -5.29 -6.52 2.38
CA LEU B 9 -6.17 -5.36 2.30
C LEU B 9 -7.63 -5.79 2.11
N SER B 10 -8.55 -4.92 2.51
CA SER B 10 -9.97 -5.19 2.40
C SER B 10 -10.33 -5.73 1.00
N PRO B 11 -11.63 -5.95 0.76
CA PRO B 11 -12.12 -6.48 -0.51
C PRO B 11 -12.05 -5.46 -1.66
N ASP B 12 -11.45 -4.31 -1.40
CA ASP B 12 -11.33 -3.29 -2.43
C ASP B 12 -10.93 -1.94 -1.83
N THR B 13 -9.66 -1.82 -1.46
CA THR B 13 -9.17 -0.57 -0.88
C THR B 13 -9.09 0.51 -1.94
N PRO B 14 -9.93 1.54 -1.82
CA PRO B 14 -9.94 2.66 -2.76
C PRO B 14 -8.59 3.37 -2.80
N GLU B 15 -7.85 3.17 -3.88
CA GLU B 15 -6.53 3.79 -4.03
C GLU B 15 -6.57 5.29 -3.71
N GLU B 16 -7.76 5.88 -3.64
CA GLU B 16 -7.90 7.30 -3.36
C GLU B 16 -7.49 7.66 -1.93
N LYS B 17 -7.83 6.84 -0.94
CA LYS B 17 -7.44 7.16 0.43
C LYS B 17 -5.96 6.88 0.59
N ILE B 18 -5.53 5.73 0.12
CA ILE B 18 -4.12 5.40 0.19
C ILE B 18 -3.32 6.60 -0.30
N ARG B 19 -3.92 7.36 -1.22
CA ARG B 19 -3.29 8.55 -1.76
C ARG B 19 -3.26 9.66 -0.71
N GLU B 20 -4.28 9.72 0.14
CA GLU B 20 -4.36 10.73 1.19
C GLU B 20 -3.55 10.30 2.42
N TYR B 21 -3.75 9.04 2.82
CA TYR B 21 -3.05 8.47 3.94
C TYR B 21 -1.56 8.47 3.68
N PHE B 22 -1.19 7.92 2.54
CA PHE B 22 0.20 7.85 2.12
C PHE B 22 0.62 9.19 1.55
N GLY B 23 -0.32 9.90 0.95
CA GLY B 23 0.00 11.22 0.46
C GLY B 23 0.33 12.06 1.67
N GLY B 24 -0.62 12.10 2.59
CA GLY B 24 -0.36 12.80 3.83
C GLY B 24 0.96 12.35 4.42
N PHE B 25 1.33 11.09 4.13
CA PHE B 25 2.60 10.54 4.58
C PHE B 25 3.71 11.41 4.03
N GLY B 26 3.56 11.73 2.77
CA GLY B 26 4.52 12.55 2.05
C GLY B 26 4.20 12.57 0.57
N GLU B 27 5.20 12.32 -0.25
CA GLU B 27 4.98 12.30 -1.68
C GLU B 27 4.79 10.89 -2.19
N VAL B 28 3.54 10.53 -2.44
CA VAL B 28 3.24 9.23 -2.95
C VAL B 28 3.51 9.23 -4.46
N GLU B 29 4.05 8.14 -4.95
CA GLU B 29 4.34 8.00 -6.37
C GLU B 29 3.23 7.23 -7.06
N SER B 30 2.89 6.06 -6.52
CA SER B 30 1.83 5.24 -7.09
C SER B 30 1.23 4.26 -6.08
N ILE B 31 -0.02 3.88 -6.33
CA ILE B 31 -0.75 2.93 -5.49
C ILE B 31 -1.51 1.95 -6.39
N GLU B 32 -1.14 0.68 -6.31
CA GLU B 32 -1.76 -0.35 -7.15
C GLU B 32 -2.37 -1.51 -6.36
N LEU B 33 -3.68 -1.66 -6.42
CA LEU B 33 -4.35 -2.76 -5.76
C LEU B 33 -4.59 -3.90 -6.76
N PRO B 34 -3.81 -5.00 -6.68
CA PRO B 34 -3.93 -6.14 -7.60
C PRO B 34 -5.16 -6.99 -7.34
N MET B 35 -5.85 -7.36 -8.42
CA MET B 35 -7.03 -8.21 -8.33
C MET B 35 -6.95 -9.34 -9.33
N ASP B 36 -7.20 -10.56 -8.88
CA ASP B 36 -7.13 -11.73 -9.76
C ASP B 36 -8.50 -12.40 -9.89
N ASN B 37 -9.13 -12.23 -11.04
CA ASN B 37 -10.43 -12.83 -11.28
C ASN B 37 -10.30 -14.29 -11.72
N LYS B 38 -9.07 -14.71 -12.01
CA LYS B 38 -8.80 -16.07 -12.45
C LYS B 38 -8.95 -17.06 -11.29
N THR B 39 -8.28 -16.78 -10.18
CA THR B 39 -8.34 -17.65 -9.02
C THR B 39 -8.47 -16.83 -7.73
N ASN B 40 -8.70 -15.53 -7.88
CA ASN B 40 -8.86 -14.64 -6.73
C ASN B 40 -7.99 -15.09 -5.54
N LYS B 41 -6.68 -15.17 -5.76
CA LYS B 41 -5.77 -15.57 -4.71
C LYS B 41 -5.81 -14.56 -3.57
N ARG B 42 -4.94 -14.72 -2.58
CA ARG B 42 -4.90 -13.79 -1.46
C ARG B 42 -4.04 -12.59 -1.78
N ARG B 43 -4.05 -12.19 -3.04
CA ARG B 43 -3.28 -11.04 -3.47
C ARG B 43 -4.10 -9.76 -3.26
N GLY B 44 -5.15 -9.88 -2.44
CA GLY B 44 -5.96 -8.74 -2.14
C GLY B 44 -5.21 -7.79 -1.24
N PHE B 45 -4.10 -7.28 -1.76
CA PHE B 45 -3.22 -6.38 -1.04
C PHE B 45 -2.87 -5.22 -1.96
N CYS B 46 -2.12 -4.24 -1.50
CA CYS B 46 -1.80 -3.11 -2.37
C CYS B 46 -0.34 -2.70 -2.28
N PHE B 47 0.18 -2.17 -3.38
CA PHE B 47 1.55 -1.69 -3.45
C PHE B 47 1.54 -0.16 -3.44
N ILE B 48 2.49 0.44 -2.75
CA ILE B 48 2.56 1.89 -2.69
C ILE B 48 3.99 2.37 -2.81
N THR B 49 4.26 3.05 -3.90
CA THR B 49 5.58 3.60 -4.18
C THR B 49 5.56 5.08 -3.83
N PHE B 50 6.62 5.58 -3.22
CA PHE B 50 6.65 6.98 -2.85
C PHE B 50 7.70 7.74 -3.65
N LYS B 51 7.29 8.82 -4.32
CA LYS B 51 8.24 9.63 -5.06
C LYS B 51 9.42 9.87 -4.15
N GLU B 52 9.08 10.08 -2.89
CA GLU B 52 10.05 10.31 -1.84
C GLU B 52 10.42 8.98 -1.20
N GLU B 53 11.16 9.03 -0.10
CA GLU B 53 11.56 7.81 0.58
C GLU B 53 11.27 7.87 2.07
N GLU B 54 10.46 8.85 2.48
CA GLU B 54 10.12 8.99 3.89
C GLU B 54 8.96 8.09 4.26
N PRO B 55 7.78 8.28 3.65
CA PRO B 55 6.64 7.42 3.94
C PRO B 55 7.09 5.99 3.86
N VAL B 56 8.09 5.78 3.03
CA VAL B 56 8.66 4.46 2.84
C VAL B 56 9.49 4.08 4.04
N LYS B 57 10.34 5.00 4.50
CA LYS B 57 11.19 4.75 5.63
C LYS B 57 10.35 4.47 6.88
N LYS B 58 9.23 5.17 6.99
CA LYS B 58 8.32 5.01 8.12
C LYS B 58 7.41 3.79 7.94
N ILE B 59 6.70 3.78 6.82
CA ILE B 59 5.78 2.70 6.51
C ILE B 59 6.37 1.35 6.87
N MET B 60 7.59 1.10 6.40
CA MET B 60 8.24 -0.18 6.64
C MET B 60 8.41 -0.45 8.14
N GLU B 61 8.47 0.61 8.93
CA GLU B 61 8.63 0.48 10.38
C GLU B 61 7.28 0.21 11.05
N LYS B 62 6.21 0.60 10.36
CA LYS B 62 4.87 0.39 10.89
C LYS B 62 4.42 -1.05 10.67
N LYS B 63 4.39 -1.81 11.76
CA LYS B 63 3.97 -3.22 11.70
C LYS B 63 2.77 -3.39 10.80
N TYR B 64 1.76 -2.53 10.98
CA TYR B 64 0.55 -2.60 10.18
C TYR B 64 0.09 -1.21 9.77
N HIS B 65 -0.76 -1.15 8.75
CA HIS B 65 -1.26 0.13 8.26
C HIS B 65 -2.79 0.13 8.21
N ASN B 66 -3.38 1.31 8.35
CA ASN B 66 -4.83 1.44 8.30
C ASN B 66 -5.25 2.53 7.34
N VAL B 67 -5.77 2.13 6.18
CA VAL B 67 -6.19 3.06 5.16
C VAL B 67 -7.71 3.13 5.09
N GLY B 68 -8.26 4.23 5.59
CA GLY B 68 -9.70 4.39 5.58
C GLY B 68 -10.42 3.23 6.23
N LEU B 69 -10.70 2.21 5.44
CA LEU B 69 -11.39 1.02 5.91
C LEU B 69 -10.42 -0.16 5.95
N SER B 70 -9.59 -0.21 4.94
CA SER B 70 -8.60 -1.28 4.79
C SER B 70 -7.39 -1.09 5.71
N LYS B 71 -6.77 -2.22 6.03
CA LYS B 71 -5.58 -2.24 6.88
C LYS B 71 -4.70 -3.43 6.48
N CYS B 72 -3.55 -3.14 5.90
CA CYS B 72 -2.64 -4.19 5.43
C CYS B 72 -1.22 -4.01 5.96
N GLU B 73 -0.50 -5.13 6.08
CA GLU B 73 0.89 -5.13 6.58
C GLU B 73 1.85 -4.62 5.53
N ILE B 74 2.42 -3.43 5.74
CA ILE B 74 3.32 -2.87 4.74
C ILE B 74 4.79 -3.14 5.00
N LYS B 75 5.32 -4.01 4.16
CA LYS B 75 6.73 -4.36 4.15
C LYS B 75 7.27 -3.81 2.85
N VAL B 76 8.38 -3.07 2.87
CA VAL B 76 8.88 -2.47 1.62
C VAL B 76 8.58 -3.35 0.42
N ALA B 77 7.91 -2.73 -0.52
CA ALA B 77 7.48 -3.38 -1.74
C ALA B 77 8.62 -3.57 -2.72
N MET B 78 8.48 -4.59 -3.55
CA MET B 78 9.46 -4.93 -4.56
C MET B 78 8.78 -5.27 -5.88
N SER B 79 9.14 -4.56 -6.95
CA SER B 79 8.54 -4.81 -8.25
C SER B 79 9.54 -5.50 -9.17
N VAL B 1 15.37 4.38 -4.71
CA VAL B 1 14.00 3.93 -4.88
C VAL B 1 13.31 3.73 -3.57
N LYS B 2 11.99 3.79 -3.61
CA LYS B 2 11.22 3.57 -2.42
C LYS B 2 9.87 2.94 -2.74
N LYS B 3 9.71 1.70 -2.31
CA LYS B 3 8.47 0.98 -2.51
C LYS B 3 8.05 0.35 -1.19
N ILE B 4 6.77 0.34 -0.94
CA ILE B 4 6.25 -0.24 0.26
C ILE B 4 5.23 -1.30 -0.13
N PHE B 5 5.49 -2.52 0.27
CA PHE B 5 4.59 -3.60 -0.07
C PHE B 5 3.57 -3.79 1.03
N VAL B 6 2.33 -3.44 0.72
CA VAL B 6 1.24 -3.55 1.64
C VAL B 6 0.63 -4.96 1.55
N GLY B 7 0.47 -5.58 2.71
CA GLY B 7 -0.06 -6.94 2.75
C GLY B 7 -1.57 -7.03 2.60
N GLY B 8 -2.13 -8.10 3.15
CA GLY B 8 -3.57 -8.35 3.11
C GLY B 8 -4.42 -7.10 3.17
N LEU B 9 -5.05 -6.77 2.05
CA LEU B 9 -5.91 -5.59 1.96
C LEU B 9 -7.35 -6.01 1.66
N SER B 10 -8.29 -5.13 2.00
CA SER B 10 -9.72 -5.38 1.78
C SER B 10 -9.99 -6.00 0.42
N PRO B 11 -11.28 -6.22 0.11
CA PRO B 11 -11.70 -6.83 -1.16
C PRO B 11 -11.52 -5.91 -2.36
N ASP B 12 -10.98 -4.72 -2.15
CA ASP B 12 -10.76 -3.77 -3.24
C ASP B 12 -10.47 -2.36 -2.71
N THR B 13 -9.26 -2.17 -2.20
CA THR B 13 -8.85 -0.88 -1.68
C THR B 13 -8.70 0.15 -2.78
N PRO B 14 -9.52 1.20 -2.76
CA PRO B 14 -9.48 2.27 -3.76
C PRO B 14 -8.15 3.03 -3.70
N GLU B 15 -7.39 2.99 -4.78
CA GLU B 15 -6.10 3.68 -4.83
C GLU B 15 -6.23 5.15 -4.42
N GLU B 16 -7.46 5.66 -4.40
CA GLU B 16 -7.71 7.06 -4.03
C GLU B 16 -7.44 7.32 -2.55
N LYS B 17 -7.77 6.38 -1.67
CA LYS B 17 -7.52 6.56 -0.24
C LYS B 17 -6.06 6.39 0.01
N ILE B 18 -5.52 5.31 -0.51
CA ILE B 18 -4.11 5.05 -0.38
C ILE B 18 -3.35 6.30 -0.75
N ARG B 19 -3.94 7.07 -1.66
CA ARG B 19 -3.35 8.33 -2.12
C ARG B 19 -3.44 9.38 -1.02
N GLU B 20 -4.51 9.32 -0.22
CA GLU B 20 -4.69 10.27 0.87
C GLU B 20 -3.87 9.83 2.08
N TYR B 21 -4.06 8.59 2.48
CA TYR B 21 -3.34 8.02 3.60
C TYR B 21 -1.85 8.14 3.37
N PHE B 22 -1.40 7.64 2.23
CA PHE B 22 -0.01 7.66 1.85
C PHE B 22 0.37 9.03 1.30
N GLY B 23 -0.58 9.72 0.69
CA GLY B 23 -0.30 11.05 0.23
C GLY B 23 -0.06 11.89 1.44
N GLY B 24 -1.04 11.87 2.34
CA GLY B 24 -0.88 12.59 3.59
C GLY B 24 0.45 12.19 4.22
N PHE B 25 0.90 10.96 3.92
CA PHE B 25 2.17 10.47 4.42
C PHE B 25 3.27 11.41 3.94
N GLY B 26 3.16 11.73 2.67
CA GLY B 26 4.11 12.60 2.02
C GLY B 26 3.86 12.63 0.53
N GLU B 27 4.90 12.46 -0.25
CA GLU B 27 4.76 12.43 -1.70
C GLU B 27 4.68 11.02 -2.21
N VAL B 28 3.46 10.60 -2.50
CA VAL B 28 3.24 9.28 -3.04
C VAL B 28 3.59 9.29 -4.52
N GLU B 29 4.20 8.23 -4.99
CA GLU B 29 4.57 8.11 -6.39
C GLU B 29 3.49 7.37 -7.17
N SER B 30 3.14 6.18 -6.69
CA SER B 30 2.10 5.38 -7.35
C SER B 30 1.52 4.33 -6.41
N ILE B 31 0.31 3.90 -6.72
CA ILE B 31 -0.39 2.88 -5.94
C ILE B 31 -0.95 1.82 -6.88
N GLU B 32 -0.59 0.56 -6.63
CA GLU B 32 -1.03 -0.53 -7.49
C GLU B 32 -1.77 -1.63 -6.72
N LEU B 33 -3.09 -1.64 -6.86
CA LEU B 33 -3.91 -2.65 -6.22
C LEU B 33 -4.22 -3.77 -7.23
N PRO B 34 -3.56 -4.93 -7.08
CA PRO B 34 -3.74 -6.08 -7.99
C PRO B 34 -5.16 -6.62 -8.00
N MET B 35 -5.28 -7.87 -8.43
CA MET B 35 -6.57 -8.54 -8.52
C MET B 35 -6.84 -9.41 -7.29
N ASP B 36 -8.04 -9.95 -7.22
CA ASP B 36 -8.46 -10.79 -6.11
C ASP B 36 -8.53 -12.27 -6.51
N ASN B 37 -8.29 -13.15 -5.54
CA ASN B 37 -8.32 -14.59 -5.78
C ASN B 37 -9.62 -15.02 -6.45
N LYS B 38 -10.62 -14.15 -6.41
CA LYS B 38 -11.92 -14.44 -7.01
C LYS B 38 -11.77 -14.62 -8.52
N THR B 39 -10.82 -13.89 -9.09
CA THR B 39 -10.57 -13.98 -10.53
C THR B 39 -9.08 -14.00 -10.84
N ASN B 40 -8.26 -14.06 -9.79
CA ASN B 40 -6.81 -14.08 -9.96
C ASN B 40 -6.13 -14.99 -8.94
N LYS B 41 -5.84 -14.42 -7.75
CA LYS B 41 -5.20 -15.19 -6.68
C LYS B 41 -5.40 -14.50 -5.34
N ARG B 42 -4.96 -15.14 -4.26
CA ARG B 42 -5.10 -14.59 -2.93
C ARG B 42 -3.96 -13.62 -2.60
N ARG B 43 -3.61 -12.79 -3.57
CA ARG B 43 -2.58 -11.80 -3.37
C ARG B 43 -3.16 -10.71 -2.46
N GLY B 44 -4.48 -10.56 -2.58
CA GLY B 44 -5.24 -9.60 -1.77
C GLY B 44 -4.37 -8.67 -0.98
N PHE B 45 -3.59 -7.86 -1.67
CA PHE B 45 -2.69 -6.91 -1.06
C PHE B 45 -2.40 -5.81 -2.06
N CYS B 46 -1.64 -4.78 -1.68
CA CYS B 46 -1.34 -3.69 -2.62
C CYS B 46 0.08 -3.17 -2.47
N PHE B 47 0.63 -2.70 -3.58
CA PHE B 47 1.99 -2.13 -3.60
C PHE B 47 1.91 -0.61 -3.73
N ILE B 48 2.75 0.10 -2.99
CA ILE B 48 2.76 1.56 -3.04
C ILE B 48 4.17 2.10 -3.16
N THR B 49 4.36 3.05 -4.04
CA THR B 49 5.66 3.67 -4.26
C THR B 49 5.61 5.13 -3.88
N PHE B 50 6.65 5.63 -3.20
CA PHE B 50 6.67 7.04 -2.81
C PHE B 50 7.76 7.77 -3.56
N LYS B 51 7.40 8.86 -4.23
CA LYS B 51 8.39 9.65 -4.95
C LYS B 51 9.53 9.90 -3.99
N GLU B 52 9.14 10.14 -2.75
CA GLU B 52 10.06 10.38 -1.67
C GLU B 52 10.37 9.06 -0.97
N GLU B 53 11.06 9.13 0.15
CA GLU B 53 11.41 7.92 0.89
C GLU B 53 10.95 7.99 2.33
N GLU B 54 10.29 9.07 2.71
CA GLU B 54 9.83 9.22 4.09
C GLU B 54 8.64 8.32 4.40
N PRO B 55 7.50 8.46 3.68
CA PRO B 55 6.36 7.59 3.93
C PRO B 55 6.82 6.16 3.96
N VAL B 56 7.83 5.92 3.15
CA VAL B 56 8.45 4.61 3.07
C VAL B 56 9.22 4.35 4.36
N LYS B 57 9.91 5.39 4.81
CA LYS B 57 10.71 5.33 6.04
C LYS B 57 9.85 4.88 7.22
N LYS B 58 8.68 5.50 7.34
CA LYS B 58 7.77 5.18 8.43
C LYS B 58 6.96 3.93 8.12
N ILE B 59 6.39 3.88 6.94
CA ILE B 59 5.58 2.75 6.51
C ILE B 59 6.24 1.41 6.88
N MET B 60 7.51 1.27 6.55
CA MET B 60 8.23 0.03 6.83
C MET B 60 8.29 -0.26 8.32
N GLU B 61 8.28 0.79 9.13
CA GLU B 61 8.34 0.63 10.59
C GLU B 61 6.95 0.42 11.18
N LYS B 62 5.93 0.66 10.37
CA LYS B 62 4.54 0.50 10.81
C LYS B 62 4.14 -0.96 10.78
N LYS B 63 4.09 -1.60 11.94
CA LYS B 63 3.71 -3.00 12.04
C LYS B 63 2.59 -3.31 11.05
N TYR B 64 1.49 -2.60 11.16
CA TYR B 64 0.35 -2.77 10.27
C TYR B 64 -0.18 -1.42 9.83
N HIS B 65 -0.81 -1.40 8.66
CA HIS B 65 -1.36 -0.16 8.12
C HIS B 65 -2.89 -0.21 8.09
N ASN B 66 -3.51 0.96 8.07
CA ASN B 66 -4.97 1.05 8.01
C ASN B 66 -5.38 2.18 7.07
N VAL B 67 -5.83 1.80 5.88
CA VAL B 67 -6.25 2.74 4.86
C VAL B 67 -7.77 2.94 4.91
N GLY B 68 -8.31 3.67 3.93
CA GLY B 68 -9.74 3.92 3.88
C GLY B 68 -10.55 2.83 4.56
N LEU B 69 -10.34 1.62 4.08
CA LEU B 69 -11.04 0.45 4.60
C LEU B 69 -10.06 -0.67 4.92
N SER B 70 -9.09 -0.84 4.03
CA SER B 70 -8.09 -1.88 4.16
C SER B 70 -7.01 -1.56 5.19
N LYS B 71 -6.47 -2.61 5.80
CA LYS B 71 -5.42 -2.49 6.79
C LYS B 71 -4.46 -3.67 6.67
N CYS B 72 -3.31 -3.44 6.05
CA CYS B 72 -2.33 -4.50 5.80
C CYS B 72 -0.92 -4.12 6.25
N GLU B 73 -0.09 -5.13 6.56
CA GLU B 73 1.28 -4.87 6.97
C GLU B 73 2.10 -4.47 5.78
N ILE B 74 2.64 -3.25 5.83
CA ILE B 74 3.43 -2.75 4.73
C ILE B 74 4.91 -2.94 4.95
N LYS B 75 5.45 -3.94 4.29
CA LYS B 75 6.86 -4.25 4.34
C LYS B 75 7.45 -3.75 3.03
N VAL B 76 8.54 -2.96 3.07
CA VAL B 76 9.08 -2.41 1.83
C VAL B 76 8.87 -3.35 0.67
N ALA B 77 8.23 -2.80 -0.33
CA ALA B 77 7.88 -3.50 -1.53
C ALA B 77 9.08 -3.69 -2.46
N MET B 78 9.03 -4.73 -3.25
CA MET B 78 10.08 -5.06 -4.20
C MET B 78 9.49 -5.41 -5.56
N SER B 79 9.79 -4.57 -6.55
CA SER B 79 9.28 -4.78 -7.90
C SER B 79 10.38 -5.25 -8.85
#